data_6PP6
#
_entry.id   6PP6
#
_cell.length_a   1.00
_cell.length_b   1.00
_cell.length_c   1.00
_cell.angle_alpha   90.00
_cell.angle_beta   90.00
_cell.angle_gamma   90.00
#
_symmetry.space_group_name_H-M   'P 1'
#
loop_
_entity.id
_entity.type
_entity.pdbx_description
1 polymer 'ATP-dependent Clp protease ATP-binding subunit ClpX'
2 polymer 'substrate peptide'
3 non-polymer 'PHOSPHOTHIOPHOSPHORIC ACID-ADENYLATE ESTER'
4 non-polymer "ADENOSINE-5'-DIPHOSPHATE"
#
loop_
_entity_poly.entity_id
_entity_poly.type
_entity_poly.pdbx_seq_one_letter_code
_entity_poly.pdbx_strand_id
1 'polypeptide(L)'
;SALPTPHEIRNHLDDYVIGQEQAKKVLAVAVYNHYKRLRNGDTSNGVELGKSNILLIGPTGSGKTLLAETLARLLDVPFT
MADATTLTEAGYVGEDVENIIQKLLQKSDYDVQKAQRGIVYIDQIDKISRKSDNPSITRDVSGEGVQQALLKLIEGTVAA
VPPQGGRKHPQQEFLQVDTSKILFICGGAFAGLDKVISHRVETGSGIGFGATVKAKSDKASEGELLAQVEPEDLIKFGLI
PEFIGRLPVVATLNELSEEALIQILKEPKNALTKQYQALFNLEGVDLEFRDEALDAIAKKAMARKTGARGLRSIVEAALL
DTMYDLPSMEDVEKVVIDESVIDGQSEPLLIYGKPEAQQASGEGGGTSG
;
A,B,C,D,E,F
2 'polypeptide(L)' (UNK)(UNK)H(UNK)(UNK)(UNK)(UNK) S
#
# COMPACT_ATOMS: atom_id res chain seq x y z
N LEU A 3 10.62 -36.47 38.73
CA LEU A 3 9.33 -35.93 39.26
C LEU A 3 8.20 -35.93 38.21
N PRO A 4 8.44 -35.49 36.97
CA PRO A 4 7.37 -35.53 35.97
C PRO A 4 6.98 -36.97 35.66
N THR A 5 5.68 -37.17 35.43
CA THR A 5 5.11 -38.48 35.12
C THR A 5 4.24 -38.37 33.88
N PRO A 6 4.54 -39.08 32.78
CA PRO A 6 3.65 -38.96 31.61
C PRO A 6 2.34 -39.70 31.76
N HIS A 7 2.31 -40.78 32.54
CA HIS A 7 1.07 -41.51 32.74
C HIS A 7 0.07 -40.68 33.54
N GLU A 8 0.50 -40.17 34.69
CA GLU A 8 -0.38 -39.39 35.56
C GLU A 8 -0.79 -38.07 34.93
N ILE A 9 0.15 -37.38 34.26
CA ILE A 9 -0.16 -36.08 33.67
C ILE A 9 -1.28 -36.21 32.63
N ARG A 10 -1.29 -37.31 31.87
CA ARG A 10 -2.35 -37.51 30.90
C ARG A 10 -3.69 -37.64 31.59
N ASN A 11 -3.72 -38.37 32.71
CA ASN A 11 -4.95 -38.52 33.47
C ASN A 11 -5.39 -37.17 34.05
N HIS A 12 -4.43 -36.38 34.54
CA HIS A 12 -4.76 -35.08 35.11
C HIS A 12 -5.39 -34.16 34.06
N LEU A 13 -4.83 -34.14 32.86
CA LEU A 13 -5.40 -33.31 31.80
C LEU A 13 -6.77 -33.81 31.39
N ASP A 14 -6.99 -35.12 31.47
CA ASP A 14 -8.29 -35.69 31.11
C ASP A 14 -9.39 -35.16 32.02
N ASP A 15 -9.06 -34.86 33.27
CA ASP A 15 -10.06 -34.36 34.21
C ASP A 15 -10.60 -33.01 33.77
N TYR A 16 -9.76 -32.18 33.15
CA TYR A 16 -10.14 -30.84 32.71
C TYR A 16 -10.35 -30.71 31.20
N VAL A 17 -9.81 -31.63 30.41
CA VAL A 17 -9.91 -31.58 28.95
C VAL A 17 -10.43 -32.91 28.44
N ILE A 18 -11.29 -32.85 27.42
CA ILE A 18 -11.88 -34.04 26.82
C ILE A 18 -11.92 -33.86 25.30
N GLY A 19 -11.74 -34.98 24.59
CA GLY A 19 -11.81 -35.02 23.14
C GLY A 19 -10.48 -34.96 22.42
N GLN A 20 -9.36 -34.78 23.13
CA GLN A 20 -8.03 -34.72 22.53
C GLN A 20 -7.11 -35.67 23.29
N GLU A 21 -7.07 -36.93 22.86
CA GLU A 21 -6.24 -37.94 23.48
C GLU A 21 -4.82 -37.95 22.93
N GLN A 22 -4.66 -37.80 21.62
CA GLN A 22 -3.33 -37.81 21.02
C GLN A 22 -2.50 -36.62 21.47
N ALA A 23 -3.14 -35.45 21.62
CA ALA A 23 -2.40 -34.25 22.01
C ALA A 23 -1.83 -34.38 23.42
N LYS A 24 -2.53 -35.07 24.32
CA LYS A 24 -2.01 -35.21 25.67
C LYS A 24 -0.73 -36.02 25.69
N LYS A 25 -0.62 -37.02 24.82
CA LYS A 25 0.59 -37.84 24.76
C LYS A 25 1.78 -37.03 24.27
N VAL A 26 1.56 -36.13 23.31
CA VAL A 26 2.65 -35.33 22.76
C VAL A 26 3.21 -34.37 23.79
N LEU A 27 2.34 -33.71 24.56
CA LEU A 27 2.81 -32.75 25.55
C LEU A 27 3.56 -33.44 26.68
N ALA A 28 3.13 -34.63 27.08
CA ALA A 28 3.78 -35.33 28.19
C ALA A 28 5.22 -35.70 27.82
N VAL A 29 5.46 -36.05 26.57
CA VAL A 29 6.80 -36.41 26.14
C VAL A 29 7.71 -35.19 26.12
N ALA A 30 7.24 -34.11 25.49
CA ALA A 30 8.05 -32.90 25.41
C ALA A 30 8.28 -32.29 26.79
N VAL A 31 7.26 -32.28 27.64
CA VAL A 31 7.40 -31.72 28.98
C VAL A 31 8.39 -32.54 29.79
N TYR A 32 8.30 -33.87 29.71
CA TYR A 32 9.21 -34.74 30.44
C TYR A 32 10.63 -34.61 29.92
N ASN A 33 10.78 -34.60 28.59
CA ASN A 33 12.11 -34.51 27.98
C ASN A 33 12.78 -33.18 28.31
N HIS A 34 12.03 -32.08 28.24
CA HIS A 34 12.62 -30.77 28.49
C HIS A 34 13.22 -30.67 29.89
N TYR A 35 12.46 -31.11 30.90
CA TYR A 35 12.97 -31.04 32.27
C TYR A 35 14.08 -32.06 32.49
N LYS A 36 13.97 -33.24 31.88
CA LYS A 36 15.02 -34.23 32.02
C LYS A 36 16.34 -33.70 31.48
N ARG A 37 16.28 -32.93 30.39
CA ARG A 37 17.47 -32.34 29.82
C ARG A 37 18.16 -31.43 30.84
N LEU A 38 17.39 -30.58 31.51
CA LEU A 38 17.97 -29.65 32.48
C LEU A 38 18.49 -30.36 33.72
N ARG A 39 18.04 -31.58 34.01
CA ARG A 39 18.55 -32.29 35.17
C ARG A 39 20.04 -32.57 34.99
N ASN A 40 20.45 -32.95 33.78
CA ASN A 40 21.84 -33.20 33.42
C ASN A 40 22.06 -32.40 32.13
N GLY A 41 22.44 -31.13 32.29
CA GLY A 41 22.65 -30.25 31.15
C GLY A 41 23.91 -30.45 30.34
N ASP A 42 23.74 -30.94 29.11
CA ASP A 42 24.85 -31.13 28.16
C ASP A 42 25.99 -31.97 28.73
N THR A 43 25.67 -32.87 29.66
CA THR A 43 26.68 -33.74 30.26
C THR A 43 26.74 -35.12 29.63
N SER A 44 25.69 -35.52 28.90
CA SER A 44 25.68 -36.81 28.24
C SER A 44 26.68 -36.83 27.08
N ASN A 45 26.89 -38.02 26.53
CA ASN A 45 27.80 -38.18 25.41
C ASN A 45 27.24 -37.55 24.14
N GLY A 46 25.92 -37.57 23.97
CA GLY A 46 25.30 -37.02 22.79
C GLY A 46 25.43 -35.51 22.75
N VAL A 47 26.16 -35.00 21.77
CA VAL A 47 26.39 -33.57 21.59
C VAL A 47 25.38 -33.04 20.58
N GLU A 48 25.10 -31.74 20.65
CA GLU A 48 24.14 -31.08 19.77
C GLU A 48 22.74 -31.68 19.94
N LEU A 49 22.28 -31.71 21.18
CA LEU A 49 20.97 -32.26 21.48
C LEU A 49 19.88 -31.32 20.97
N GLY A 50 18.87 -31.90 20.32
CA GLY A 50 17.79 -31.09 19.78
C GLY A 50 16.98 -30.40 20.87
N LYS A 51 16.59 -29.16 20.58
CA LYS A 51 15.81 -28.38 21.53
C LYS A 51 14.38 -28.93 21.62
N SER A 52 13.86 -28.99 22.85
CA SER A 52 12.52 -29.48 23.12
C SER A 52 11.57 -28.29 23.24
N ASN A 53 10.70 -28.12 22.24
CA ASN A 53 9.72 -27.05 22.22
C ASN A 53 8.35 -27.64 21.87
N ILE A 54 7.31 -26.79 21.92
CA ILE A 54 5.94 -27.21 21.65
C ILE A 54 5.30 -26.25 20.65
N LEU A 55 4.49 -26.80 19.75
CA LEU A 55 3.76 -26.02 18.73
C LEU A 55 2.31 -26.50 18.72
N LEU A 56 1.43 -25.77 19.40
CA LEU A 56 0.02 -26.14 19.44
C LEU A 56 -0.70 -25.63 18.20
N ILE A 57 -1.44 -26.51 17.54
CA ILE A 57 -2.19 -26.18 16.33
C ILE A 57 -3.52 -26.91 16.41
N GLY A 58 -4.61 -26.16 16.41
CA GLY A 58 -5.93 -26.74 16.47
C GLY A 58 -6.98 -25.71 16.10
N PRO A 59 -8.24 -26.14 15.89
CA PRO A 59 -9.27 -25.17 15.52
C PRO A 59 -9.74 -24.34 16.71
N THR A 60 -10.72 -23.47 16.47
CA THR A 60 -11.25 -22.63 17.53
C THR A 60 -12.03 -23.46 18.53
N GLY A 61 -11.96 -23.04 19.80
CA GLY A 61 -12.65 -23.75 20.86
C GLY A 61 -12.17 -25.16 21.08
N SER A 62 -10.96 -25.48 20.60
CA SER A 62 -10.40 -26.81 20.76
C SER A 62 -9.73 -27.02 22.11
N GLY A 63 -9.53 -25.96 22.89
CA GLY A 63 -8.89 -26.06 24.19
C GLY A 63 -7.45 -25.60 24.24
N LYS A 64 -7.01 -24.78 23.28
CA LYS A 64 -5.63 -24.30 23.30
C LYS A 64 -5.37 -23.47 24.54
N THR A 65 -6.22 -22.48 24.78
CA THR A 65 -6.09 -21.65 25.97
C THR A 65 -6.37 -22.45 27.24
N LEU A 66 -7.19 -23.50 27.13
CA LEU A 66 -7.52 -24.31 28.29
C LEU A 66 -6.33 -25.14 28.75
N LEU A 67 -5.57 -25.70 27.82
CA LEU A 67 -4.42 -26.51 28.19
C LEU A 67 -3.38 -25.69 28.94
N ALA A 68 -3.22 -24.42 28.54
CA ALA A 68 -2.25 -23.57 29.23
C ALA A 68 -2.69 -23.27 30.65
N GLU A 69 -4.00 -23.17 30.89
CA GLU A 69 -4.50 -22.89 32.23
C GLU A 69 -4.40 -24.11 33.13
N THR A 70 -4.83 -25.27 32.62
CA THR A 70 -4.78 -26.50 33.39
C THR A 70 -3.35 -26.89 33.71
N LEU A 71 -2.44 -26.76 32.75
CA LEU A 71 -1.05 -27.11 32.97
C LEU A 71 -0.42 -26.22 34.03
N ALA A 72 -0.76 -24.94 34.03
CA ALA A 72 -0.21 -24.02 35.03
C ALA A 72 -0.61 -24.42 36.44
N ARG A 73 -1.87 -24.80 36.62
CA ARG A 73 -2.35 -25.19 37.93
C ARG A 73 -1.66 -26.46 38.42
N LEU A 74 -1.55 -27.46 37.54
CA LEU A 74 -0.92 -28.73 37.92
C LEU A 74 0.59 -28.57 38.14
N LEU A 75 1.26 -27.81 37.28
CA LEU A 75 2.70 -27.67 37.38
C LEU A 75 3.09 -26.74 38.53
N ASP A 76 4.26 -27.02 39.12
CA ASP A 76 4.75 -26.24 40.26
C ASP A 76 5.49 -24.97 39.85
N VAL A 77 6.20 -24.97 38.72
CA VAL A 77 6.97 -23.79 38.32
C VAL A 77 6.00 -22.69 37.90
N PRO A 78 6.40 -21.41 37.97
CA PRO A 78 5.48 -20.35 37.56
C PRO A 78 5.18 -20.41 36.06
N PHE A 79 3.97 -19.99 35.72
CA PHE A 79 3.48 -19.98 34.36
C PHE A 79 3.02 -18.57 33.98
N THR A 80 3.06 -18.28 32.69
CA THR A 80 2.66 -16.99 32.16
C THR A 80 1.78 -17.18 30.94
N MET A 81 0.91 -16.20 30.71
CA MET A 81 -0.03 -16.20 29.60
C MET A 81 0.08 -14.85 28.92
N ALA A 82 0.83 -14.80 27.83
CA ALA A 82 1.05 -13.57 27.07
C ALA A 82 0.18 -13.57 25.83
N ASP A 83 0.35 -12.53 25.01
CA ASP A 83 -0.41 -12.35 23.79
C ASP A 83 0.51 -11.76 22.73
N ALA A 84 0.35 -12.23 21.50
CA ALA A 84 1.18 -11.78 20.40
C ALA A 84 0.68 -10.48 19.77
N THR A 85 -0.61 -10.17 19.91
CA THR A 85 -1.15 -8.94 19.34
C THR A 85 -0.51 -7.71 19.97
N THR A 86 -0.29 -7.76 21.30
CA THR A 86 0.32 -6.63 21.98
C THR A 86 1.78 -6.43 21.57
N LEU A 87 2.46 -7.52 21.22
CA LEU A 87 3.86 -7.45 20.82
C LEU A 87 4.07 -6.53 19.63
N THR A 88 5.13 -5.72 19.71
CA THR A 88 5.51 -4.78 18.67
C THR A 88 7.02 -4.76 18.61
N GLU A 89 7.55 -4.31 17.47
CA GLU A 89 8.99 -4.25 17.28
C GLU A 89 9.52 -2.88 17.66
N ALA A 90 10.74 -2.88 18.19
CA ALA A 90 11.45 -1.68 18.66
C ALA A 90 10.60 -0.82 19.60
N GLY A 91 9.63 -1.44 20.29
CA GLY A 91 8.80 -0.78 21.29
C GLY A 91 8.34 0.63 21.03
N TYR A 92 7.62 0.92 19.94
CA TYR A 92 7.28 2.33 19.74
C TYR A 92 6.28 2.81 20.79
N VAL A 93 5.06 2.27 20.80
CA VAL A 93 4.10 2.59 21.87
C VAL A 93 3.39 1.37 22.42
N GLY A 94 3.44 0.25 21.69
CA GLY A 94 2.71 -0.93 22.12
C GLY A 94 3.22 -1.76 23.27
N GLU A 95 4.38 -2.38 23.07
CA GLU A 95 4.99 -3.24 24.07
C GLU A 95 6.38 -3.59 23.55
N ASP A 96 7.13 -4.37 24.32
CA ASP A 96 8.45 -4.85 23.94
C ASP A 96 8.52 -6.33 24.28
N VAL A 97 9.42 -7.03 23.60
CA VAL A 97 9.58 -8.46 23.82
C VAL A 97 10.11 -8.72 25.23
N GLU A 98 10.99 -7.86 25.72
CA GLU A 98 11.58 -8.04 27.04
C GLU A 98 10.53 -7.98 28.15
N ASN A 99 9.40 -7.32 27.93
CA ASN A 99 8.36 -7.25 28.95
C ASN A 99 7.85 -8.64 29.32
N ILE A 100 7.91 -9.59 28.40
CA ILE A 100 7.46 -10.95 28.68
C ILE A 100 8.28 -11.55 29.82
N ILE A 101 9.57 -11.19 29.89
CA ILE A 101 10.43 -11.71 30.96
C ILE A 101 10.11 -11.01 32.27
N GLN A 102 9.71 -9.74 32.21
CA GLN A 102 9.39 -9.01 33.43
C GLN A 102 8.17 -9.62 34.13
N LYS A 103 7.13 -9.94 33.36
CA LYS A 103 5.94 -10.54 33.95
C LYS A 103 6.26 -11.91 34.53
N LEU A 104 7.22 -12.63 33.94
CA LEU A 104 7.59 -13.94 34.45
C LEU A 104 8.21 -13.82 35.83
N LEU A 105 9.02 -12.78 36.06
CA LEU A 105 9.64 -12.60 37.37
C LEU A 105 8.61 -12.24 38.43
N GLN A 106 7.58 -11.47 38.04
CA GLN A 106 6.53 -11.13 39.00
C GLN A 106 5.84 -12.39 39.51
N LYS A 107 5.66 -13.37 38.62
CA LYS A 107 5.07 -14.64 39.03
C LYS A 107 6.04 -15.46 39.85
N SER A 108 7.33 -15.34 39.56
CA SER A 108 8.39 -16.05 40.26
C SER A 108 8.99 -15.26 41.42
N ASP A 109 8.54 -14.01 41.62
CA ASP A 109 9.04 -13.16 42.70
C ASP A 109 10.56 -12.97 42.61
N TYR A 110 10.97 -12.45 41.45
CA TYR A 110 12.38 -12.15 41.13
C TYR A 110 13.33 -13.26 41.56
N ASP A 111 13.02 -14.48 41.12
CA ASP A 111 13.83 -15.67 41.40
C ASP A 111 14.39 -16.16 40.08
N VAL A 112 15.65 -15.82 39.80
CA VAL A 112 16.27 -16.23 38.54
C VAL A 112 16.42 -17.73 38.47
N GLN A 113 16.82 -18.36 39.59
CA GLN A 113 16.97 -19.81 39.60
C GLN A 113 15.64 -20.51 39.37
N LYS A 114 14.55 -19.92 39.87
CA LYS A 114 13.21 -20.48 39.72
C LYS A 114 12.52 -20.03 38.44
N ALA A 115 12.99 -18.93 37.83
CA ALA A 115 12.38 -18.41 36.62
C ALA A 115 12.93 -19.10 35.37
N GLN A 116 14.20 -19.51 35.38
CA GLN A 116 14.77 -20.15 34.20
C GLN A 116 14.10 -21.48 33.91
N ARG A 117 13.53 -22.13 34.91
CA ARG A 117 12.82 -23.39 34.74
C ARG A 117 11.32 -23.19 34.51
N GLY A 118 10.91 -21.98 34.12
CA GLY A 118 9.51 -21.69 33.88
C GLY A 118 9.04 -22.05 32.49
N ILE A 119 7.74 -21.93 32.29
CA ILE A 119 7.08 -22.24 31.02
C ILE A 119 6.52 -20.94 30.44
N VAL A 120 6.48 -20.88 29.12
CA VAL A 120 5.96 -19.72 28.39
C VAL A 120 4.94 -20.20 27.38
N TYR A 121 3.83 -19.47 27.27
CA TYR A 121 2.75 -19.78 26.34
C TYR A 121 2.29 -18.50 25.68
N ILE A 122 2.39 -18.44 24.35
CA ILE A 122 1.99 -17.27 23.57
C ILE A 122 0.76 -17.65 22.75
N ASP A 123 -0.32 -16.93 22.96
CA ASP A 123 -1.56 -17.14 22.23
C ASP A 123 -1.55 -16.38 20.91
N GLN A 124 -2.39 -16.82 19.99
CA GLN A 124 -2.54 -16.21 18.66
C GLN A 124 -1.19 -16.08 17.95
N ILE A 125 -0.54 -17.24 17.78
CA ILE A 125 0.75 -17.27 17.09
C ILE A 125 0.61 -16.82 15.64
N ASP A 126 -0.54 -17.07 15.02
CA ASP A 126 -0.75 -16.66 13.64
C ASP A 126 -0.69 -15.15 13.44
N LYS A 127 -0.94 -14.38 14.50
CA LYS A 127 -0.94 -12.92 14.41
C LYS A 127 0.40 -12.39 13.90
N ILE A 128 1.50 -13.03 14.29
CA ILE A 128 2.83 -12.54 13.90
C ILE A 128 3.24 -13.01 12.52
N SER A 129 2.33 -13.68 11.80
CA SER A 129 2.62 -14.13 10.44
C SER A 129 3.06 -12.94 9.60
N ARG A 130 4.16 -13.11 8.86
CA ARG A 130 4.72 -12.04 8.06
C ARG A 130 3.90 -11.86 6.80
N LYS A 131 3.17 -10.74 6.73
CA LYS A 131 2.37 -10.36 5.56
C LYS A 131 2.82 -8.94 5.28
N SER A 132 3.88 -8.81 4.50
CA SER A 132 4.48 -7.53 4.12
C SER A 132 4.41 -7.29 2.62
N ASP A 133 3.36 -7.80 1.96
CA ASP A 133 3.25 -7.61 0.52
C ASP A 133 3.23 -6.13 0.17
N ASN A 134 2.39 -5.35 0.85
CA ASN A 134 2.34 -3.91 0.63
C ASN A 134 2.84 -3.21 1.89
N PRO A 135 4.12 -2.86 1.98
CA PRO A 135 4.66 -2.18 3.16
C PRO A 135 4.60 -0.65 3.03
N ARG A 139 6.66 1.52 8.47
CA ARG A 139 7.11 0.15 8.30
C ARG A 139 6.18 -0.82 9.02
N ASP A 140 6.44 -2.11 8.87
CA ASP A 140 5.63 -3.15 9.50
C ASP A 140 6.08 -3.34 10.94
N VAL A 141 5.15 -3.12 11.88
CA VAL A 141 5.44 -3.23 13.30
C VAL A 141 5.01 -4.57 13.90
N SER A 142 4.05 -5.26 13.28
CA SER A 142 3.54 -6.54 13.77
C SER A 142 3.96 -7.74 12.93
N GLY A 143 4.69 -7.52 11.83
CA GLY A 143 5.09 -8.60 10.95
C GLY A 143 6.47 -9.18 11.22
N GLU A 144 7.37 -8.99 10.25
CA GLU A 144 8.72 -9.53 10.35
C GLU A 144 9.44 -9.06 11.60
N GLY A 145 9.24 -7.79 11.98
CA GLY A 145 9.93 -7.25 13.15
C GLY A 145 9.66 -8.04 14.41
N VAL A 146 8.41 -8.46 14.63
CA VAL A 146 8.07 -9.22 15.82
C VAL A 146 8.70 -10.61 15.76
N GLN A 147 8.49 -11.32 14.65
CA GLN A 147 9.03 -12.67 14.49
C GLN A 147 10.55 -12.68 14.60
N GLN A 148 11.22 -11.66 14.03
CA GLN A 148 12.67 -11.59 14.10
C GLN A 148 13.13 -11.47 15.54
N ALA A 149 12.49 -10.61 16.32
CA ALA A 149 12.86 -10.44 17.73
C ALA A 149 12.55 -11.70 18.52
N LEU A 150 11.40 -12.31 18.27
CA LEU A 150 11.02 -13.52 18.99
C LEU A 150 11.97 -14.67 18.67
N LEU A 151 12.37 -14.79 17.41
CA LEU A 151 13.29 -15.86 17.03
C LEU A 151 14.62 -15.70 17.75
N LYS A 152 15.09 -14.47 17.89
CA LYS A 152 16.33 -14.22 18.62
C LYS A 152 16.21 -14.69 20.06
N LEU A 153 15.06 -14.42 20.69
CA LEU A 153 14.83 -14.86 22.05
C LEU A 153 14.66 -16.38 22.12
N ILE A 154 13.93 -16.95 21.17
CA ILE A 154 13.70 -18.39 21.17
C ILE A 154 14.99 -19.15 20.92
N GLU A 155 15.93 -18.56 20.18
CA GLU A 155 17.21 -19.20 19.92
C GLU A 155 17.95 -19.48 21.22
N GLY A 156 17.83 -18.57 22.19
CA GLY A 156 18.47 -18.67 23.47
C GLY A 156 19.56 -17.62 23.61
N THR A 157 19.24 -16.56 24.34
CA THR A 157 20.16 -15.46 24.56
C THR A 157 19.84 -14.81 25.89
N VAL A 158 20.83 -14.16 26.48
CA VAL A 158 20.66 -13.47 27.75
C VAL A 158 20.25 -12.03 27.46
N ALA A 159 19.14 -11.60 28.06
CA ALA A 159 18.60 -10.26 27.86
C ALA A 159 18.61 -9.49 29.16
N ALA A 160 18.99 -8.21 29.07
CA ALA A 160 19.02 -7.35 30.24
C ALA A 160 17.60 -7.08 30.73
N VAL A 161 17.37 -7.27 32.03
CA VAL A 161 16.06 -7.03 32.65
C VAL A 161 16.30 -6.31 33.97
N PRO A 162 15.86 -5.07 34.17
CA PRO A 162 16.09 -4.42 35.47
C PRO A 162 15.32 -5.12 36.57
N PRO A 163 16.00 -5.70 37.56
CA PRO A 163 15.25 -6.36 38.64
C PRO A 163 14.60 -5.33 39.55
N GLN A 164 13.27 -5.41 39.68
CA GLN A 164 12.45 -4.53 40.50
C GLN A 164 12.33 -3.12 39.92
N GLY A 165 12.97 -2.82 38.78
CA GLY A 165 12.92 -1.51 38.19
C GLY A 165 14.02 -0.57 38.62
N GLY A 166 14.67 -0.86 39.75
CA GLY A 166 15.73 -0.01 40.26
C GLY A 166 15.22 1.12 41.13
N ARG A 167 15.99 1.47 42.15
CA ARG A 167 15.61 2.54 43.07
C ARG A 167 15.85 3.90 42.44
N GLN A 171 21.45 2.77 40.15
CA GLN A 171 21.82 1.37 40.06
C GLN A 171 22.43 1.05 38.69
N GLN A 172 21.71 1.43 37.62
CA GLN A 172 22.14 1.24 36.23
C GLN A 172 22.69 -0.17 35.98
N GLU A 173 22.04 -1.18 36.56
CA GLU A 173 22.44 -2.57 36.39
C GLU A 173 21.25 -3.40 35.92
N PHE A 174 21.56 -4.52 35.27
CA PHE A 174 20.57 -5.45 34.75
C PHE A 174 21.08 -6.87 34.92
N LEU A 175 20.15 -7.82 35.03
CA LEU A 175 20.49 -9.22 35.19
C LEU A 175 20.48 -9.93 33.85
N GLN A 176 21.42 -10.86 33.67
CA GLN A 176 21.55 -11.64 32.44
C GLN A 176 20.86 -12.98 32.64
N VAL A 177 19.53 -12.97 32.56
CA VAL A 177 18.75 -14.18 32.74
C VAL A 177 18.82 -15.01 31.47
N ASP A 178 19.17 -16.29 31.61
CA ASP A 178 19.25 -17.18 30.46
C ASP A 178 17.88 -17.38 29.85
N THR A 179 17.86 -17.91 28.62
CA THR A 179 16.63 -18.18 27.89
C THR A 179 16.56 -19.56 27.27
N SER A 180 17.69 -20.24 27.05
CA SER A 180 17.65 -21.57 26.43
C SER A 180 16.97 -22.58 27.33
N LYS A 181 17.07 -22.42 28.65
CA LYS A 181 16.45 -23.35 29.58
C LYS A 181 14.93 -23.21 29.58
N ILE A 182 14.44 -21.96 29.53
CA ILE A 182 13.00 -21.73 29.58
C ILE A 182 12.32 -22.36 28.37
N LEU A 183 11.14 -22.94 28.62
CA LEU A 183 10.34 -23.58 27.59
C LEU A 183 9.35 -22.58 27.00
N PHE A 184 8.93 -22.84 25.77
CA PHE A 184 7.99 -21.99 25.06
C PHE A 184 6.92 -22.84 24.39
N ILE A 185 5.68 -22.37 24.45
CA ILE A 185 4.53 -23.06 23.87
C ILE A 185 3.86 -22.07 22.92
N CYS A 186 4.21 -22.14 21.65
CA CYS A 186 3.63 -21.27 20.62
C CYS A 186 2.35 -21.92 20.12
N GLY A 187 1.23 -21.26 20.31
CA GLY A 187 -0.05 -21.80 19.91
C GLY A 187 -1.04 -20.74 19.50
N GLY A 188 -1.95 -21.11 18.61
CA GLY A 188 -2.97 -20.21 18.13
C GLY A 188 -3.73 -20.87 17.00
N ALA A 189 -4.87 -20.26 16.67
CA ALA A 189 -5.72 -20.79 15.61
C ALA A 189 -5.19 -20.38 14.25
N PHE A 190 -4.99 -21.36 13.38
CA PHE A 190 -4.49 -21.14 12.03
C PHE A 190 -5.65 -21.15 11.06
N ALA A 191 -5.94 -19.99 10.46
CA ALA A 191 -7.02 -19.83 9.50
C ALA A 191 -6.42 -19.77 8.10
N GLY A 192 -6.88 -20.66 7.23
CA GLY A 192 -6.37 -20.76 5.87
C GLY A 192 -5.30 -21.81 5.71
N LEU A 193 -4.80 -22.38 6.81
CA LEU A 193 -3.77 -23.41 6.75
C LEU A 193 -4.29 -24.67 6.07
N ASP A 194 -5.54 -25.05 6.37
CA ASP A 194 -6.14 -26.24 5.77
C ASP A 194 -6.13 -26.13 4.24
N LYS A 195 -6.50 -24.96 3.72
CA LYS A 195 -6.50 -24.75 2.27
C LYS A 195 -5.10 -24.94 1.70
N VAL A 196 -4.08 -24.48 2.43
CA VAL A 196 -2.71 -24.62 1.96
C VAL A 196 -2.33 -26.09 1.87
N ILE A 197 -2.65 -26.88 2.90
CA ILE A 197 -2.34 -28.30 2.84
C ILE A 197 -3.18 -28.97 1.76
N SER A 198 -4.45 -28.58 1.64
CA SER A 198 -5.29 -29.17 0.61
C SER A 198 -4.78 -28.81 -0.78
N HIS A 199 -4.29 -27.58 -0.95
CA HIS A 199 -3.76 -27.15 -2.24
C HIS A 199 -2.58 -28.01 -2.67
N ARG A 200 -1.71 -28.33 -1.72
CA ARG A 200 -0.52 -29.12 -2.03
C ARG A 200 -0.88 -30.56 -2.36
N VAL A 201 -1.76 -31.18 -1.58
CA VAL A 201 -2.15 -32.57 -1.75
C VAL A 201 -3.67 -32.66 -1.92
N GLU A 202 -4.11 -33.00 -3.14
CA GLU A 202 -5.54 -33.23 -3.42
C GLU A 202 -5.78 -34.67 -3.84
N THR A 203 -4.97 -35.14 -4.80
CA THR A 203 -5.05 -36.48 -5.36
C THR A 203 -6.50 -36.86 -5.71
N GLY A 204 -7.08 -36.06 -6.59
CA GLY A 204 -8.46 -36.24 -7.02
C GLY A 204 -8.72 -35.72 -8.41
N SER A 205 -9.97 -35.30 -8.63
CA SER A 205 -10.45 -34.73 -9.90
C SER A 205 -10.21 -35.67 -11.07
N GLY A 206 -10.63 -36.93 -10.91
CA GLY A 206 -10.53 -37.93 -11.95
C GLY A 206 -11.83 -38.07 -12.70
N ILE A 207 -11.79 -37.83 -14.01
CA ILE A 207 -12.98 -37.90 -14.85
C ILE A 207 -13.19 -39.28 -15.49
N GLY A 208 -12.22 -40.18 -15.40
CA GLY A 208 -12.36 -41.49 -15.98
C GLY A 208 -13.31 -42.39 -15.20
N PHE A 209 -13.83 -43.41 -15.91
CA PHE A 209 -14.73 -44.37 -15.26
C PHE A 209 -14.05 -45.03 -14.07
N GLY A 210 -12.79 -45.43 -14.24
CA GLY A 210 -12.06 -46.07 -13.15
C GLY A 210 -11.77 -45.11 -12.01
N ALA A 211 -11.48 -43.86 -12.34
CA ALA A 211 -11.16 -42.88 -11.32
C ALA A 211 -12.38 -42.59 -10.44
N THR A 212 -12.11 -42.18 -9.20
CA THR A 212 -13.12 -41.87 -8.21
C THR A 212 -13.09 -40.38 -7.90
N VAL A 213 -14.26 -39.84 -7.54
CA VAL A 213 -14.42 -38.44 -7.22
C VAL A 213 -15.09 -38.32 -5.86
N LYS A 214 -14.55 -37.47 -5.00
CA LYS A 214 -15.06 -37.24 -3.65
C LYS A 214 -15.31 -35.75 -3.50
N ALA A 215 -16.59 -35.34 -3.56
CA ALA A 215 -16.96 -33.94 -3.44
C ALA A 215 -17.25 -33.55 -2.00
N LYS A 216 -18.00 -34.36 -1.28
CA LYS A 216 -18.32 -34.07 0.11
C LYS A 216 -17.26 -34.65 1.04
N SER A 217 -16.89 -35.91 0.82
CA SER A 217 -15.84 -36.54 1.62
C SER A 217 -14.53 -35.81 1.37
N ASP A 218 -13.86 -35.42 2.45
CA ASP A 218 -12.59 -34.71 2.37
C ASP A 218 -11.52 -35.42 3.20
N LYS A 219 -11.64 -36.73 3.35
CA LYS A 219 -10.71 -37.57 4.10
C LYS A 219 -10.39 -36.96 5.47
N ALA A 220 -11.43 -36.79 6.29
CA ALA A 220 -11.34 -36.20 7.62
C ALA A 220 -10.51 -34.92 7.60
N SER A 221 -11.01 -33.94 6.84
CA SER A 221 -10.31 -32.68 6.64
C SER A 221 -9.96 -32.00 7.96
N GLU A 222 -10.86 -32.06 8.95
CA GLU A 222 -10.58 -31.39 10.21
C GLU A 222 -9.39 -32.01 10.95
N GLY A 223 -9.33 -33.35 11.03
CA GLY A 223 -8.22 -33.99 11.73
C GLY A 223 -7.09 -34.63 10.93
N GLU A 224 -7.43 -35.36 9.86
CA GLU A 224 -6.40 -36.01 9.05
C GLU A 224 -5.50 -34.99 8.37
N LEU A 225 -6.08 -33.91 7.86
CA LEU A 225 -5.29 -32.90 7.15
C LEU A 225 -4.24 -32.29 8.06
N LEU A 226 -4.60 -32.03 9.32
CA LEU A 226 -3.64 -31.48 10.26
C LEU A 226 -2.51 -32.47 10.53
N ALA A 227 -2.84 -33.76 10.63
CA ALA A 227 -1.84 -34.78 10.90
C ALA A 227 -0.77 -34.83 9.81
N GLN A 228 -1.12 -34.49 8.57
CA GLN A 228 -0.18 -34.52 7.45
C GLN A 228 0.43 -33.15 7.18
N VAL A 229 0.45 -32.26 8.17
CA VAL A 229 1.05 -30.94 7.97
C VAL A 229 2.57 -31.07 7.92
N GLU A 230 3.20 -30.18 7.16
CA GLU A 230 4.64 -30.15 6.97
C GLU A 230 5.17 -28.75 7.24
N PRO A 231 6.47 -28.62 7.53
CA PRO A 231 7.02 -27.27 7.76
C PRO A 231 6.94 -26.39 6.53
N GLU A 232 7.17 -26.96 5.34
CA GLU A 232 7.13 -26.20 4.11
C GLU A 232 5.78 -25.54 3.87
N ASP A 233 4.70 -26.12 4.42
CA ASP A 233 3.39 -25.52 4.24
C ASP A 233 3.27 -24.22 5.02
N LEU A 234 3.85 -24.18 6.22
CA LEU A 234 3.82 -22.96 7.02
C LEU A 234 4.65 -21.85 6.42
N ILE A 235 5.64 -22.18 5.59
CA ILE A 235 6.46 -21.14 4.97
C ILE A 235 5.62 -20.30 4.04
N LYS A 236 4.72 -20.93 3.28
CA LYS A 236 3.84 -20.20 2.40
C LYS A 236 2.81 -19.39 3.18
N PHE A 237 2.53 -19.79 4.43
CA PHE A 237 1.58 -19.06 5.25
C PHE A 237 2.13 -17.70 5.64
N GLY A 238 3.43 -17.61 5.89
CA GLY A 238 4.06 -16.36 6.27
C GLY A 238 5.15 -16.53 7.33
N LEU A 239 5.17 -17.67 8.02
CA LEU A 239 6.18 -17.85 9.05
C LEU A 239 7.56 -18.03 8.43
N ILE A 240 8.58 -17.82 9.26
CA ILE A 240 9.97 -17.93 8.88
C ILE A 240 10.38 -19.40 9.02
N PRO A 241 11.17 -19.98 8.11
CA PRO A 241 11.53 -21.40 8.30
C PRO A 241 12.37 -21.65 9.53
N GLU A 242 13.24 -20.71 9.88
CA GLU A 242 14.09 -20.88 11.07
C GLU A 242 13.24 -20.97 12.33
N PHE A 243 12.10 -20.26 12.36
CA PHE A 243 11.24 -20.31 13.52
C PHE A 243 10.60 -21.69 13.66
N ILE A 244 10.21 -22.30 12.55
CA ILE A 244 9.61 -23.62 12.60
C ILE A 244 10.66 -24.68 12.87
N GLY A 245 11.89 -24.45 12.42
CA GLY A 245 12.96 -25.41 12.65
C GLY A 245 13.24 -25.62 14.13
N ARG A 246 13.03 -24.58 14.94
CA ARG A 246 13.28 -24.64 16.37
C ARG A 246 12.18 -25.36 17.15
N LEU A 247 11.12 -25.83 16.50
CA LEU A 247 10.00 -26.51 17.17
C LEU A 247 9.73 -27.84 16.49
N PRO A 248 10.48 -28.89 16.82
CA PRO A 248 10.23 -30.21 16.23
C PRO A 248 8.89 -30.84 16.61
N VAL A 249 8.27 -30.39 17.69
CA VAL A 249 7.04 -30.99 18.21
C VAL A 249 5.84 -30.14 17.83
N VAL A 250 4.89 -30.78 17.15
CA VAL A 250 3.64 -30.13 16.72
C VAL A 250 2.48 -30.97 17.21
N ALA A 251 1.45 -30.29 17.74
CA ALA A 251 0.25 -30.92 18.26
C ALA A 251 -0.91 -30.69 17.30
N THR A 252 -1.61 -31.77 16.94
CA THR A 252 -2.75 -31.72 16.04
C THR A 252 -4.00 -32.08 16.83
N LEU A 253 -5.04 -31.22 16.72
CA LEU A 253 -6.30 -31.42 17.41
C LEU A 253 -7.43 -31.56 16.40
N ASN A 254 -8.18 -32.65 16.50
CA ASN A 254 -9.30 -32.89 15.62
C ASN A 254 -10.53 -32.14 16.13
N GLU A 255 -11.53 -32.02 15.27
CA GLU A 255 -12.77 -31.34 15.66
C GLU A 255 -13.47 -32.18 16.72
N LEU A 256 -14.13 -31.50 17.66
CA LEU A 256 -14.82 -32.19 18.73
C LEU A 256 -15.94 -33.07 18.18
N SER A 257 -16.08 -34.26 18.75
CA SER A 257 -17.13 -35.19 18.37
C SER A 257 -18.39 -34.92 19.17
N GLU A 258 -19.53 -35.39 18.64
CA GLU A 258 -20.79 -35.18 19.33
C GLU A 258 -20.78 -35.86 20.69
N GLU A 259 -20.09 -36.98 20.83
CA GLU A 259 -19.99 -37.66 22.12
C GLU A 259 -19.22 -36.80 23.12
N ALA A 260 -18.13 -36.19 22.66
CA ALA A 260 -17.32 -35.34 23.53
C ALA A 260 -18.13 -34.16 24.04
N LEU A 261 -18.96 -33.57 23.19
CA LEU A 261 -19.76 -32.42 23.57
C LEU A 261 -20.67 -32.76 24.76
N ILE A 262 -21.34 -33.91 24.71
CA ILE A 262 -22.21 -34.33 25.79
C ILE A 262 -21.42 -34.42 27.10
N GLN A 263 -20.22 -35.01 27.03
CA GLN A 263 -19.39 -35.12 28.22
C GLN A 263 -19.02 -33.75 28.78
N ILE A 264 -18.78 -32.77 27.91
CA ILE A 264 -18.40 -31.44 28.35
C ILE A 264 -19.53 -30.73 29.07
N LEU A 265 -20.78 -31.08 28.78
CA LEU A 265 -21.93 -30.47 29.45
C LEU A 265 -22.27 -31.14 30.77
N LYS A 266 -21.72 -32.32 31.07
CA LYS A 266 -22.03 -33.05 32.30
C LYS A 266 -20.85 -33.17 33.25
N GLU A 267 -19.72 -33.68 32.80
CA GLU A 267 -18.57 -33.90 33.69
C GLU A 267 -17.96 -32.62 34.26
N PRO A 268 -17.67 -31.58 33.49
CA PRO A 268 -17.02 -30.40 34.07
C PRO A 268 -17.88 -29.67 35.07
N LYS A 269 -17.20 -28.96 35.98
CA LYS A 269 -17.87 -28.14 36.98
C LYS A 269 -18.26 -26.78 36.44
N ASN A 270 -17.85 -26.45 35.22
CA ASN A 270 -18.18 -25.21 34.53
C ASN A 270 -19.21 -25.46 33.43
N ALA A 271 -19.91 -26.59 33.51
CA ALA A 271 -20.90 -26.95 32.51
C ALA A 271 -22.02 -25.93 32.43
N LEU A 272 -22.53 -25.74 31.22
CA LEU A 272 -23.61 -24.78 31.01
C LEU A 272 -24.84 -25.14 31.82
N THR A 273 -25.23 -26.43 31.81
CA THR A 273 -26.39 -26.87 32.57
C THR A 273 -26.22 -26.62 34.05
N LYS A 274 -25.02 -26.84 34.58
CA LYS A 274 -24.79 -26.64 36.01
C LYS A 274 -24.88 -25.18 36.39
N GLN A 275 -24.26 -24.28 35.61
CA GLN A 275 -24.34 -22.87 35.94
C GLN A 275 -25.73 -22.32 35.68
N TYR A 276 -26.35 -22.69 34.56
CA TYR A 276 -27.69 -22.18 34.26
C TYR A 276 -28.71 -22.69 35.27
N GLN A 277 -28.65 -23.98 35.62
CA GLN A 277 -29.58 -24.48 36.62
C GLN A 277 -29.32 -23.82 37.96
N ALA A 278 -28.04 -23.57 38.28
CA ALA A 278 -27.70 -22.87 39.51
C ALA A 278 -28.31 -21.47 39.51
N LEU A 279 -28.27 -20.80 38.35
CA LEU A 279 -28.87 -19.48 38.23
C LEU A 279 -30.38 -19.58 38.45
N PHE A 280 -31.01 -20.59 37.86
CA PHE A 280 -32.44 -20.78 38.04
C PHE A 280 -32.76 -21.12 39.49
N ASN A 281 -31.86 -21.85 40.16
CA ASN A 281 -32.06 -22.19 41.56
C ASN A 281 -32.14 -20.94 42.41
N LEU A 282 -31.35 -19.91 42.07
CA LEU A 282 -31.42 -18.65 42.80
C LEU A 282 -32.81 -18.06 42.70
N GLU A 283 -33.41 -18.15 41.50
CA GLU A 283 -34.77 -17.69 41.31
C GLU A 283 -35.75 -18.52 42.14
N GLY A 284 -35.45 -19.80 42.31
CA GLY A 284 -36.27 -20.72 43.10
C GLY A 284 -36.87 -21.88 42.35
N VAL A 285 -36.60 -22.04 41.05
CA VAL A 285 -37.15 -23.13 40.24
C VAL A 285 -36.01 -23.99 39.74
N ASP A 286 -36.16 -25.30 39.88
CA ASP A 286 -35.16 -26.24 39.41
C ASP A 286 -35.25 -26.42 37.89
N LEU A 287 -34.11 -26.72 37.27
CA LEU A 287 -34.00 -26.92 35.83
C LEU A 287 -33.62 -28.37 35.55
N GLU A 288 -34.38 -29.02 34.66
CA GLU A 288 -34.17 -30.41 34.29
C GLU A 288 -33.95 -30.53 32.79
N PHE A 289 -32.90 -31.26 32.41
CA PHE A 289 -32.57 -31.51 31.01
C PHE A 289 -32.50 -33.02 30.80
N ARG A 290 -33.21 -33.51 29.78
CA ARG A 290 -33.22 -34.92 29.45
C ARG A 290 -32.03 -35.28 28.56
N ASP A 291 -31.74 -36.58 28.50
CA ASP A 291 -30.65 -37.07 27.68
C ASP A 291 -30.92 -36.84 26.19
N GLU A 292 -32.18 -36.94 25.78
CA GLU A 292 -32.54 -36.74 24.38
C GLU A 292 -32.17 -35.33 23.91
N ALA A 293 -32.30 -34.35 24.80
CA ALA A 293 -31.95 -32.98 24.46
C ALA A 293 -30.44 -32.83 24.25
N LEU A 294 -29.64 -33.56 25.03
CA LEU A 294 -28.19 -33.42 24.96
C LEU A 294 -27.64 -33.82 23.60
N ASP A 295 -28.01 -35.01 23.11
CA ASP A 295 -27.49 -35.44 21.80
C ASP A 295 -28.01 -34.53 20.68
N ALA A 296 -29.23 -34.03 20.81
CA ALA A 296 -29.76 -33.11 19.81
C ALA A 296 -28.93 -31.84 19.76
N ILE A 297 -28.52 -31.34 20.94
CA ILE A 297 -27.71 -30.12 21.00
C ILE A 297 -26.38 -30.33 20.30
N ALA A 298 -25.78 -31.52 20.48
CA ALA A 298 -24.49 -31.81 19.86
C ALA A 298 -24.56 -31.72 18.34
N LYS A 299 -25.64 -32.24 17.75
CA LYS A 299 -25.77 -32.20 16.30
C LYS A 299 -25.84 -30.77 15.80
N LYS A 300 -26.60 -29.92 16.48
CA LYS A 300 -26.71 -28.52 16.09
C LYS A 300 -25.37 -27.80 16.25
N ALA A 301 -24.66 -28.09 17.34
CA ALA A 301 -23.37 -27.44 17.59
C ALA A 301 -22.36 -27.79 16.50
N MET A 302 -22.28 -29.06 16.11
CA MET A 302 -21.32 -29.46 15.08
C MET A 302 -21.64 -28.79 13.75
N ALA A 303 -22.92 -28.56 13.47
CA ALA A 303 -23.30 -27.89 12.23
C ALA A 303 -22.75 -26.49 12.18
N ARG A 304 -22.79 -25.78 13.31
CA ARG A 304 -22.27 -24.41 13.36
C ARG A 304 -20.79 -24.35 13.10
N LYS A 305 -20.05 -25.40 13.48
CA LYS A 305 -18.60 -25.47 13.28
C LYS A 305 -17.89 -24.32 14.00
N THR A 306 -18.39 -23.99 15.19
CA THR A 306 -17.83 -22.93 16.02
C THR A 306 -17.08 -23.46 17.24
N GLY A 307 -17.10 -24.76 17.49
CA GLY A 307 -16.44 -25.32 18.63
C GLY A 307 -17.33 -25.21 19.88
N ALA A 308 -16.71 -25.49 21.03
CA ALA A 308 -17.44 -25.44 22.28
C ALA A 308 -17.88 -24.02 22.61
N ARG A 309 -17.10 -23.01 22.22
CA ARG A 309 -17.44 -21.62 22.50
C ARG A 309 -18.79 -21.22 21.91
N GLY A 310 -19.17 -21.81 20.78
CA GLY A 310 -20.44 -21.50 20.16
C GLY A 310 -21.58 -22.38 20.63
N LEU A 311 -21.31 -23.33 21.51
CA LEU A 311 -22.34 -24.20 22.04
C LEU A 311 -23.41 -23.42 22.80
N ARG A 312 -22.99 -22.39 23.53
CA ARG A 312 -23.90 -21.60 24.35
C ARG A 312 -25.03 -20.99 23.55
N SER A 313 -24.77 -20.61 22.29
CA SER A 313 -25.79 -19.96 21.46
C SER A 313 -27.05 -20.81 21.35
N ILE A 314 -26.89 -22.11 21.12
CA ILE A 314 -28.06 -22.99 20.97
C ILE A 314 -28.83 -23.08 22.28
N VAL A 315 -28.11 -23.23 23.39
CA VAL A 315 -28.76 -23.37 24.69
C VAL A 315 -29.47 -22.09 25.11
N GLU A 316 -28.85 -20.94 24.87
CA GLU A 316 -29.43 -19.67 25.32
C GLU A 316 -30.63 -19.27 24.46
N ALA A 317 -30.46 -19.31 23.13
CA ALA A 317 -31.56 -18.94 22.23
C ALA A 317 -32.79 -19.81 22.49
N ALA A 318 -32.59 -21.09 22.78
CA ALA A 318 -33.71 -21.99 23.06
C ALA A 318 -34.44 -21.57 24.33
N LEU A 319 -33.71 -21.11 25.33
CA LEU A 319 -34.28 -20.70 26.62
C LEU A 319 -34.57 -19.21 26.69
N LEU A 320 -34.48 -18.49 25.56
CA LEU A 320 -34.74 -17.05 25.58
C LEU A 320 -36.18 -16.77 25.99
N ASP A 321 -37.13 -17.48 25.40
CA ASP A 321 -38.54 -17.26 25.73
C ASP A 321 -38.84 -17.70 27.15
N THR A 322 -38.27 -18.82 27.59
CA THR A 322 -38.53 -19.34 28.92
C THR A 322 -38.05 -18.39 30.01
N MET A 323 -36.83 -17.90 29.88
CA MET A 323 -36.29 -16.99 30.90
C MET A 323 -36.99 -15.64 30.90
N TYR A 324 -37.44 -15.18 29.73
CA TYR A 324 -38.09 -13.88 29.63
C TYR A 324 -39.35 -13.81 30.51
N ASP A 325 -40.16 -14.85 30.51
CA ASP A 325 -41.42 -14.87 31.26
C ASP A 325 -41.37 -15.72 32.53
N LEU A 326 -40.24 -16.31 32.86
CA LEU A 326 -40.17 -17.14 34.06
C LEU A 326 -40.38 -16.34 35.36
N PRO A 327 -39.80 -15.13 35.52
CA PRO A 327 -40.05 -14.41 36.78
C PRO A 327 -41.51 -14.08 37.01
N SER A 328 -42.23 -13.65 35.97
CA SER A 328 -43.64 -13.34 36.13
C SER A 328 -44.43 -14.58 36.52
N MET A 329 -44.08 -15.73 35.94
CA MET A 329 -44.75 -16.98 36.26
C MET A 329 -44.48 -17.38 37.70
N GLU A 330 -45.48 -17.98 38.33
CA GLU A 330 -45.39 -18.40 39.72
C GLU A 330 -46.03 -19.78 39.86
N ASP A 331 -45.75 -20.42 41.00
CA ASP A 331 -46.24 -21.76 41.32
C ASP A 331 -45.60 -22.83 40.45
N VAL A 332 -44.41 -22.58 39.93
CA VAL A 332 -43.69 -23.51 39.08
C VAL A 332 -42.57 -24.09 39.94
N GLU A 333 -42.72 -25.35 40.34
CA GLU A 333 -41.72 -26.00 41.18
C GLU A 333 -40.48 -26.41 40.38
N LYS A 334 -40.68 -27.01 39.21
CA LYS A 334 -39.59 -27.49 38.39
C LYS A 334 -39.86 -27.20 36.91
N VAL A 335 -38.78 -27.20 36.13
CA VAL A 335 -38.83 -26.97 34.70
C VAL A 335 -38.32 -28.23 34.01
N VAL A 336 -39.09 -28.72 33.02
CA VAL A 336 -38.73 -29.90 32.24
C VAL A 336 -38.51 -29.48 30.80
N ILE A 337 -37.39 -29.91 30.23
CA ILE A 337 -37.02 -29.60 28.85
C ILE A 337 -36.89 -30.90 28.08
N ASP A 338 -37.59 -30.98 26.95
CA ASP A 338 -37.57 -32.14 26.07
C ASP A 338 -36.71 -31.86 24.85
N GLU A 339 -36.47 -32.91 24.07
CA GLU A 339 -35.63 -32.78 22.87
C GLU A 339 -36.23 -31.79 21.87
N SER A 340 -37.56 -31.73 21.77
CA SER A 340 -38.18 -30.82 20.81
C SER A 340 -37.88 -29.36 21.11
N VAL A 341 -37.69 -29.02 22.40
CA VAL A 341 -37.38 -27.64 22.78
C VAL A 341 -36.10 -27.17 22.12
N ILE A 342 -35.12 -28.07 21.94
CA ILE A 342 -33.88 -27.68 21.30
C ILE A 342 -34.15 -27.26 19.86
N ASP A 343 -35.02 -28.00 19.18
CA ASP A 343 -35.39 -27.63 17.82
C ASP A 343 -36.17 -26.33 17.80
N GLY A 344 -37.02 -26.12 18.81
CA GLY A 344 -37.84 -24.94 18.93
C GLY A 344 -39.25 -25.11 18.39
N GLN A 345 -39.59 -26.29 17.89
CA GLN A 345 -40.93 -26.52 17.36
C GLN A 345 -41.99 -26.52 18.46
N SER A 346 -41.65 -27.11 19.62
CA SER A 346 -42.56 -27.20 20.75
C SER A 346 -41.99 -26.45 21.94
N GLU A 347 -42.83 -25.66 22.59
CA GLU A 347 -42.41 -24.90 23.75
C GLU A 347 -42.22 -25.83 24.96
N PRO A 348 -41.33 -25.47 25.89
CA PRO A 348 -41.13 -26.34 27.05
C PRO A 348 -42.32 -26.30 27.99
N LEU A 349 -42.54 -27.42 28.68
CA LEU A 349 -43.65 -27.56 29.61
C LEU A 349 -43.12 -27.42 31.03
N LEU A 350 -43.70 -26.49 31.78
CA LEU A 350 -43.31 -26.23 33.15
C LEU A 350 -44.03 -27.21 34.09
N ILE A 351 -43.46 -27.38 35.28
CA ILE A 351 -44.00 -28.27 36.31
C ILE A 351 -44.42 -27.42 37.50
N TYR A 352 -45.64 -27.63 37.96
CA TYR A 352 -46.19 -26.88 39.09
C TYR A 352 -46.33 -27.79 40.32
N ALA B 2 -34.17 -4.93 45.49
CA ALA B 2 -34.82 -5.64 44.40
C ALA B 2 -34.18 -5.30 43.07
N LEU B 3 -34.61 -6.01 42.02
CA LEU B 3 -34.12 -5.83 40.66
C LEU B 3 -35.30 -5.72 39.70
N PRO B 4 -35.14 -5.02 38.58
CA PRO B 4 -36.24 -4.92 37.62
C PRO B 4 -36.52 -6.26 36.95
N THR B 5 -37.78 -6.45 36.55
CA THR B 5 -38.20 -7.68 35.91
C THR B 5 -38.20 -7.51 34.39
N PRO B 6 -38.14 -8.61 33.63
CA PRO B 6 -38.13 -8.47 32.16
C PRO B 6 -39.35 -7.78 31.61
N HIS B 7 -40.53 -8.07 32.18
CA HIS B 7 -41.76 -7.44 31.72
C HIS B 7 -41.77 -5.95 32.04
N GLU B 8 -41.18 -5.57 33.16
CA GLU B 8 -41.16 -4.16 33.55
C GLU B 8 -40.22 -3.35 32.68
N ILE B 9 -39.05 -3.89 32.35
CA ILE B 9 -38.11 -3.16 31.51
C ILE B 9 -38.61 -3.08 30.08
N ARG B 10 -39.33 -4.11 29.61
CA ARG B 10 -39.83 -4.06 28.24
C ARG B 10 -40.96 -3.05 28.11
N ASN B 11 -41.77 -2.90 29.16
CA ASN B 11 -42.83 -1.89 29.12
C ASN B 11 -42.23 -0.50 28.99
N HIS B 12 -41.05 -0.29 29.57
CA HIS B 12 -40.38 1.01 29.46
C HIS B 12 -39.81 1.18 28.06
N LEU B 13 -39.24 0.12 27.49
CA LEU B 13 -38.69 0.18 26.14
C LEU B 13 -39.77 0.35 25.09
N ASP B 14 -40.98 -0.16 25.37
CA ASP B 14 -42.07 -0.04 24.41
C ASP B 14 -42.42 1.42 24.15
N ASP B 15 -42.22 2.29 25.14
CA ASP B 15 -42.53 3.70 24.96
C ASP B 15 -41.60 4.35 23.93
N TYR B 16 -40.36 3.86 23.83
CA TYR B 16 -39.38 4.40 22.92
C TYR B 16 -39.10 3.52 21.70
N VAL B 17 -39.52 2.26 21.71
CA VAL B 17 -39.26 1.34 20.61
C VAL B 17 -40.54 0.59 20.27
N ILE B 18 -40.74 0.30 18.98
CA ILE B 18 -41.93 -0.39 18.49
C ILE B 18 -41.53 -1.40 17.42
N GLY B 19 -42.29 -2.48 17.34
CA GLY B 19 -42.10 -3.50 16.31
C GLY B 19 -40.80 -4.27 16.37
N GLN B 20 -40.20 -4.41 17.55
CA GLN B 20 -38.95 -5.14 17.73
C GLN B 20 -39.05 -6.09 18.91
N GLU B 21 -40.17 -6.81 18.99
CA GLU B 21 -40.40 -7.74 20.09
C GLU B 21 -39.31 -8.78 20.20
N GLN B 22 -38.82 -9.28 19.06
CA GLN B 22 -37.77 -10.30 19.08
C GLN B 22 -36.50 -9.78 19.73
N ALA B 23 -36.18 -8.50 19.55
CA ALA B 23 -34.95 -7.94 20.10
C ALA B 23 -35.10 -7.50 21.55
N LYS B 24 -36.29 -7.08 21.96
CA LYS B 24 -36.47 -6.62 23.33
C LYS B 24 -36.29 -7.77 24.33
N LYS B 25 -36.76 -8.97 23.96
CA LYS B 25 -36.63 -10.10 24.87
C LYS B 25 -35.17 -10.51 25.04
N VAL B 26 -34.35 -10.34 24.00
CA VAL B 26 -32.95 -10.73 24.09
C VAL B 26 -32.20 -9.83 25.05
N LEU B 27 -32.39 -8.52 24.93
CA LEU B 27 -31.72 -7.60 25.83
C LEU B 27 -32.23 -7.75 27.25
N ALA B 28 -33.49 -8.14 27.41
CA ALA B 28 -34.07 -8.29 28.75
C ALA B 28 -33.42 -9.43 29.51
N VAL B 29 -33.20 -10.57 28.85
CA VAL B 29 -32.60 -11.71 29.54
C VAL B 29 -31.16 -11.41 29.94
N ALA B 30 -30.43 -10.66 29.12
CA ALA B 30 -29.05 -10.34 29.45
C ALA B 30 -28.99 -9.43 30.67
N VAL B 31 -29.81 -8.38 30.68
CA VAL B 31 -29.85 -7.48 31.83
C VAL B 31 -30.28 -8.25 33.07
N TYR B 32 -31.27 -9.12 32.94
CA TYR B 32 -31.70 -9.94 34.06
C TYR B 32 -30.57 -10.86 34.50
N ASN B 33 -29.87 -11.45 33.54
CA ASN B 33 -28.75 -12.32 33.88
C ASN B 33 -27.63 -11.53 34.52
N HIS B 34 -27.36 -10.32 34.01
CA HIS B 34 -26.29 -9.50 34.57
C HIS B 34 -26.57 -9.12 36.01
N TYR B 35 -27.81 -8.71 36.30
CA TYR B 35 -28.14 -8.35 37.68
C TYR B 35 -28.11 -9.58 38.58
N LYS B 36 -28.58 -10.72 38.08
CA LYS B 36 -28.52 -11.95 38.87
C LYS B 36 -27.09 -12.33 39.14
N ARG B 37 -26.20 -12.14 38.15
CA ARG B 37 -24.79 -12.42 38.33
C ARG B 37 -24.20 -11.47 39.36
N LEU B 38 -24.71 -10.24 39.43
CA LEU B 38 -24.27 -9.23 40.37
C LEU B 38 -25.08 -9.24 41.66
N ARG B 39 -26.05 -10.14 41.79
CA ARG B 39 -26.85 -10.21 43.00
C ARG B 39 -26.11 -10.97 44.10
N ASN B 40 -25.49 -12.09 43.73
CA ASN B 40 -24.73 -12.92 44.66
C ASN B 40 -23.26 -12.50 44.63
N GLY B 41 -22.64 -12.51 45.80
CA GLY B 41 -21.25 -12.12 45.92
C GLY B 41 -20.31 -13.26 45.63
N ASP B 42 -20.27 -13.69 44.37
CA ASP B 42 -19.41 -14.78 43.91
C ASP B 42 -19.69 -16.07 44.69
N THR B 43 -20.96 -16.29 45.02
CA THR B 43 -21.41 -17.49 45.72
C THR B 43 -22.59 -18.06 44.94
N SER B 44 -22.46 -19.30 44.50
CA SER B 44 -23.51 -19.95 43.73
C SER B 44 -23.32 -21.45 43.79
N ASN B 45 -24.40 -22.18 43.44
CA ASN B 45 -24.31 -23.63 43.41
C ASN B 45 -23.31 -24.07 42.34
N GLY B 46 -23.32 -23.40 41.19
CA GLY B 46 -22.39 -23.67 40.11
C GLY B 46 -21.36 -22.55 40.04
N VAL B 47 -20.10 -22.94 40.16
CA VAL B 47 -18.99 -22.00 40.14
C VAL B 47 -18.66 -21.66 38.68
N GLU B 48 -17.86 -20.61 38.47
CA GLU B 48 -17.46 -20.16 37.13
C GLU B 48 -18.66 -19.76 36.28
N LEU B 49 -19.49 -18.85 36.81
CA LEU B 49 -20.64 -18.34 36.08
C LEU B 49 -20.24 -17.83 34.71
N GLY B 50 -20.99 -18.23 33.68
CA GLY B 50 -20.67 -17.85 32.32
C GLY B 50 -21.13 -16.44 31.96
N LYS B 51 -20.50 -15.93 30.90
CA LYS B 51 -20.78 -14.60 30.35
C LYS B 51 -21.32 -14.75 28.93
N SER B 52 -22.43 -14.06 28.64
CA SER B 52 -23.06 -14.08 27.33
C SER B 52 -22.96 -12.70 26.70
N ASN B 53 -22.52 -12.66 25.44
CA ASN B 53 -22.37 -11.42 24.68
C ASN B 53 -23.42 -11.37 23.57
N ILE B 54 -24.06 -10.21 23.41
CA ILE B 54 -25.11 -10.00 22.42
C ILE B 54 -24.50 -9.46 21.13
N LEU B 55 -25.05 -9.90 20.00
CA LEU B 55 -24.65 -9.44 18.67
C LEU B 55 -25.91 -8.91 18.00
N LEU B 56 -26.11 -7.59 18.05
CA LEU B 56 -27.29 -6.98 17.44
C LEU B 56 -27.06 -6.80 15.95
N ILE B 57 -27.95 -7.38 15.14
CA ILE B 57 -27.90 -7.29 13.68
C ILE B 57 -29.29 -6.90 13.19
N GLY B 58 -29.35 -5.90 12.32
CA GLY B 58 -30.61 -5.45 11.78
C GLY B 58 -30.41 -4.57 10.56
N PRO B 59 -31.51 -4.21 9.88
CA PRO B 59 -31.36 -3.33 8.72
C PRO B 59 -30.98 -1.92 9.11
N THR B 60 -30.83 -1.04 8.13
CA THR B 60 -30.48 0.35 8.41
C THR B 60 -31.64 1.08 9.06
N GLY B 61 -31.34 1.86 10.08
CA GLY B 61 -32.35 2.64 10.77
C GLY B 61 -33.42 1.81 11.44
N SER B 62 -33.10 0.56 11.82
CA SER B 62 -34.08 -0.30 12.45
C SER B 62 -34.31 0.05 13.92
N GLY B 63 -33.36 0.70 14.57
CA GLY B 63 -33.48 1.09 15.97
C GLY B 63 -32.40 0.50 16.86
N LYS B 64 -31.25 0.15 16.27
CA LYS B 64 -30.17 -0.42 17.08
C LYS B 64 -29.57 0.63 18.00
N THR B 65 -29.16 1.77 17.43
CA THR B 65 -28.55 2.82 18.24
C THR B 65 -29.52 3.36 19.28
N LEU B 66 -30.83 3.29 18.99
CA LEU B 66 -31.82 3.80 19.93
C LEU B 66 -31.89 2.95 21.19
N LEU B 67 -31.73 1.63 21.05
CA LEU B 67 -31.84 0.75 22.21
C LEU B 67 -30.70 0.99 23.19
N ALA B 68 -29.49 1.19 22.69
CA ALA B 68 -28.36 1.43 23.59
C ALA B 68 -28.52 2.74 24.35
N GLU B 69 -29.13 3.74 23.74
CA GLU B 69 -29.34 5.02 24.41
C GLU B 69 -30.42 4.91 25.47
N THR B 70 -31.55 4.30 25.12
CA THR B 70 -32.64 4.16 26.08
C THR B 70 -32.25 3.22 27.21
N LEU B 71 -31.39 2.24 26.93
CA LEU B 71 -30.99 1.28 27.96
C LEU B 71 -30.23 1.98 29.09
N ALA B 72 -29.35 2.91 28.74
CA ALA B 72 -28.56 3.60 29.75
C ALA B 72 -29.43 4.45 30.67
N ARG B 73 -30.58 4.93 30.18
CA ARG B 73 -31.44 5.76 31.01
C ARG B 73 -32.04 4.96 32.16
N LEU B 74 -32.56 3.77 31.87
CA LEU B 74 -33.16 2.92 32.89
C LEU B 74 -32.13 2.10 33.64
N LEU B 75 -30.93 1.92 33.09
CA LEU B 75 -29.89 1.13 33.74
C LEU B 75 -29.25 1.92 34.86
N ASP B 76 -29.12 1.29 36.03
CA ASP B 76 -28.51 1.93 37.19
C ASP B 76 -26.99 1.81 37.15
N VAL B 77 -26.48 0.62 36.83
CA VAL B 77 -25.03 0.38 36.74
C VAL B 77 -24.46 1.28 35.66
N PRO B 78 -23.13 1.45 35.57
CA PRO B 78 -22.60 2.35 34.53
C PRO B 78 -22.74 1.77 33.14
N PHE B 79 -22.79 2.67 32.17
CA PHE B 79 -22.93 2.34 30.76
C PHE B 79 -22.06 3.26 29.93
N THR B 80 -21.47 2.73 28.87
CA THR B 80 -20.65 3.49 27.96
C THR B 80 -21.08 3.20 26.53
N MET B 81 -20.85 4.17 25.64
CA MET B 81 -21.21 4.08 24.23
C MET B 81 -19.95 4.37 23.43
N ALA B 82 -19.19 3.32 23.13
CA ALA B 82 -17.95 3.46 22.37
C ALA B 82 -18.23 3.25 20.89
N ASP B 83 -17.16 3.29 20.08
CA ASP B 83 -17.27 3.12 18.65
C ASP B 83 -16.03 2.38 18.15
N ALA B 84 -16.24 1.51 17.16
CA ALA B 84 -15.16 0.73 16.57
C ALA B 84 -14.43 1.44 15.44
N THR B 85 -14.86 2.65 15.08
CA THR B 85 -14.23 3.39 14.00
C THR B 85 -12.80 3.78 14.33
N THR B 86 -12.53 4.19 15.56
CA THR B 86 -11.22 4.69 15.97
C THR B 86 -10.30 3.65 16.59
N LEU B 87 -10.74 2.39 16.72
CA LEU B 87 -9.88 1.36 17.31
C LEU B 87 -8.61 1.17 16.47
N THR B 88 -7.46 1.26 17.14
CA THR B 88 -6.14 1.14 16.50
C THR B 88 -5.39 -0.07 17.06
N GLU B 89 -5.45 -1.18 16.34
CA GLU B 89 -4.73 -2.37 16.74
C GLU B 89 -3.23 -2.21 16.52
N ALA B 90 -2.43 -2.79 17.43
CA ALA B 90 -0.98 -2.76 17.38
C ALA B 90 -0.42 -1.37 17.70
N GLY B 91 -1.16 -0.60 18.49
CA GLY B 91 -0.75 0.72 18.91
C GLY B 91 -0.35 1.70 17.83
N TYR B 92 -1.21 1.94 16.85
CA TYR B 92 -0.95 2.93 15.82
C TYR B 92 -1.59 4.24 16.27
N VAL B 93 -1.42 5.29 15.46
CA VAL B 93 -2.01 6.59 15.80
C VAL B 93 -3.52 6.46 15.87
N GLY B 94 -4.10 7.07 16.90
CA GLY B 94 -5.53 7.04 17.14
C GLY B 94 -5.85 6.32 18.43
N GLU B 95 -7.15 6.22 18.71
CA GLU B 95 -7.61 5.56 19.92
C GLU B 95 -7.30 4.07 19.89
N ASP B 96 -7.15 3.51 21.09
CA ASP B 96 -6.83 2.10 21.29
C ASP B 96 -7.95 1.43 22.08
N VAL B 97 -8.02 0.10 21.93
CA VAL B 97 -9.02 -0.72 22.62
C VAL B 97 -9.14 -0.33 24.10
N GLU B 98 -7.99 -0.19 24.76
CA GLU B 98 -7.96 0.18 26.18
C GLU B 98 -8.76 1.44 26.47
N ASN B 99 -8.79 2.39 25.53
CA ASN B 99 -9.55 3.64 25.69
C ASN B 99 -10.97 3.38 26.16
N ILE B 100 -11.61 2.35 25.60
CA ILE B 100 -12.98 1.97 25.99
C ILE B 100 -13.08 1.82 27.50
N ILE B 101 -12.06 1.25 28.11
CA ILE B 101 -12.07 1.06 29.57
C ILE B 101 -11.87 2.39 30.27
N GLN B 102 -10.95 3.22 29.78
CA GLN B 102 -10.72 4.51 30.41
C GLN B 102 -11.96 5.39 30.31
N LYS B 103 -12.69 5.27 29.21
CA LYS B 103 -13.91 6.05 29.06
C LYS B 103 -14.98 5.60 30.04
N LEU B 104 -14.97 4.31 30.41
CA LEU B 104 -15.95 3.78 31.35
C LEU B 104 -15.76 4.33 32.77
N LEU B 105 -14.63 4.98 33.06
CA LEU B 105 -14.43 5.53 34.39
C LEU B 105 -15.06 6.90 34.54
N GLN B 106 -15.19 7.65 33.43
CA GLN B 106 -15.81 8.96 33.49
C GLN B 106 -17.25 8.85 33.98
N LYS B 107 -17.95 7.81 33.54
CA LYS B 107 -19.32 7.58 33.96
C LYS B 107 -19.38 6.96 35.35
N SER B 108 -18.35 6.18 35.70
CA SER B 108 -18.27 5.52 37.00
C SER B 108 -17.50 6.34 38.03
N ASP B 109 -16.83 7.42 37.61
CA ASP B 109 -16.08 8.29 38.50
C ASP B 109 -14.96 7.54 39.23
N TYR B 110 -14.10 6.89 38.46
CA TYR B 110 -12.94 6.15 38.96
C TYR B 110 -13.29 5.21 40.11
N ASP B 111 -14.17 4.24 39.80
CA ASP B 111 -14.61 3.23 40.75
C ASP B 111 -14.41 1.87 40.08
N VAL B 112 -13.36 1.17 40.49
CA VAL B 112 -13.04 -0.13 39.89
C VAL B 112 -14.12 -1.15 40.22
N GLN B 113 -14.51 -1.24 41.48
CA GLN B 113 -15.54 -2.20 41.87
C GLN B 113 -16.86 -1.88 41.19
N LYS B 114 -17.14 -0.61 40.96
CA LYS B 114 -18.36 -0.21 40.27
C LYS B 114 -18.21 -0.29 38.76
N ALA B 115 -16.98 -0.31 38.24
CA ALA B 115 -16.75 -0.38 36.81
C ALA B 115 -16.79 -1.80 36.28
N GLN B 116 -16.35 -2.78 37.08
CA GLN B 116 -16.38 -4.16 36.61
C GLN B 116 -17.79 -4.65 36.40
N ARG B 117 -18.77 -4.05 37.08
CA ARG B 117 -20.18 -4.40 36.91
C ARG B 117 -20.85 -3.54 35.85
N GLY B 118 -20.07 -2.92 34.95
CA GLY B 118 -20.64 -2.07 33.92
C GLY B 118 -20.98 -2.82 32.65
N ILE B 119 -21.67 -2.11 31.75
CA ILE B 119 -22.09 -2.62 30.46
C ILE B 119 -21.40 -1.80 29.39
N VAL B 120 -21.08 -2.44 28.26
CA VAL B 120 -20.39 -1.79 27.15
C VAL B 120 -21.18 -2.01 25.87
N TYR B 121 -21.24 -0.99 25.04
CA TYR B 121 -21.92 -1.03 23.75
C TYR B 121 -20.98 -0.47 22.69
N ILE B 122 -20.92 -1.16 21.56
CA ILE B 122 -20.10 -0.76 20.43
C ILE B 122 -21.04 -0.65 19.23
N ASP B 123 -20.58 0.07 18.20
CA ASP B 123 -21.36 0.27 16.99
C ASP B 123 -20.42 0.21 15.80
N GLN B 124 -21.01 -0.06 14.64
CA GLN B 124 -20.26 -0.18 13.39
C GLN B 124 -19.25 -1.32 13.47
N ILE B 125 -19.66 -2.43 14.08
CA ILE B 125 -18.79 -3.59 14.20
C ILE B 125 -18.62 -4.27 12.85
N ASP B 126 -19.61 -4.16 11.98
CA ASP B 126 -19.49 -4.75 10.65
C ASP B 126 -18.36 -4.13 9.85
N LYS B 127 -18.13 -2.83 10.05
CA LYS B 127 -17.10 -2.09 9.32
C LYS B 127 -15.69 -2.64 9.51
N ILE B 128 -15.43 -3.36 10.60
CA ILE B 128 -14.08 -3.87 10.88
C ILE B 128 -13.87 -5.27 10.32
N SER B 129 -14.79 -5.76 9.49
CA SER B 129 -14.66 -7.09 8.91
C SER B 129 -13.88 -7.04 7.62
N ARG B 130 -13.18 -8.13 7.33
CA ARG B 130 -12.38 -8.20 6.11
C ARG B 130 -13.31 -8.19 4.89
N LYS B 131 -12.74 -7.79 3.76
CA LYS B 131 -13.50 -7.65 2.51
C LYS B 131 -13.70 -9.03 1.86
N SER B 132 -14.51 -9.84 2.52
CA SER B 132 -14.88 -11.20 2.07
C SER B 132 -13.66 -12.03 1.67
N ASP B 133 -12.54 -11.84 2.36
CA ASP B 133 -11.30 -12.57 2.10
C ASP B 133 -10.76 -13.10 3.42
N ASN B 134 -10.48 -14.40 3.48
CA ASN B 134 -9.95 -14.97 4.72
C ASN B 134 -8.51 -14.52 4.96
N PRO B 135 -7.57 -14.64 4.01
CA PRO B 135 -6.21 -14.16 4.28
C PRO B 135 -6.04 -12.68 3.95
N SER B 136 -5.51 -11.89 4.88
CA SER B 136 -5.31 -10.46 4.64
C SER B 136 -3.95 -10.25 4.01
N ILE B 137 -3.92 -9.46 2.94
CA ILE B 137 -2.68 -9.25 2.19
C ILE B 137 -1.82 -8.15 2.80
N THR B 138 -2.42 -7.03 3.22
CA THR B 138 -1.66 -5.87 3.70
C THR B 138 -1.84 -5.61 5.21
N ARG B 139 -2.15 -6.64 5.99
CA ARG B 139 -2.29 -6.51 7.44
C ARG B 139 -3.23 -5.37 7.83
N ASP B 140 -4.50 -5.51 7.43
CA ASP B 140 -5.53 -4.51 7.72
C ASP B 140 -5.54 -4.14 9.20
N VAL B 141 -5.44 -2.84 9.47
CA VAL B 141 -5.41 -2.34 10.84
C VAL B 141 -6.77 -2.52 11.51
N SER B 142 -7.85 -2.34 10.76
CA SER B 142 -9.21 -2.48 11.25
C SER B 142 -9.91 -3.71 10.69
N GLY B 143 -9.16 -4.62 10.07
CA GLY B 143 -9.65 -5.86 9.50
C GLY B 143 -9.16 -6.98 10.38
N GLU B 144 -8.09 -7.64 9.93
CA GLU B 144 -7.39 -8.72 10.62
C GLU B 144 -6.68 -8.25 11.90
N GLY B 145 -6.82 -6.97 12.25
CA GLY B 145 -6.21 -6.30 13.39
C GLY B 145 -7.19 -6.21 14.53
N VAL B 146 -7.86 -5.07 14.68
CA VAL B 146 -8.78 -4.74 15.79
C VAL B 146 -9.66 -5.92 16.18
N GLN B 147 -10.20 -6.65 15.20
CA GLN B 147 -11.00 -7.83 15.53
C GLN B 147 -10.24 -8.78 16.45
N GLN B 148 -8.95 -9.00 16.16
CA GLN B 148 -8.15 -9.87 17.02
C GLN B 148 -7.90 -9.21 18.37
N ALA B 149 -7.55 -7.93 18.37
CA ALA B 149 -7.29 -7.19 19.60
C ALA B 149 -8.45 -7.27 20.57
N LEU B 150 -9.67 -7.23 20.05
CA LEU B 150 -10.85 -7.25 20.90
C LEU B 150 -11.05 -8.61 21.57
N LEU B 151 -10.56 -9.69 20.96
CA LEU B 151 -10.71 -11.04 21.52
C LEU B 151 -10.24 -11.13 22.96
N LYS B 152 -9.11 -10.50 23.28
CA LYS B 152 -8.57 -10.58 24.64
C LYS B 152 -9.52 -9.94 25.64
N LEU B 153 -10.12 -8.81 25.28
CA LEU B 153 -11.02 -8.12 26.20
C LEU B 153 -12.27 -8.92 26.49
N ILE B 154 -12.89 -9.49 25.45
CA ILE B 154 -14.12 -10.25 25.65
C ILE B 154 -13.82 -11.55 26.40
N GLU B 155 -12.70 -12.19 26.08
CA GLU B 155 -12.33 -13.44 26.73
C GLU B 155 -12.15 -13.25 28.23
N GLY B 156 -11.57 -12.10 28.62
CA GLY B 156 -11.34 -11.77 30.01
C GLY B 156 -9.86 -11.67 30.33
N THR B 157 -9.40 -10.45 30.56
CA THR B 157 -8.00 -10.17 30.88
C THR B 157 -7.97 -8.85 31.65
N VAL B 158 -6.77 -8.36 31.90
CA VAL B 158 -6.56 -7.10 32.63
C VAL B 158 -5.63 -6.23 31.81
N ALA B 159 -6.01 -4.96 31.65
CA ALA B 159 -5.25 -3.98 30.87
C ALA B 159 -4.96 -2.76 31.72
N ALA B 160 -3.72 -2.29 31.64
CA ALA B 160 -3.33 -1.10 32.38
C ALA B 160 -3.95 0.13 31.75
N VAL B 161 -4.42 1.04 32.60
CA VAL B 161 -5.10 2.27 32.16
C VAL B 161 -4.53 3.46 32.91
N PRO B 162 -4.23 4.60 32.26
CA PRO B 162 -3.74 5.77 33.01
C PRO B 162 -4.81 6.27 33.96
N PRO B 163 -4.51 6.42 35.25
CA PRO B 163 -5.57 6.87 36.18
C PRO B 163 -6.03 8.30 35.93
N GLN B 164 -5.12 9.22 35.65
CA GLN B 164 -5.45 10.62 35.41
C GLN B 164 -4.77 11.11 34.15
N GLY B 165 -5.21 12.28 33.69
CA GLY B 165 -4.66 12.89 32.50
C GLY B 165 -3.51 13.84 32.80
N GLN B 171 4.52 9.77 40.32
CA GLN B 171 4.07 8.38 40.42
C GLN B 171 3.79 7.82 39.04
N GLN B 172 2.69 8.29 38.44
CA GLN B 172 2.27 7.87 37.11
C GLN B 172 2.16 6.34 37.00
N GLU B 173 1.50 5.75 38.00
CA GLU B 173 1.28 4.31 38.06
C GLU B 173 -0.09 3.98 37.50
N PHE B 174 -0.26 2.74 37.05
CA PHE B 174 -1.49 2.30 36.41
C PHE B 174 -2.24 1.30 37.28
N LEU B 175 -3.51 1.10 36.94
CA LEU B 175 -4.41 0.19 37.62
C LEU B 175 -4.87 -0.92 36.69
N GLN B 176 -5.21 -2.06 37.27
CA GLN B 176 -5.67 -3.24 36.53
C GLN B 176 -7.14 -3.51 36.85
N VAL B 177 -7.95 -3.67 35.81
CA VAL B 177 -9.38 -3.96 35.95
C VAL B 177 -9.72 -5.12 35.01
N ASP B 178 -10.30 -6.18 35.56
CA ASP B 178 -10.67 -7.34 34.77
C ASP B 178 -11.96 -7.09 33.99
N THR B 179 -12.06 -7.76 32.85
CA THR B 179 -13.23 -7.68 31.96
C THR B 179 -14.01 -8.99 31.92
N SER B 180 -13.59 -10.01 32.66
CA SER B 180 -14.27 -11.31 32.65
C SER B 180 -15.74 -11.19 33.02
N LYS B 181 -16.11 -10.22 33.85
CA LYS B 181 -17.47 -10.03 34.32
C LYS B 181 -18.04 -8.69 33.85
N ILE B 182 -17.75 -8.34 32.60
CA ILE B 182 -18.24 -7.12 31.96
C ILE B 182 -18.92 -7.53 30.67
N LEU B 183 -20.09 -6.95 30.42
CA LEU B 183 -20.88 -7.26 29.24
C LEU B 183 -20.47 -6.35 28.08
N PHE B 184 -20.61 -6.87 26.87
CA PHE B 184 -20.30 -6.15 25.64
C PHE B 184 -21.39 -6.43 24.63
N ILE B 185 -21.91 -5.37 24.01
CA ILE B 185 -22.96 -5.46 23.01
C ILE B 185 -22.38 -4.86 21.73
N CYS B 186 -21.90 -5.72 20.84
CA CYS B 186 -21.29 -5.32 19.57
C CYS B 186 -22.30 -5.61 18.46
N GLY B 187 -22.82 -4.56 17.85
CA GLY B 187 -23.80 -4.71 16.79
C GLY B 187 -23.77 -3.59 15.76
N GLY B 188 -23.92 -3.96 14.49
CA GLY B 188 -23.90 -2.99 13.41
C GLY B 188 -24.60 -3.54 12.19
N ALA B 189 -25.21 -2.64 11.42
CA ALA B 189 -25.93 -3.03 10.22
C ALA B 189 -24.96 -3.51 9.16
N PHE B 190 -24.98 -4.81 8.89
CA PHE B 190 -24.09 -5.40 7.91
C PHE B 190 -24.58 -5.10 6.50
N ALA B 191 -23.64 -4.75 5.63
CA ALA B 191 -23.91 -4.41 4.25
C ALA B 191 -23.44 -5.54 3.34
N GLY B 192 -24.29 -5.95 2.41
CA GLY B 192 -23.96 -7.01 1.48
C GLY B 192 -24.10 -8.41 2.04
N LEU B 193 -24.59 -8.56 3.27
CA LEU B 193 -24.74 -9.88 3.85
C LEU B 193 -25.80 -10.71 3.13
N ASP B 194 -26.80 -10.06 2.55
CA ASP B 194 -27.85 -10.79 1.86
C ASP B 194 -27.31 -11.57 0.67
N LYS B 195 -26.29 -11.05 -0.01
CA LYS B 195 -25.72 -11.76 -1.16
C LYS B 195 -25.07 -13.07 -0.72
N VAL B 196 -24.37 -13.05 0.41
CA VAL B 196 -23.71 -14.26 0.90
C VAL B 196 -24.73 -15.29 1.35
N ILE B 197 -25.76 -14.85 2.08
CA ILE B 197 -26.78 -15.77 2.57
C ILE B 197 -27.52 -16.41 1.40
N SER B 198 -27.80 -15.63 0.36
CA SER B 198 -28.49 -16.15 -0.81
C SER B 198 -27.70 -17.26 -1.47
N HIS B 199 -26.38 -17.12 -1.51
CA HIS B 199 -25.52 -18.13 -2.14
C HIS B 199 -25.64 -19.48 -1.45
N ARG B 200 -25.78 -19.49 -0.13
CA ARG B 200 -25.82 -20.73 0.64
C ARG B 200 -27.21 -21.30 0.89
N VAL B 201 -28.27 -20.56 0.62
CA VAL B 201 -29.62 -21.04 0.92
C VAL B 201 -30.55 -21.08 -0.29
N GLU B 202 -30.33 -20.31 -1.34
CA GLU B 202 -31.28 -20.37 -2.45
C GLU B 202 -31.17 -21.68 -3.22
N THR B 203 -29.93 -22.08 -3.55
CA THR B 203 -29.60 -23.28 -4.30
C THR B 203 -30.58 -23.54 -5.44
N GLY B 204 -30.81 -22.53 -6.26
CA GLY B 204 -31.70 -22.64 -7.40
C GLY B 204 -31.22 -21.86 -8.61
N SER B 205 -29.94 -21.50 -8.61
CA SER B 205 -29.39 -20.72 -9.71
C SER B 205 -29.07 -21.61 -10.91
N GLY B 206 -29.25 -21.04 -12.09
CA GLY B 206 -28.98 -21.73 -13.34
C GLY B 206 -30.04 -21.46 -14.38
N ILE B 207 -29.84 -22.03 -15.57
CA ILE B 207 -30.75 -21.87 -16.70
C ILE B 207 -31.35 -23.23 -17.02
N GLY B 208 -32.67 -23.28 -17.13
CA GLY B 208 -33.34 -24.52 -17.46
C GLY B 208 -34.78 -24.53 -17.03
N PHE B 209 -35.52 -25.48 -17.61
CA PHE B 209 -36.94 -25.63 -17.29
C PHE B 209 -37.16 -26.00 -15.83
N GLY B 210 -36.29 -26.87 -15.30
CA GLY B 210 -36.41 -27.33 -13.94
C GLY B 210 -35.56 -26.58 -12.93
N ALA B 211 -35.17 -25.36 -13.27
CA ALA B 211 -34.35 -24.52 -12.40
C ALA B 211 -35.26 -23.48 -11.76
N THR B 212 -35.37 -23.55 -10.43
CA THR B 212 -36.21 -22.63 -9.68
C THR B 212 -35.54 -21.25 -9.65
N VAL B 213 -36.03 -20.34 -10.50
CA VAL B 213 -35.49 -18.99 -10.60
C VAL B 213 -36.69 -18.05 -10.56
N LYS B 214 -36.98 -17.52 -9.37
CA LYS B 214 -38.08 -16.57 -9.16
C LYS B 214 -37.54 -15.53 -8.19
N ALA B 215 -37.31 -14.31 -8.67
CA ALA B 215 -36.75 -13.25 -7.83
C ALA B 215 -37.45 -11.93 -8.12
N LYS B 216 -37.23 -10.99 -7.19
CA LYS B 216 -37.74 -9.63 -7.17
C LYS B 216 -39.22 -9.57 -6.78
N SER B 217 -39.91 -10.70 -6.60
CA SER B 217 -41.31 -10.74 -6.21
C SER B 217 -41.52 -11.40 -4.86
N ASP B 218 -40.99 -12.60 -4.68
CA ASP B 218 -41.11 -13.39 -3.46
C ASP B 218 -39.79 -13.60 -2.73
N LYS B 219 -38.75 -14.03 -3.44
CA LYS B 219 -37.46 -14.31 -2.81
C LYS B 219 -36.67 -13.03 -2.60
N ALA B 220 -35.53 -13.21 -1.92
CA ALA B 220 -34.60 -12.13 -1.59
C ALA B 220 -35.18 -11.16 -0.55
N SER B 221 -36.03 -11.66 0.34
CA SER B 221 -36.58 -10.80 1.38
C SER B 221 -35.48 -10.50 2.40
N GLU B 222 -35.37 -9.23 2.80
CA GLU B 222 -34.33 -8.85 3.73
C GLU B 222 -34.53 -9.49 5.10
N GLY B 223 -35.77 -9.50 5.60
CA GLY B 223 -36.02 -10.06 6.92
C GLY B 223 -35.81 -11.57 6.97
N GLU B 224 -36.34 -12.29 5.97
CA GLU B 224 -36.21 -13.74 5.96
C GLU B 224 -34.76 -14.19 5.85
N LEU B 225 -33.97 -13.52 5.02
CA LEU B 225 -32.58 -13.90 4.84
C LEU B 225 -31.78 -13.78 6.13
N LEU B 226 -31.97 -12.68 6.85
CA LEU B 226 -31.25 -12.47 8.11
C LEU B 226 -31.62 -13.52 9.15
N ALA B 227 -32.90 -13.91 9.17
CA ALA B 227 -33.35 -14.90 10.15
C ALA B 227 -32.62 -16.22 10.00
N GLN B 228 -32.35 -16.62 8.77
CA GLN B 228 -31.66 -17.88 8.48
C GLN B 228 -30.15 -17.78 8.65
N VAL B 229 -29.63 -16.68 9.19
CA VAL B 229 -28.19 -16.52 9.36
C VAL B 229 -27.65 -17.53 10.37
N GLU B 230 -26.38 -17.91 10.17
CA GLU B 230 -25.68 -18.84 11.04
C GLU B 230 -24.24 -18.36 11.19
N PRO B 231 -23.49 -18.86 12.18
CA PRO B 231 -22.10 -18.41 12.31
C PRO B 231 -21.22 -18.76 11.12
N GLU B 232 -21.48 -19.90 10.46
CA GLU B 232 -20.69 -20.29 9.30
C GLU B 232 -20.85 -19.29 8.16
N ASP B 233 -22.00 -18.62 8.08
CA ASP B 233 -22.22 -17.65 7.02
C ASP B 233 -21.34 -16.42 7.18
N LEU B 234 -21.07 -16.02 8.43
CA LEU B 234 -20.24 -14.84 8.67
C LEU B 234 -18.79 -15.07 8.28
N ILE B 235 -18.34 -16.33 8.20
CA ILE B 235 -16.95 -16.58 7.82
C ILE B 235 -16.71 -16.15 6.39
N LYS B 236 -17.68 -16.40 5.50
CA LYS B 236 -17.56 -15.98 4.12
C LYS B 236 -17.63 -14.46 4.00
N PHE B 237 -18.23 -13.79 4.98
CA PHE B 237 -18.36 -12.33 4.96
C PHE B 237 -17.03 -11.66 5.27
N GLY B 238 -16.26 -12.24 6.19
CA GLY B 238 -14.97 -11.68 6.57
C GLY B 238 -14.65 -11.79 8.04
N LEU B 239 -15.66 -12.02 8.88
CA LEU B 239 -15.41 -12.13 10.31
C LEU B 239 -14.61 -13.39 10.63
N ILE B 240 -13.81 -13.29 11.69
CA ILE B 240 -12.96 -14.39 12.14
C ILE B 240 -13.84 -15.30 13.00
N PRO B 241 -13.68 -16.63 12.96
CA PRO B 241 -14.55 -17.46 13.82
C PRO B 241 -14.32 -17.23 15.30
N GLU B 242 -13.09 -16.89 15.69
CA GLU B 242 -12.79 -16.62 17.09
C GLU B 242 -13.64 -15.48 17.63
N PHE B 243 -13.79 -14.41 16.84
CA PHE B 243 -14.59 -13.28 17.29
C PHE B 243 -16.06 -13.66 17.38
N ILE B 244 -16.54 -14.50 16.47
CA ILE B 244 -17.93 -14.92 16.52
C ILE B 244 -18.17 -15.86 17.69
N GLY B 245 -17.15 -16.64 18.07
CA GLY B 245 -17.30 -17.55 19.19
C GLY B 245 -17.56 -16.83 20.50
N ARG B 246 -16.99 -15.64 20.67
CA ARG B 246 -17.19 -14.87 21.88
C ARG B 246 -18.58 -14.24 21.96
N LEU B 247 -19.35 -14.26 20.86
CA LEU B 247 -20.69 -13.69 20.81
C LEU B 247 -21.66 -14.80 20.43
N PRO B 248 -22.08 -15.63 21.38
CA PRO B 248 -23.02 -16.71 21.05
C PRO B 248 -24.40 -16.21 20.68
N VAL B 249 -24.92 -15.24 21.45
CA VAL B 249 -26.27 -14.75 21.19
C VAL B 249 -26.27 -13.89 19.94
N VAL B 250 -27.38 -13.97 19.19
CA VAL B 250 -27.56 -13.22 17.95
C VAL B 250 -29.01 -12.76 17.90
N ALA B 251 -29.23 -11.49 17.57
CA ALA B 251 -30.56 -10.91 17.47
C ALA B 251 -30.76 -10.43 16.04
N THR B 252 -31.78 -10.95 15.39
CA THR B 252 -32.12 -10.62 14.01
C THR B 252 -33.33 -9.69 13.99
N LEU B 253 -33.10 -8.41 13.72
CA LEU B 253 -34.20 -7.47 13.63
C LEU B 253 -34.78 -7.52 12.22
N ASN B 254 -35.97 -6.94 12.06
CA ASN B 254 -36.68 -6.93 10.80
C ASN B 254 -36.81 -5.51 10.26
N GLU B 255 -37.23 -5.44 9.00
CA GLU B 255 -37.48 -4.17 8.34
C GLU B 255 -38.81 -3.62 8.84
N LEU B 256 -38.87 -2.31 9.04
CA LEU B 256 -40.09 -1.70 9.53
C LEU B 256 -41.23 -1.89 8.53
N SER B 257 -42.38 -2.32 9.05
CA SER B 257 -43.56 -2.54 8.25
C SER B 257 -44.35 -1.24 8.09
N GLU B 258 -45.32 -1.26 7.17
CA GLU B 258 -46.14 -0.08 6.95
C GLU B 258 -46.90 0.29 8.22
N GLU B 259 -47.45 -0.72 8.90
CA GLU B 259 -48.17 -0.46 10.15
C GLU B 259 -47.22 0.07 11.22
N ALA B 260 -46.00 -0.46 11.25
CA ALA B 260 -45.01 -0.02 12.24
C ALA B 260 -44.70 1.45 12.08
N LEU B 261 -44.63 1.93 10.84
CA LEU B 261 -44.34 3.35 10.61
C LEU B 261 -45.43 4.23 11.19
N ILE B 262 -46.69 3.83 11.01
CA ILE B 262 -47.81 4.61 11.53
C ILE B 262 -47.74 4.69 13.05
N GLN B 263 -47.44 3.56 13.69
CA GLN B 263 -47.34 3.54 15.14
C GLN B 263 -46.18 4.41 15.62
N ILE B 264 -45.05 4.36 14.92
CA ILE B 264 -43.88 5.14 15.32
C ILE B 264 -44.13 6.63 15.13
N LEU B 265 -45.04 7.00 14.23
CA LEU B 265 -45.32 8.42 14.02
C LEU B 265 -46.03 9.06 15.21
N LYS B 266 -46.85 8.30 15.95
CA LYS B 266 -47.64 8.83 17.06
C LYS B 266 -47.27 8.28 18.43
N GLU B 267 -47.15 6.96 18.57
CA GLU B 267 -46.94 6.36 19.90
C GLU B 267 -45.64 6.76 20.60
N PRO B 268 -44.48 6.84 19.95
CA PRO B 268 -43.26 7.18 20.69
C PRO B 268 -43.31 8.55 21.35
N LYS B 269 -42.55 8.67 22.44
CA LYS B 269 -42.47 9.93 23.18
C LYS B 269 -41.86 11.02 22.32
N ASN B 270 -40.87 10.67 21.50
CA ASN B 270 -40.16 11.60 20.64
C ASN B 270 -40.49 11.34 19.17
N ALA B 271 -41.75 10.98 18.90
CA ALA B 271 -42.15 10.73 17.52
C ALA B 271 -42.08 12.04 16.73
N LEU B 272 -41.62 11.92 15.48
CA LEU B 272 -41.42 13.08 14.60
C LEU B 272 -42.66 13.97 14.54
N THR B 273 -43.85 13.37 14.51
CA THR B 273 -45.07 14.17 14.47
C THR B 273 -45.17 15.07 15.70
N LYS B 274 -44.83 14.52 16.87
CA LYS B 274 -44.88 15.31 18.09
C LYS B 274 -43.80 16.39 18.10
N GLN B 275 -42.61 16.08 17.59
CA GLN B 275 -41.53 17.06 17.58
C GLN B 275 -41.89 18.27 16.72
N TYR B 276 -42.48 18.03 15.55
CA TYR B 276 -42.86 19.15 14.71
C TYR B 276 -43.97 19.97 15.37
N GLN B 277 -44.89 19.30 16.06
CA GLN B 277 -45.93 20.02 16.78
C GLN B 277 -45.33 20.94 17.83
N ALA B 278 -44.31 20.45 18.54
CA ALA B 278 -43.63 21.28 19.52
C ALA B 278 -42.98 22.46 18.84
N LEU B 279 -42.34 22.23 17.70
CA LEU B 279 -41.71 23.31 16.95
C LEU B 279 -42.75 24.34 16.54
N PHE B 280 -43.89 23.88 16.04
CA PHE B 280 -44.96 24.79 15.65
C PHE B 280 -45.64 25.43 16.87
N ASN B 281 -45.72 24.71 17.98
CA ASN B 281 -46.39 25.22 19.18
C ASN B 281 -45.78 26.51 19.68
N LEU B 282 -44.44 26.61 19.70
CA LEU B 282 -43.82 27.84 20.18
C LEU B 282 -44.16 29.01 19.26
N GLU B 283 -44.28 28.75 17.96
CA GLU B 283 -44.65 29.80 17.02
C GLU B 283 -46.04 30.34 17.32
N GLY B 284 -46.89 29.54 17.94
CA GLY B 284 -48.25 29.93 18.27
C GLY B 284 -49.33 29.32 17.40
N VAL B 285 -48.96 28.51 16.41
CA VAL B 285 -49.90 27.87 15.49
C VAL B 285 -49.89 26.37 15.75
N ASP B 286 -51.06 25.79 15.99
CA ASP B 286 -51.16 24.36 16.21
C ASP B 286 -51.02 23.61 14.89
N LEU B 287 -50.49 22.39 14.98
CA LEU B 287 -50.31 21.53 13.82
C LEU B 287 -50.99 20.20 14.07
N GLU B 288 -51.85 19.79 13.13
CA GLU B 288 -52.57 18.52 13.22
C GLU B 288 -52.37 17.76 11.92
N PHE B 289 -52.20 16.44 12.05
CA PHE B 289 -52.03 15.54 10.91
C PHE B 289 -53.27 14.66 10.80
N ARG B 290 -53.90 14.68 9.63
CA ARG B 290 -55.06 13.83 9.39
C ARG B 290 -54.59 12.42 9.12
N ASP B 291 -55.23 11.44 9.77
CA ASP B 291 -54.91 10.02 9.65
C ASP B 291 -54.60 9.59 8.22
N GLU B 292 -55.49 9.93 7.28
CA GLU B 292 -55.28 9.60 5.88
C GLU B 292 -53.92 10.06 5.37
N ALA B 293 -53.49 11.26 5.78
CA ALA B 293 -52.20 11.79 5.35
C ALA B 293 -51.03 10.99 5.90
N LEU B 294 -51.15 10.51 7.15
CA LEU B 294 -50.05 9.79 7.78
C LEU B 294 -49.67 8.52 7.03
N ASP B 295 -50.67 7.76 6.56
CA ASP B 295 -50.35 6.52 5.86
C ASP B 295 -49.60 6.78 4.55
N ALA B 296 -49.91 7.88 3.87
CA ALA B 296 -49.23 8.19 2.62
C ALA B 296 -47.73 8.37 2.83
N ILE B 297 -47.34 9.01 3.93
CA ILE B 297 -45.93 9.23 4.23
C ILE B 297 -45.22 7.89 4.43
N ALA B 298 -45.90 6.94 5.07
CA ALA B 298 -45.30 5.63 5.33
C ALA B 298 -44.96 4.91 4.02
N LYS B 299 -45.85 5.00 3.03
CA LYS B 299 -45.60 4.32 1.76
C LYS B 299 -44.35 4.88 1.08
N LYS B 300 -44.17 6.20 1.13
CA LYS B 300 -43.01 6.81 0.49
C LYS B 300 -41.72 6.39 1.17
N ALA B 301 -41.73 6.27 2.50
CA ALA B 301 -40.52 5.90 3.23
C ALA B 301 -39.98 4.54 2.81
N MET B 302 -40.87 3.56 2.64
CA MET B 302 -40.41 2.23 2.26
C MET B 302 -39.76 2.22 0.88
N ALA B 303 -40.25 3.05 -0.04
CA ALA B 303 -39.67 3.09 -1.37
C ALA B 303 -38.23 3.57 -1.32
N ARG B 304 -37.93 4.54 -0.45
CA ARG B 304 -36.59 5.07 -0.33
C ARG B 304 -35.61 4.01 0.19
N LYS B 305 -36.09 3.08 1.01
CA LYS B 305 -35.26 2.03 1.58
C LYS B 305 -34.13 2.63 2.42
N THR B 306 -34.46 3.70 3.16
CA THR B 306 -33.52 4.38 4.03
C THR B 306 -33.85 4.20 5.50
N GLY B 307 -34.93 3.50 5.83
CA GLY B 307 -35.30 3.29 7.22
C GLY B 307 -36.11 4.44 7.79
N ALA B 308 -36.26 4.38 9.12
CA ALA B 308 -37.00 5.41 9.84
C ALA B 308 -36.34 6.77 9.71
N ARG B 309 -35.01 6.80 9.67
CA ARG B 309 -34.28 8.07 9.57
C ARG B 309 -34.66 8.82 8.31
N GLY B 310 -34.88 8.09 7.21
CA GLY B 310 -35.25 8.72 5.95
C GLY B 310 -36.60 9.42 5.97
N LEU B 311 -37.48 9.04 6.92
CA LEU B 311 -38.81 9.62 6.98
C LEU B 311 -38.78 11.14 7.11
N ARG B 312 -37.76 11.70 7.77
CA ARG B 312 -37.65 13.14 7.93
C ARG B 312 -37.64 13.85 6.59
N SER B 313 -37.01 13.26 5.58
CA SER B 313 -36.93 13.87 4.26
C SER B 313 -38.31 14.14 3.68
N ILE B 314 -39.21 13.18 3.79
CA ILE B 314 -40.55 13.33 3.22
C ILE B 314 -41.30 14.46 3.93
N VAL B 315 -41.23 14.48 5.26
CA VAL B 315 -41.94 15.51 6.02
C VAL B 315 -41.36 16.90 5.74
N GLU B 316 -40.03 17.01 5.70
CA GLU B 316 -39.38 18.30 5.47
C GLU B 316 -39.81 18.90 4.13
N ALA B 317 -39.81 18.08 3.07
CA ALA B 317 -40.19 18.58 1.76
C ALA B 317 -41.65 18.97 1.69
N ALA B 318 -42.51 18.21 2.38
CA ALA B 318 -43.94 18.50 2.35
C ALA B 318 -44.26 19.86 2.98
N LEU B 319 -43.61 20.19 4.09
CA LEU B 319 -43.84 21.44 4.80
C LEU B 319 -42.74 22.47 4.58
N LEU B 320 -41.91 22.28 3.56
CA LEU B 320 -40.83 23.24 3.30
C LEU B 320 -41.39 24.61 2.94
N ASP B 321 -42.40 24.64 2.06
CA ASP B 321 -42.98 25.91 1.65
C ASP B 321 -43.73 26.59 2.79
N THR B 322 -44.50 25.82 3.57
CA THR B 322 -45.28 26.41 4.65
C THR B 322 -44.38 26.98 5.74
N MET B 323 -43.28 26.29 6.05
CA MET B 323 -42.35 26.78 7.07
C MET B 323 -41.77 28.12 6.66
N TYR B 324 -41.50 28.30 5.38
CA TYR B 324 -40.93 29.55 4.88
C TYR B 324 -41.92 30.71 5.03
N ASP B 325 -43.19 30.46 4.72
CA ASP B 325 -44.22 31.50 4.75
C ASP B 325 -44.91 31.64 6.10
N LEU B 326 -44.72 30.72 7.04
CA LEU B 326 -45.40 30.82 8.33
C LEU B 326 -44.97 32.03 9.15
N PRO B 327 -43.68 32.38 9.26
CA PRO B 327 -43.32 33.56 10.07
C PRO B 327 -43.88 34.86 9.53
N SER B 328 -43.84 35.06 8.22
CA SER B 328 -44.35 36.30 7.64
C SER B 328 -45.87 36.39 7.78
N MET B 329 -46.56 35.26 7.84
CA MET B 329 -48.01 35.27 7.99
C MET B 329 -48.37 35.55 9.45
N GLU B 330 -49.57 36.09 9.65
CA GLU B 330 -50.07 36.44 10.97
C GLU B 330 -51.50 35.97 11.16
N ASP B 331 -51.94 36.03 12.41
CA ASP B 331 -53.29 35.63 12.82
C ASP B 331 -53.66 34.25 12.30
N VAL B 332 -52.77 33.28 12.56
CA VAL B 332 -52.97 31.89 12.17
C VAL B 332 -53.00 31.07 13.45
N GLU B 333 -54.12 30.40 13.70
CA GLU B 333 -54.29 29.60 14.91
C GLU B 333 -53.98 28.12 14.69
N LYS B 334 -54.51 27.51 13.63
CA LYS B 334 -54.28 26.10 13.35
C LYS B 334 -53.96 25.87 11.89
N VAL B 335 -53.12 24.86 11.64
CA VAL B 335 -52.71 24.46 10.31
C VAL B 335 -53.01 22.97 10.16
N VAL B 336 -53.70 22.60 9.08
CA VAL B 336 -54.06 21.22 8.81
C VAL B 336 -53.35 20.76 7.54
N ILE B 337 -52.77 19.56 7.60
CA ILE B 337 -52.07 18.96 6.47
C ILE B 337 -52.91 17.83 5.93
N ASP B 338 -53.06 17.78 4.61
CA ASP B 338 -53.86 16.76 3.93
C ASP B 338 -52.94 15.79 3.18
N GLU B 339 -53.54 14.67 2.76
CA GLU B 339 -52.77 13.65 2.04
C GLU B 339 -52.23 14.19 0.72
N SER B 340 -53.00 15.06 0.06
CA SER B 340 -52.56 15.63 -1.20
C SER B 340 -51.30 16.47 -1.02
N VAL B 341 -51.17 17.12 0.14
CA VAL B 341 -50.01 17.97 0.40
C VAL B 341 -48.72 17.14 0.36
N ILE B 342 -48.78 15.89 0.80
CA ILE B 342 -47.59 15.04 0.79
C ILE B 342 -47.13 14.83 -0.64
N ASP B 343 -48.07 14.65 -1.57
CA ASP B 343 -47.72 14.49 -2.97
C ASP B 343 -47.09 15.76 -3.53
N GLY B 344 -47.51 16.92 -3.03
CA GLY B 344 -47.02 18.21 -3.47
C GLY B 344 -47.92 18.90 -4.47
N GLN B 345 -48.98 18.24 -4.92
CA GLN B 345 -49.91 18.85 -5.87
C GLN B 345 -50.70 19.99 -5.23
N SER B 346 -51.11 19.81 -3.96
CA SER B 346 -51.90 20.78 -3.24
C SER B 346 -51.11 21.38 -2.09
N GLU B 347 -51.62 22.51 -1.57
CA GLU B 347 -51.05 23.25 -0.47
C GLU B 347 -51.89 23.06 0.79
N PRO B 348 -51.29 22.89 1.97
CA PRO B 348 -52.10 22.67 3.17
C PRO B 348 -52.95 23.88 3.53
N LEU B 349 -54.13 23.61 4.05
CA LEU B 349 -55.04 24.65 4.47
C LEU B 349 -54.56 25.28 5.77
N LEU B 350 -54.97 26.53 5.98
CA LEU B 350 -54.62 27.29 7.17
C LEU B 350 -55.89 27.81 7.81
N ILE B 351 -55.85 27.99 9.13
CA ILE B 351 -56.98 28.47 9.91
C ILE B 351 -56.57 29.77 10.57
N TYR B 352 -57.43 30.78 10.45
CA TYR B 352 -57.17 32.11 11.01
C TYR B 352 -58.05 32.34 12.23
N ALA C 2 -35.42 39.56 19.52
CA ALA C 2 -35.98 39.24 18.21
C ALA C 2 -35.05 38.30 17.44
N LEU C 3 -35.54 37.77 16.34
CA LEU C 3 -34.79 36.85 15.49
C LEU C 3 -35.07 37.20 14.03
N PRO C 4 -34.22 36.72 13.10
CA PRO C 4 -34.48 37.01 11.68
C PRO C 4 -35.63 36.15 11.16
N THR C 5 -35.92 36.26 9.87
CA THR C 5 -37.01 35.51 9.25
C THR C 5 -36.56 34.96 7.92
N PRO C 6 -37.27 33.97 7.37
CA PRO C 6 -36.87 33.42 6.05
C PRO C 6 -36.89 34.45 4.95
N HIS C 7 -37.85 35.37 4.98
CA HIS C 7 -37.92 36.40 3.95
C HIS C 7 -36.75 37.38 4.08
N GLU C 8 -36.35 37.68 5.32
CA GLU C 8 -35.25 38.61 5.53
C GLU C 8 -33.91 37.97 5.19
N ILE C 9 -33.69 36.73 5.64
CA ILE C 9 -32.44 36.05 5.34
C ILE C 9 -32.34 35.76 3.85
N ARG C 10 -33.46 35.51 3.18
CA ARG C 10 -33.42 35.21 1.76
C ARG C 10 -33.10 36.47 0.96
N ASN C 11 -33.60 37.63 1.40
CA ASN C 11 -33.30 38.87 0.71
C ASN C 11 -31.81 39.18 0.77
N HIS C 12 -31.15 38.77 1.85
CA HIS C 12 -29.71 38.99 1.96
C HIS C 12 -28.94 38.07 1.02
N LEU C 13 -29.33 36.79 0.96
CA LEU C 13 -28.65 35.85 0.08
C LEU C 13 -28.87 36.20 -1.38
N ASP C 14 -30.01 36.83 -1.70
CA ASP C 14 -30.29 37.22 -3.08
C ASP C 14 -29.26 38.22 -3.59
N ASP C 15 -28.70 39.03 -2.69
CA ASP C 15 -27.70 40.01 -3.08
C ASP C 15 -26.42 39.34 -3.59
N TYR C 16 -26.11 38.15 -3.09
CA TYR C 16 -24.91 37.41 -3.47
C TYR C 16 -25.20 36.21 -4.36
N VAL C 17 -26.46 35.78 -4.46
CA VAL C 17 -26.84 34.62 -5.27
C VAL C 17 -28.05 34.99 -6.11
N ILE C 18 -28.06 34.53 -7.37
CA ILE C 18 -29.14 34.82 -8.29
C ILE C 18 -29.57 33.54 -8.99
N GLY C 19 -30.86 33.45 -9.29
CA GLY C 19 -31.41 32.32 -10.03
C GLY C 19 -31.51 31.01 -9.28
N GLN C 20 -31.68 31.05 -7.96
CA GLN C 20 -31.80 29.83 -7.15
C GLN C 20 -32.92 30.04 -6.14
N GLU C 21 -34.13 29.64 -6.52
CA GLU C 21 -35.30 29.81 -5.65
C GLU C 21 -35.41 28.67 -4.64
N GLN C 22 -35.43 27.42 -5.11
CA GLN C 22 -35.59 26.29 -4.21
C GLN C 22 -34.40 26.09 -3.28
N ALA C 23 -33.19 26.41 -3.73
CA ALA C 23 -32.02 26.21 -2.88
C ALA C 23 -32.03 27.14 -1.68
N LYS C 24 -32.46 28.39 -1.87
CA LYS C 24 -32.48 29.34 -0.76
C LYS C 24 -33.50 28.96 0.30
N LYS C 25 -34.59 28.31 -0.09
CA LYS C 25 -35.63 27.95 0.88
C LYS C 25 -35.13 26.91 1.87
N VAL C 26 -34.33 25.96 1.41
CA VAL C 26 -33.85 24.90 2.29
C VAL C 26 -32.90 25.46 3.34
N LEU C 27 -31.97 26.32 2.93
CA LEU C 27 -31.02 26.88 3.87
C LEU C 27 -31.70 27.83 4.86
N ALA C 28 -32.73 28.55 4.41
CA ALA C 28 -33.41 29.49 5.30
C ALA C 28 -34.16 28.75 6.40
N VAL C 29 -34.83 27.65 6.06
CA VAL C 29 -35.58 26.90 7.05
C VAL C 29 -34.64 26.26 8.06
N ALA C 30 -33.48 25.76 7.60
CA ALA C 30 -32.55 25.12 8.51
C ALA C 30 -32.00 26.12 9.52
N VAL C 31 -31.55 27.28 9.04
CA VAL C 31 -31.02 28.30 9.93
C VAL C 31 -32.13 28.83 10.83
N TYR C 32 -33.31 29.06 10.26
CA TYR C 32 -34.43 29.56 11.05
C TYR C 32 -34.86 28.54 12.09
N ASN C 33 -34.69 27.25 11.80
CA ASN C 33 -35.06 26.20 12.74
C ASN C 33 -33.94 25.91 13.73
N HIS C 34 -32.70 26.26 13.40
CA HIS C 34 -31.59 25.99 14.31
C HIS C 34 -31.69 26.82 15.59
N TYR C 35 -32.09 28.09 15.47
CA TYR C 35 -32.22 28.92 16.66
C TYR C 35 -33.35 28.44 17.55
N LYS C 36 -34.41 27.87 16.96
CA LYS C 36 -35.53 27.39 17.76
C LYS C 36 -35.14 26.17 18.59
N ARG C 37 -34.40 25.24 17.99
CA ARG C 37 -34.00 24.03 18.71
C ARG C 37 -33.08 24.37 19.88
N LEU C 38 -32.16 25.32 19.67
CA LEU C 38 -31.24 25.70 20.75
C LEU C 38 -32.00 26.36 21.89
N ARG C 39 -32.83 27.35 21.58
CA ARG C 39 -33.60 28.03 22.62
C ARG C 39 -34.53 27.07 23.35
N ASN C 40 -35.25 26.22 22.62
CA ASN C 40 -36.17 25.25 23.23
C ASN C 40 -35.37 24.01 23.63
N GLY C 41 -34.53 24.26 24.63
CA GLY C 41 -33.56 23.44 25.32
C GLY C 41 -33.83 23.15 26.79
N ASP C 42 -33.79 21.90 27.30
CA ASP C 42 -33.93 21.80 28.76
C ASP C 42 -35.27 22.20 29.41
N THR C 43 -36.25 21.30 29.30
CA THR C 43 -37.67 21.49 29.69
C THR C 43 -38.48 22.37 28.75
N SER C 44 -38.51 21.85 27.52
CA SER C 44 -39.36 22.26 26.41
C SER C 44 -40.36 21.10 26.33
N ASN C 45 -41.65 21.39 26.17
CA ASN C 45 -42.67 20.34 26.24
C ASN C 45 -42.38 19.17 25.32
N GLY C 46 -41.91 19.42 24.10
CA GLY C 46 -41.54 18.31 23.22
C GLY C 46 -40.08 17.96 23.45
N VAL C 47 -39.82 16.93 24.25
CA VAL C 47 -38.44 16.52 24.55
C VAL C 47 -37.83 15.82 23.34
N GLU C 48 -36.50 15.70 23.35
CA GLU C 48 -35.77 14.99 22.28
C GLU C 48 -36.07 15.56 20.91
N LEU C 49 -35.72 16.82 20.68
CA LEU C 49 -35.99 17.45 19.39
C LEU C 49 -35.08 16.87 18.32
N GLY C 50 -35.66 16.64 17.14
CA GLY C 50 -34.95 16.06 16.03
C GLY C 50 -33.99 17.01 15.34
N LYS C 51 -33.24 16.44 14.41
CA LYS C 51 -32.26 17.15 13.61
C LYS C 51 -32.47 16.80 12.15
N SER C 52 -32.12 17.74 11.27
CA SER C 52 -32.29 17.54 9.83
C SER C 52 -31.13 18.24 9.11
N ASN C 53 -30.17 17.45 8.66
CA ASN C 53 -29.01 17.97 7.94
C ASN C 53 -29.42 18.32 6.51
N ILE C 54 -28.47 18.83 5.73
CA ILE C 54 -28.71 19.26 4.36
C ILE C 54 -27.64 18.67 3.44
N LEU C 55 -28.07 18.28 2.23
CA LEU C 55 -27.20 17.72 1.21
C LEU C 55 -27.39 18.52 -0.07
N LEU C 56 -26.44 19.40 -0.39
CA LEU C 56 -26.50 20.23 -1.59
C LEU C 56 -25.92 19.46 -2.76
N ILE C 57 -26.62 19.53 -3.89
CA ILE C 57 -26.21 18.88 -5.13
C ILE C 57 -26.40 19.86 -6.28
N GLY C 58 -25.42 19.93 -7.17
CA GLY C 58 -25.50 20.80 -8.32
C GLY C 58 -24.29 20.69 -9.22
N PRO C 59 -24.36 21.28 -10.43
CA PRO C 59 -23.21 21.21 -11.33
C PRO C 59 -22.00 21.99 -10.87
N THR C 60 -20.94 21.93 -11.66
CA THR C 60 -19.71 22.64 -11.34
C THR C 60 -19.90 24.14 -11.53
N GLY C 61 -19.25 24.93 -10.66
CA GLY C 61 -19.31 26.38 -10.76
C GLY C 61 -20.70 26.95 -10.68
N SER C 62 -21.62 26.24 -10.03
CA SER C 62 -23.01 26.66 -9.93
C SER C 62 -23.31 27.52 -8.71
N GLY C 63 -22.41 27.57 -7.72
CA GLY C 63 -22.59 28.37 -6.54
C GLY C 63 -22.76 27.62 -5.23
N LYS C 64 -22.34 26.35 -5.16
CA LYS C 64 -22.45 25.60 -3.92
C LYS C 64 -21.52 26.19 -2.87
N THR C 65 -20.24 26.32 -3.20
CA THR C 65 -19.25 26.86 -2.27
C THR C 65 -19.53 28.31 -1.92
N LEU C 66 -20.22 29.04 -2.80
CA LEU C 66 -20.51 30.45 -2.53
C LEU C 66 -21.53 30.59 -1.40
N LEU C 67 -22.50 29.69 -1.33
CA LEU C 67 -23.52 29.78 -0.30
C LEU C 67 -22.92 29.61 1.10
N ALA C 68 -21.94 28.73 1.24
CA ALA C 68 -21.32 28.52 2.54
C ALA C 68 -20.56 29.75 2.99
N GLU C 69 -19.93 30.46 2.05
CA GLU C 69 -19.16 31.64 2.39
C GLU C 69 -20.08 32.81 2.76
N THR C 70 -21.11 33.04 1.94
CA THR C 70 -22.03 34.15 2.20
C THR C 70 -22.80 33.96 3.49
N LEU C 71 -23.07 32.71 3.88
CA LEU C 71 -23.82 32.45 5.10
C LEU C 71 -23.03 32.87 6.33
N ALA C 72 -21.72 32.69 6.33
CA ALA C 72 -20.91 33.05 7.48
C ALA C 72 -20.91 34.55 7.73
N ARG C 73 -21.11 35.36 6.67
CA ARG C 73 -21.12 36.80 6.84
C ARG C 73 -22.27 37.24 7.73
N LEU C 74 -23.46 36.70 7.51
CA LEU C 74 -24.65 37.05 8.26
C LEU C 74 -24.90 36.17 9.47
N LEU C 75 -24.27 35.01 9.56
CA LEU C 75 -24.51 34.09 10.66
C LEU C 75 -23.68 34.49 11.88
N ASP C 76 -24.37 34.77 13.00
CA ASP C 76 -23.69 35.16 14.22
C ASP C 76 -22.95 33.99 14.87
N VAL C 77 -23.54 32.80 14.85
CA VAL C 77 -22.94 31.62 15.48
C VAL C 77 -21.74 31.18 14.65
N PRO C 78 -20.77 30.47 15.24
CA PRO C 78 -19.58 30.07 14.49
C PRO C 78 -19.89 29.18 13.28
N PHE C 79 -19.02 29.28 12.28
CA PHE C 79 -19.14 28.54 11.04
C PHE C 79 -17.74 28.28 10.51
N THR C 80 -17.59 27.18 9.77
CA THR C 80 -16.31 26.79 9.20
C THR C 80 -16.55 26.19 7.83
N MET C 81 -15.45 26.03 7.07
CA MET C 81 -15.50 25.48 5.71
C MET C 81 -14.33 24.49 5.55
N ALA C 82 -14.61 23.22 5.83
CA ALA C 82 -13.64 22.15 5.70
C ALA C 82 -13.91 21.37 4.42
N ASP C 83 -13.16 20.28 4.22
CA ASP C 83 -13.34 19.44 3.05
C ASP C 83 -13.03 17.99 3.43
N ALA C 84 -13.58 17.07 2.64
CA ALA C 84 -13.40 15.65 2.86
C ALA C 84 -12.22 15.04 2.10
N THR C 85 -11.63 15.78 1.16
CA THR C 85 -10.49 15.26 0.42
C THR C 85 -9.32 15.00 1.36
N THR C 86 -9.02 15.96 2.22
CA THR C 86 -7.92 15.84 3.19
C THR C 86 -8.43 15.19 4.48
N LEU C 87 -8.83 13.93 4.34
CA LEU C 87 -9.35 13.17 5.48
C LEU C 87 -9.09 11.68 5.25
N THR C 88 -8.73 11.00 6.34
CA THR C 88 -8.46 9.57 6.32
C THR C 88 -8.89 8.99 7.65
N GLU C 89 -9.41 7.77 7.60
CA GLU C 89 -9.92 7.07 8.78
C GLU C 89 -8.86 6.20 9.43
N ALA C 90 -9.19 5.72 10.63
CA ALA C 90 -8.31 4.85 11.43
C ALA C 90 -6.94 5.49 11.67
N GLY C 91 -6.95 6.79 11.94
CA GLY C 91 -5.74 7.55 12.23
C GLY C 91 -4.57 7.32 11.29
N TYR C 92 -4.78 7.59 10.00
CA TYR C 92 -3.75 7.40 9.00
C TYR C 92 -2.95 8.69 8.88
N VAL C 93 -2.04 8.75 7.89
CA VAL C 93 -1.19 9.92 7.69
C VAL C 93 -2.04 11.18 7.50
N GLY C 94 -3.17 11.05 6.82
CA GLY C 94 -4.02 12.20 6.61
C GLY C 94 -4.75 12.60 7.87
N GLU C 95 -5.29 13.82 7.84
CA GLU C 95 -6.04 14.35 8.97
C GLU C 95 -7.21 13.44 9.34
N ASP C 96 -7.43 13.27 10.63
CA ASP C 96 -8.53 12.44 11.12
C ASP C 96 -9.81 13.28 11.20
N VAL C 97 -10.93 12.58 11.38
CA VAL C 97 -12.24 13.23 11.43
C VAL C 97 -12.31 14.28 12.53
N GLU C 98 -11.60 14.08 13.64
CA GLU C 98 -11.62 15.02 14.75
C GLU C 98 -11.20 16.42 14.30
N ASN C 99 -10.26 16.50 13.36
CA ASN C 99 -9.74 17.77 12.82
C ASN C 99 -10.82 18.81 12.58
N ILE C 100 -11.91 18.40 11.92
CA ILE C 100 -13.04 19.29 11.62
C ILE C 100 -13.49 20.04 12.88
N ILE C 101 -13.60 19.32 14.00
CA ILE C 101 -14.03 19.95 15.24
C ILE C 101 -12.97 20.92 15.74
N GLN C 102 -11.69 20.62 15.50
CA GLN C 102 -10.63 21.50 15.98
C GLN C 102 -10.70 22.86 15.29
N LYS C 103 -11.01 22.87 14.00
CA LYS C 103 -11.10 24.15 13.28
C LYS C 103 -12.25 24.99 13.80
N LEU C 104 -13.30 24.36 14.32
CA LEU C 104 -14.45 25.11 14.83
C LEU C 104 -14.09 25.90 16.08
N LEU C 105 -13.23 25.34 16.93
CA LEU C 105 -12.86 26.04 18.16
C LEU C 105 -11.98 27.24 17.89
N GLN C 106 -11.21 27.23 16.79
CA GLN C 106 -10.36 28.37 16.49
C GLN C 106 -11.18 29.63 16.27
N LYS C 107 -12.31 29.49 15.59
CA LYS C 107 -13.20 30.63 15.36
C LYS C 107 -14.09 30.91 16.57
N SER C 108 -14.32 29.91 17.41
CA SER C 108 -15.14 30.03 18.61
C SER C 108 -14.34 30.39 19.85
N ASP C 109 -13.02 30.49 19.75
CA ASP C 109 -12.16 30.82 20.88
C ASP C 109 -12.22 29.73 21.96
N TYR C 110 -12.17 28.48 21.51
CA TYR C 110 -12.20 27.30 22.37
C TYR C 110 -13.33 27.36 23.39
N ASP C 111 -14.52 27.68 22.91
CA ASP C 111 -15.73 27.75 23.74
C ASP C 111 -16.55 26.50 23.49
N VAL C 112 -16.52 25.57 24.44
CA VAL C 112 -17.25 24.32 24.30
C VAL C 112 -18.76 24.58 24.25
N GLN C 113 -19.23 25.49 25.11
CA GLN C 113 -20.66 25.79 25.13
C GLN C 113 -21.11 26.47 23.85
N LYS C 114 -20.27 27.34 23.29
CA LYS C 114 -20.59 28.06 22.07
C LYS C 114 -20.26 27.26 20.81
N ALA C 115 -19.52 26.16 20.93
CA ALA C 115 -19.16 25.34 19.79
C ALA C 115 -20.26 24.34 19.43
N GLN C 116 -20.97 23.83 20.42
CA GLN C 116 -22.03 22.87 20.16
C GLN C 116 -23.17 23.49 19.36
N ARG C 117 -23.39 24.79 19.51
CA ARG C 117 -24.45 25.49 18.80
C ARG C 117 -24.00 26.04 17.46
N GLY C 118 -22.85 25.59 16.95
CA GLY C 118 -22.34 26.06 15.68
C GLY C 118 -22.88 25.26 14.51
N ILE C 119 -22.49 25.70 13.31
CA ILE C 119 -22.86 25.07 12.05
C ILE C 119 -21.57 24.62 11.37
N VAL C 120 -21.67 23.54 10.61
CA VAL C 120 -20.52 22.96 9.91
C VAL C 120 -20.88 22.73 8.45
N TYR C 121 -19.92 22.95 7.57
CA TYR C 121 -20.09 22.78 6.14
C TYR C 121 -18.93 21.96 5.59
N ILE C 122 -19.24 21.10 4.63
CA ILE C 122 -18.26 20.24 3.96
C ILE C 122 -18.44 20.42 2.47
N ASP C 123 -17.33 20.45 1.74
CA ASP C 123 -17.33 20.61 0.30
C ASP C 123 -16.68 19.40 -0.35
N GLN C 124 -17.09 19.12 -1.58
CA GLN C 124 -16.56 18.00 -2.35
C GLN C 124 -16.78 16.68 -1.63
N ILE C 125 -18.05 16.41 -1.29
CA ILE C 125 -18.41 15.19 -0.59
C ILE C 125 -18.35 13.97 -1.51
N ASP C 126 -18.51 14.17 -2.82
CA ASP C 126 -18.50 13.05 -3.75
C ASP C 126 -17.14 12.34 -3.81
N LYS C 127 -16.07 13.01 -3.40
CA LYS C 127 -14.74 12.41 -3.46
C LYS C 127 -14.65 11.18 -2.56
N ILE C 128 -15.23 11.25 -1.35
CA ILE C 128 -15.20 10.10 -0.47
C ILE C 128 -16.16 9.00 -0.90
N SER C 129 -17.04 9.30 -1.86
CA SER C 129 -17.97 8.31 -2.38
C SER C 129 -17.22 7.10 -2.93
N ARG C 130 -17.76 5.92 -2.66
CA ARG C 130 -17.17 4.69 -3.18
C ARG C 130 -17.13 4.75 -4.70
N LYS C 131 -15.95 4.53 -5.28
CA LYS C 131 -15.79 4.61 -6.73
C LYS C 131 -16.20 3.30 -7.40
N SER C 132 -17.49 3.00 -7.27
CA SER C 132 -18.11 1.80 -7.84
C SER C 132 -17.28 0.55 -7.54
N ASP C 133 -16.91 0.40 -6.27
CA ASP C 133 -16.08 -0.73 -5.83
C ASP C 133 -16.97 -1.94 -5.57
N ASN C 134 -17.54 -2.47 -6.65
CA ASN C 134 -18.37 -3.66 -6.54
C ASN C 134 -17.58 -4.88 -6.05
N PRO C 135 -16.37 -5.16 -6.53
CA PRO C 135 -15.64 -6.33 -6.00
C PRO C 135 -14.94 -5.96 -4.70
N SER C 136 -15.08 -6.83 -3.70
CA SER C 136 -14.50 -6.60 -2.38
C SER C 136 -13.05 -7.06 -2.35
N ILE C 137 -12.23 -6.40 -3.18
CA ILE C 137 -10.81 -6.74 -3.27
C ILE C 137 -10.08 -6.32 -2.00
N THR C 138 -10.38 -5.13 -1.47
CA THR C 138 -9.75 -4.63 -0.25
C THR C 138 -10.55 -3.43 0.22
N ARG C 139 -10.10 -2.83 1.32
CA ARG C 139 -10.77 -1.69 1.94
C ARG C 139 -10.05 -0.40 1.57
N ASP C 140 -10.82 0.59 1.11
CA ASP C 140 -10.24 1.87 0.76
C ASP C 140 -9.75 2.60 2.01
N VAL C 141 -8.86 3.57 1.79
CA VAL C 141 -8.27 4.35 2.88
C VAL C 141 -8.99 5.67 3.06
N SER C 142 -9.49 6.24 1.98
CA SER C 142 -10.17 7.54 2.00
C SER C 142 -11.57 7.52 1.38
N GLY C 143 -12.14 6.34 1.14
CA GLY C 143 -13.44 6.21 0.53
C GLY C 143 -14.52 5.71 1.45
N GLU C 144 -14.87 4.43 1.31
CA GLU C 144 -15.93 3.82 2.11
C GLU C 144 -15.64 3.96 3.60
N GLY C 145 -14.38 3.81 4.00
CA GLY C 145 -14.03 3.92 5.41
C GLY C 145 -14.36 5.28 5.99
N VAL C 146 -14.13 6.35 5.21
CA VAL C 146 -14.40 7.71 5.69
C VAL C 146 -15.85 7.86 6.12
N GLN C 147 -16.79 7.47 5.25
CA GLN C 147 -18.21 7.57 5.55
C GLN C 147 -18.55 6.85 6.84
N GLN C 148 -17.91 5.70 7.09
CA GLN C 148 -18.18 4.95 8.31
C GLN C 148 -17.85 5.77 9.54
N ALA C 149 -16.74 6.50 9.53
CA ALA C 149 -16.34 7.29 10.68
C ALA C 149 -17.23 8.51 10.90
N LEU C 150 -17.91 8.99 9.85
CA LEU C 150 -18.76 10.16 9.99
C LEU C 150 -20.13 9.84 10.56
N LEU C 151 -20.57 8.59 10.45
CA LEU C 151 -21.87 8.16 10.97
C LEU C 151 -22.06 8.60 12.43
N LYS C 152 -21.14 8.20 13.30
CA LYS C 152 -21.26 8.53 14.71
C LYS C 152 -21.11 10.03 14.97
N LEU C 153 -20.50 10.77 14.05
CA LEU C 153 -20.32 12.21 14.25
C LEU C 153 -21.62 12.97 14.08
N ILE C 154 -22.37 12.70 13.01
CA ILE C 154 -23.59 13.43 12.74
C ILE C 154 -24.66 13.15 13.78
N GLU C 155 -24.65 11.98 14.40
CA GLU C 155 -25.65 11.68 15.42
C GLU C 155 -25.28 12.34 16.75
N GLY C 156 -23.99 12.41 17.04
CA GLY C 156 -23.45 13.05 18.24
C GLY C 156 -22.70 12.15 19.20
N THR C 157 -21.40 12.38 19.33
CA THR C 157 -20.56 11.64 20.26
C THR C 157 -19.27 12.42 20.49
N VAL C 158 -19.00 12.79 21.74
CA VAL C 158 -17.75 13.48 22.01
C VAL C 158 -16.60 12.51 21.75
N ALA C 159 -15.63 12.92 20.93
CA ALA C 159 -14.50 12.05 20.64
C ALA C 159 -13.20 12.62 21.18
N ALA C 160 -12.79 13.82 20.78
CA ALA C 160 -11.55 14.39 21.30
C ALA C 160 -11.40 15.83 20.87
N VAL C 161 -10.67 16.60 21.68
CA VAL C 161 -10.31 17.98 21.32
C VAL C 161 -8.87 18.21 21.77
N PRO C 162 -7.92 18.52 20.90
CA PRO C 162 -6.55 18.81 21.37
C PRO C 162 -6.43 20.25 21.83
N PRO C 163 -6.19 20.53 23.12
CA PRO C 163 -6.06 21.92 23.55
C PRO C 163 -4.65 22.45 23.32
N GLN C 164 -4.58 23.70 22.87
CA GLN C 164 -3.32 24.39 22.60
C GLN C 164 -2.33 24.29 23.77
N GLN C 171 0.10 20.17 29.13
CA GLN C 171 -1.32 19.80 29.21
C GLN C 171 -1.64 18.72 28.18
N GLN C 172 -1.84 17.50 28.69
CA GLN C 172 -2.15 16.33 27.86
C GLN C 172 -3.59 15.86 28.01
N GLU C 173 -4.46 16.69 28.60
CA GLU C 173 -5.86 16.33 28.82
C GLU C 173 -6.73 16.95 27.71
N PHE C 174 -7.47 16.09 27.01
CA PHE C 174 -8.33 16.55 25.93
C PHE C 174 -9.68 17.01 26.49
N LEU C 175 -10.42 17.74 25.66
CA LEU C 175 -11.75 18.25 25.99
C LEU C 175 -12.80 17.51 25.19
N GLN C 176 -13.99 17.36 25.79
CA GLN C 176 -15.10 16.65 25.17
C GLN C 176 -16.14 17.66 24.69
N VAL C 177 -16.50 17.57 23.41
CA VAL C 177 -17.46 18.48 22.78
C VAL C 177 -18.61 17.69 22.16
N ASP C 178 -19.83 17.93 22.65
CA ASP C 178 -21.00 17.30 22.07
C ASP C 178 -21.19 17.75 20.63
N THR C 179 -21.73 16.85 19.81
CA THR C 179 -21.99 17.14 18.40
C THR C 179 -23.38 16.68 17.97
N SER C 180 -24.25 16.34 18.92
CA SER C 180 -25.60 15.90 18.56
C SER C 180 -26.44 17.04 18.00
N LYS C 181 -26.22 18.26 18.49
CA LYS C 181 -26.98 19.43 18.04
C LYS C 181 -26.30 20.18 16.91
N ILE C 182 -25.08 19.81 16.55
CA ILE C 182 -24.36 20.51 15.48
C ILE C 182 -24.93 20.11 14.14
N LEU C 183 -25.10 21.11 13.27
CA LEU C 183 -25.61 20.91 11.92
C LEU C 183 -24.44 20.65 10.98
N PHE C 184 -24.72 19.90 9.91
CA PHE C 184 -23.74 19.57 8.90
C PHE C 184 -24.35 19.82 7.54
N ILE C 185 -23.64 20.53 6.68
CA ILE C 185 -24.09 20.86 5.33
C ILE C 185 -23.05 20.29 4.38
N CYS C 186 -23.29 19.07 3.90
CA CYS C 186 -22.39 18.43 2.93
C CYS C 186 -22.84 18.79 1.52
N GLY C 187 -21.87 18.94 0.63
CA GLY C 187 -22.17 19.30 -0.74
C GLY C 187 -21.07 18.88 -1.68
N GLY C 188 -21.45 18.52 -2.90
CA GLY C 188 -20.50 18.11 -3.91
C GLY C 188 -21.16 17.82 -5.24
N ALA C 189 -20.47 18.16 -6.32
CA ALA C 189 -21.00 17.95 -7.67
C ALA C 189 -20.70 16.51 -8.07
N PHE C 190 -21.69 15.64 -7.85
CA PHE C 190 -21.52 14.23 -8.18
C PHE C 190 -21.41 14.06 -9.69
N ALA C 191 -20.26 13.57 -10.14
CA ALA C 191 -19.99 13.35 -11.54
C ALA C 191 -20.49 11.99 -11.97
N GLY C 192 -21.17 11.94 -13.11
CA GLY C 192 -21.71 10.69 -13.63
C GLY C 192 -23.06 10.31 -13.09
N LEU C 193 -23.67 11.13 -12.24
CA LEU C 193 -24.97 10.80 -11.68
C LEU C 193 -26.04 10.76 -12.75
N ASP C 194 -25.89 11.54 -13.82
CA ASP C 194 -26.88 11.54 -14.89
C ASP C 194 -26.99 10.17 -15.55
N LYS C 195 -25.92 9.38 -15.53
CA LYS C 195 -25.96 8.06 -16.13
C LYS C 195 -26.77 7.08 -15.29
N VAL C 196 -26.44 6.97 -14.00
CA VAL C 196 -27.13 6.03 -13.12
C VAL C 196 -28.62 6.35 -13.02
N ILE C 197 -28.97 7.64 -12.97
CA ILE C 197 -30.37 8.01 -12.88
C ILE C 197 -31.11 7.75 -14.18
N SER C 198 -30.40 7.74 -15.32
CA SER C 198 -31.03 7.50 -16.59
C SER C 198 -31.58 6.07 -16.68
N HIS C 199 -30.76 5.10 -16.28
CA HIS C 199 -31.17 3.70 -16.33
C HIS C 199 -32.45 3.47 -15.52
N ARG C 200 -32.50 4.01 -14.30
CA ARG C 200 -33.67 3.81 -13.45
C ARG C 200 -34.91 4.49 -14.01
N VAL C 201 -34.77 5.71 -14.53
CA VAL C 201 -35.92 6.45 -15.05
C VAL C 201 -36.28 6.11 -16.50
N GLU C 202 -35.40 5.43 -17.23
CA GLU C 202 -35.64 5.07 -18.62
C GLU C 202 -35.62 3.54 -18.75
N THR C 203 -36.67 2.99 -19.37
CA THR C 203 -36.81 1.55 -19.56
C THR C 203 -36.74 1.17 -21.05
N GLY C 204 -36.08 1.99 -21.86
CA GLY C 204 -35.95 1.73 -23.28
C GLY C 204 -34.63 1.06 -23.60
N SER C 205 -33.74 1.78 -24.28
CA SER C 205 -32.42 1.25 -24.67
C SER C 205 -32.56 -0.09 -25.39
N GLY C 206 -33.49 -0.13 -26.34
CA GLY C 206 -33.77 -1.32 -27.11
C GLY C 206 -33.31 -1.18 -28.55
N ILE C 207 -32.46 -2.11 -28.97
CA ILE C 207 -31.94 -2.08 -30.33
C ILE C 207 -33.04 -2.37 -31.33
N GLY C 208 -33.98 -3.23 -30.95
CA GLY C 208 -35.07 -3.62 -31.83
C GLY C 208 -36.20 -2.62 -31.88
N PHE C 209 -37.28 -3.03 -32.56
CA PHE C 209 -38.45 -2.18 -32.70
C PHE C 209 -39.00 -1.76 -31.35
N GLY C 210 -39.03 -2.68 -30.38
CA GLY C 210 -39.51 -2.36 -29.07
C GLY C 210 -38.48 -1.57 -28.28
N ALA C 211 -38.95 -0.93 -27.21
CA ALA C 211 -38.10 -0.09 -26.37
C ALA C 211 -37.38 0.95 -27.22
N THR C 212 -38.18 1.76 -27.91
CA THR C 212 -37.67 2.80 -28.80
C THR C 212 -36.70 3.71 -28.07
N VAL C 213 -35.65 4.10 -28.78
CA VAL C 213 -34.60 4.97 -28.24
C VAL C 213 -34.64 6.31 -28.95
N LYS C 214 -34.76 7.37 -28.16
CA LYS C 214 -34.78 8.75 -28.64
C LYS C 214 -33.87 9.54 -27.72
N ALA C 215 -32.69 9.91 -28.21
CA ALA C 215 -31.72 10.62 -27.37
C ALA C 215 -30.86 11.53 -28.23
N LYS C 216 -30.01 12.29 -27.53
CA LYS C 216 -29.05 13.28 -28.02
C LYS C 216 -29.73 14.58 -28.45
N SER C 217 -31.05 14.67 -28.44
CA SER C 217 -31.79 15.89 -28.74
C SER C 217 -32.77 16.28 -27.66
N ASP C 218 -33.41 15.29 -27.02
CA ASP C 218 -34.38 15.48 -25.95
C ASP C 218 -33.84 15.11 -24.58
N LYS C 219 -33.13 13.99 -24.48
CA LYS C 219 -32.62 13.50 -23.21
C LYS C 219 -31.41 14.33 -22.78
N ALA C 220 -30.83 13.93 -21.65
CA ALA C 220 -29.68 14.60 -21.05
C ALA C 220 -30.02 16.06 -20.72
N SER C 221 -31.26 16.29 -20.30
CA SER C 221 -31.69 17.63 -19.93
C SER C 221 -30.93 18.14 -18.71
N GLU C 222 -30.93 17.35 -17.64
CA GLU C 222 -30.28 17.61 -16.36
C GLU C 222 -31.05 18.64 -15.53
N GLY C 223 -32.12 19.24 -16.04
CA GLY C 223 -32.89 20.20 -15.27
C GLY C 223 -33.85 19.48 -14.35
N GLU C 224 -34.66 18.59 -14.93
CA GLU C 224 -35.62 17.79 -14.18
C GLU C 224 -35.06 16.44 -13.79
N LEU C 225 -34.01 15.98 -14.47
CA LEU C 225 -33.39 14.69 -14.15
C LEU C 225 -32.94 14.64 -12.69
N LEU C 226 -32.23 15.67 -12.26
CA LEU C 226 -31.76 15.71 -10.87
C LEU C 226 -32.94 15.82 -9.90
N ALA C 227 -33.98 16.55 -10.29
CA ALA C 227 -35.15 16.70 -9.42
C ALA C 227 -35.79 15.36 -9.09
N GLN C 228 -35.67 14.37 -9.99
CA GLN C 228 -36.22 13.05 -9.76
C GLN C 228 -35.27 12.14 -9.01
N VAL C 229 -34.24 12.69 -8.36
CA VAL C 229 -33.28 11.88 -7.62
C VAL C 229 -33.95 11.29 -6.38
N GLU C 230 -33.48 10.12 -5.97
CA GLU C 230 -33.96 9.43 -4.80
C GLU C 230 -32.76 8.80 -4.10
N PRO C 231 -32.92 8.38 -2.84
CA PRO C 231 -31.78 7.76 -2.15
C PRO C 231 -31.30 6.48 -2.79
N GLU C 232 -32.20 5.71 -3.41
CA GLU C 232 -31.78 4.46 -4.05
C GLU C 232 -30.81 4.70 -5.19
N ASP C 233 -30.89 5.85 -5.84
CA ASP C 233 -29.99 6.15 -6.93
C ASP C 233 -28.56 6.33 -6.43
N LEU C 234 -28.40 6.95 -5.27
CA LEU C 234 -27.07 7.17 -4.71
C LEU C 234 -26.40 5.86 -4.27
N ILE C 235 -27.18 4.82 -3.99
CA ILE C 235 -26.59 3.57 -3.56
C ILE C 235 -25.78 2.96 -4.71
N LYS C 236 -26.31 3.04 -5.92
CA LYS C 236 -25.58 2.54 -7.07
C LYS C 236 -24.36 3.41 -7.35
N PHE C 237 -24.42 4.68 -6.96
CA PHE C 237 -23.28 5.58 -7.16
C PHE C 237 -22.10 5.14 -6.31
N GLY C 238 -22.36 4.65 -5.10
CA GLY C 238 -21.33 4.19 -4.19
C GLY C 238 -21.55 4.52 -2.74
N LEU C 239 -22.41 5.50 -2.45
CA LEU C 239 -22.68 5.85 -1.07
C LEU C 239 -23.43 4.72 -0.36
N ILE C 240 -23.22 4.63 0.95
CA ILE C 240 -23.86 3.59 1.76
C ILE C 240 -25.22 4.12 2.21
N PRO C 241 -26.25 3.29 2.33
CA PRO C 241 -27.55 3.84 2.78
C PRO C 241 -27.49 4.40 4.19
N GLU C 242 -26.64 3.85 5.05
CA GLU C 242 -26.54 4.35 6.43
C GLU C 242 -26.06 5.78 6.46
N PHE C 243 -25.23 6.19 5.50
CA PHE C 243 -24.73 7.56 5.47
C PHE C 243 -25.81 8.52 4.97
N ILE C 244 -26.54 8.14 3.93
CA ILE C 244 -27.57 9.01 3.37
C ILE C 244 -28.72 9.17 4.35
N GLY C 245 -28.98 8.17 5.19
CA GLY C 245 -30.04 8.28 6.15
C GLY C 245 -29.79 9.39 7.15
N ARG C 246 -28.52 9.74 7.36
CA ARG C 246 -28.18 10.82 8.29
C ARG C 246 -28.53 12.18 7.70
N LEU C 247 -28.66 12.30 6.38
CA LEU C 247 -28.98 13.55 5.69
C LEU C 247 -30.33 13.39 4.99
N PRO C 248 -31.44 13.61 5.70
CA PRO C 248 -32.75 13.46 5.03
C PRO C 248 -33.01 14.50 3.97
N VAL C 249 -32.73 15.77 4.24
CA VAL C 249 -33.04 16.82 3.29
C VAL C 249 -32.12 16.72 2.08
N VAL C 250 -32.67 17.04 0.91
CA VAL C 250 -31.96 17.02 -0.36
C VAL C 250 -32.39 18.22 -1.16
N ALA C 251 -31.42 18.91 -1.76
CA ALA C 251 -31.69 20.08 -2.58
C ALA C 251 -31.05 19.88 -3.94
N THR C 252 -31.67 20.50 -4.94
CA THR C 252 -31.21 20.42 -6.31
C THR C 252 -31.00 21.83 -6.84
N LEU C 253 -29.79 22.10 -7.32
CA LEU C 253 -29.42 23.39 -7.87
C LEU C 253 -29.26 23.20 -9.38
N ASN C 254 -30.09 23.87 -10.16
CA ASN C 254 -30.08 23.72 -11.59
C ASN C 254 -28.93 24.49 -12.24
N GLU C 255 -28.55 24.04 -13.43
CA GLU C 255 -27.48 24.70 -14.17
C GLU C 255 -27.95 26.08 -14.61
N LEU C 256 -27.04 27.05 -14.59
CA LEU C 256 -27.42 28.42 -14.92
C LEU C 256 -27.94 28.54 -16.35
N SER C 257 -28.99 29.33 -16.50
CA SER C 257 -29.59 29.57 -17.81
C SER C 257 -28.89 30.75 -18.47
N GLU C 258 -28.92 30.75 -19.81
CA GLU C 258 -28.32 31.86 -20.57
C GLU C 258 -28.88 33.20 -20.12
N GLU C 259 -30.18 33.25 -19.84
CA GLU C 259 -30.80 34.49 -19.38
C GLU C 259 -30.36 34.82 -17.95
N ALA C 260 -30.32 33.81 -17.08
CA ALA C 260 -29.92 34.05 -15.70
C ALA C 260 -28.46 34.44 -15.60
N LEU C 261 -27.61 33.86 -16.45
CA LEU C 261 -26.19 34.20 -16.43
C LEU C 261 -25.96 35.68 -16.68
N ILE C 262 -26.80 36.28 -17.53
CA ILE C 262 -26.67 37.71 -17.83
C ILE C 262 -26.87 38.53 -16.55
N GLN C 263 -27.84 38.14 -15.73
CA GLN C 263 -28.09 38.87 -14.49
C GLN C 263 -26.91 38.81 -13.54
N ILE C 264 -26.19 37.68 -13.53
CA ILE C 264 -25.06 37.51 -12.63
C ILE C 264 -23.95 38.51 -12.94
N LEU C 265 -23.88 38.98 -14.18
CA LEU C 265 -22.85 39.95 -14.53
C LEU C 265 -23.09 41.31 -13.90
N LYS C 266 -24.34 41.71 -13.73
CA LYS C 266 -24.70 43.04 -13.23
C LYS C 266 -25.38 43.06 -11.87
N GLU C 267 -26.40 42.23 -11.65
CA GLU C 267 -27.16 42.30 -10.40
C GLU C 267 -26.37 41.97 -9.14
N PRO C 268 -25.51 40.95 -9.08
CA PRO C 268 -24.80 40.66 -7.83
C PRO C 268 -23.88 41.78 -7.39
N LYS C 269 -23.77 41.94 -6.07
CA LYS C 269 -22.90 42.95 -5.50
C LYS C 269 -21.43 42.67 -5.83
N ASN C 270 -21.06 41.39 -5.91
CA ASN C 270 -19.69 40.95 -6.20
C ASN C 270 -19.60 40.32 -7.58
N ALA C 271 -20.34 40.87 -8.54
CA ALA C 271 -20.32 40.35 -9.89
C ALA C 271 -18.96 40.59 -10.54
N LEU C 272 -18.67 39.77 -11.56
CA LEU C 272 -17.39 39.86 -12.27
C LEU C 272 -17.22 41.23 -12.91
N THR C 273 -18.28 41.78 -13.51
CA THR C 273 -18.17 43.08 -14.15
C THR C 273 -17.83 44.17 -13.13
N LYS C 274 -18.44 44.11 -11.95
CA LYS C 274 -18.14 45.09 -10.90
C LYS C 274 -16.68 44.96 -10.46
N GLN C 275 -16.19 43.74 -10.33
CA GLN C 275 -14.81 43.52 -9.93
C GLN C 275 -13.84 44.09 -10.95
N TYR C 276 -14.09 43.83 -12.24
CA TYR C 276 -13.21 44.35 -13.28
C TYR C 276 -13.28 45.86 -13.36
N GLN C 277 -14.47 46.43 -13.20
CA GLN C 277 -14.60 47.89 -13.23
C GLN C 277 -13.77 48.52 -12.12
N ALA C 278 -13.80 47.92 -10.93
CA ALA C 278 -13.00 48.44 -9.83
C ALA C 278 -11.52 48.30 -10.13
N LEU C 279 -11.14 47.19 -10.78
CA LEU C 279 -9.73 46.97 -11.12
C LEU C 279 -9.26 48.01 -12.13
N PHE C 280 -10.08 48.29 -13.13
CA PHE C 280 -9.71 49.30 -14.12
C PHE C 280 -9.86 50.72 -13.59
N ASN C 281 -10.83 50.95 -12.72
CA ASN C 281 -11.07 52.31 -12.20
C ASN C 281 -9.87 52.85 -11.43
N LEU C 282 -9.20 52.01 -10.64
CA LEU C 282 -8.05 52.50 -9.87
C LEU C 282 -6.93 52.94 -10.79
N GLU C 283 -6.78 52.27 -11.94
CA GLU C 283 -5.77 52.68 -12.90
C GLU C 283 -6.07 54.06 -13.47
N GLY C 284 -7.36 54.41 -13.55
CA GLY C 284 -7.81 55.69 -14.06
C GLY C 284 -8.70 55.62 -15.28
N VAL C 285 -9.01 54.42 -15.80
CA VAL C 285 -9.85 54.26 -16.97
C VAL C 285 -11.12 53.53 -16.56
N ASP C 286 -12.28 54.12 -16.90
CA ASP C 286 -13.55 53.49 -16.60
C ASP C 286 -13.84 52.41 -17.64
N LEU C 287 -14.61 51.41 -17.24
CA LEU C 287 -14.98 50.29 -18.11
C LEU C 287 -16.49 50.24 -18.26
N GLU C 288 -16.97 50.23 -19.50
CA GLU C 288 -18.38 50.17 -19.83
C GLU C 288 -18.65 48.94 -20.69
N PHE C 289 -19.66 48.16 -20.30
CA PHE C 289 -20.06 46.96 -21.02
C PHE C 289 -21.51 47.11 -21.43
N ARG C 290 -21.78 46.96 -22.72
CA ARG C 290 -23.13 47.06 -23.24
C ARG C 290 -23.85 45.72 -23.15
N ASP C 291 -25.18 45.78 -23.17
CA ASP C 291 -25.98 44.57 -23.06
C ASP C 291 -25.76 43.63 -24.24
N GLU C 292 -25.56 44.17 -25.43
CA GLU C 292 -25.34 43.33 -26.61
C GLU C 292 -24.08 42.49 -26.44
N ALA C 293 -23.04 43.05 -25.86
CA ALA C 293 -21.81 42.29 -25.65
C ALA C 293 -22.03 41.11 -24.71
N LEU C 294 -22.88 41.29 -23.70
CA LEU C 294 -23.09 40.25 -22.69
C LEU C 294 -23.75 39.00 -23.27
N ASP C 295 -24.72 39.15 -24.19
CA ASP C 295 -25.40 37.97 -24.72
C ASP C 295 -24.44 37.04 -25.43
N ALA C 296 -23.45 37.60 -26.13
CA ALA C 296 -22.48 36.79 -26.82
C ALA C 296 -21.67 35.95 -25.83
N ILE C 297 -21.35 36.54 -24.67
CA ILE C 297 -20.57 35.83 -23.65
C ILE C 297 -21.38 34.66 -23.10
N ALA C 298 -22.69 34.83 -22.94
CA ALA C 298 -23.53 33.77 -22.40
C ALA C 298 -23.53 32.56 -23.32
N LYS C 299 -23.62 32.77 -24.62
CA LYS C 299 -23.61 31.66 -25.57
C LYS C 299 -22.29 30.91 -25.50
N LYS C 300 -21.17 31.64 -25.41
CA LYS C 300 -19.86 31.02 -25.34
C LYS C 300 -19.69 30.26 -24.03
N ALA C 301 -20.16 30.84 -22.92
CA ALA C 301 -20.00 30.20 -21.62
C ALA C 301 -20.77 28.89 -21.54
N MET C 302 -22.02 28.87 -22.02
CA MET C 302 -22.82 27.65 -21.95
C MET C 302 -22.21 26.54 -22.80
N ALA C 303 -21.53 26.90 -23.89
CA ALA C 303 -20.90 25.90 -24.74
C ALA C 303 -19.81 25.14 -23.97
N ARG C 304 -19.06 25.84 -23.13
CA ARG C 304 -18.00 25.20 -22.36
C ARG C 304 -18.55 24.15 -21.42
N LYS C 305 -19.68 24.44 -20.77
CA LYS C 305 -20.40 23.58 -19.83
C LYS C 305 -19.72 23.52 -18.47
N THR C 306 -18.66 24.30 -18.22
CA THR C 306 -18.01 24.27 -16.92
C THR C 306 -18.87 24.92 -15.85
N GLY C 307 -19.48 26.07 -16.17
CA GLY C 307 -20.32 26.80 -15.27
C GLY C 307 -19.92 28.26 -15.22
N ALA C 308 -20.30 28.92 -14.13
CA ALA C 308 -20.01 30.34 -13.96
C ALA C 308 -18.52 30.60 -13.91
N ARG C 309 -17.74 29.67 -13.35
CA ARG C 309 -16.29 29.87 -13.26
C ARG C 309 -15.65 29.97 -14.64
N GLY C 310 -16.19 29.25 -15.63
CA GLY C 310 -15.67 29.32 -16.98
C GLY C 310 -15.82 30.68 -17.63
N LEU C 311 -16.75 31.50 -17.13
CA LEU C 311 -16.97 32.82 -17.70
C LEU C 311 -15.72 33.69 -17.70
N ARG C 312 -14.85 33.49 -16.70
CA ARG C 312 -13.62 34.26 -16.61
C ARG C 312 -12.77 34.11 -17.87
N SER C 313 -12.73 32.90 -18.44
CA SER C 313 -11.92 32.64 -19.63
C SER C 313 -12.34 33.52 -20.79
N ILE C 314 -13.65 33.69 -21.00
CA ILE C 314 -14.13 34.51 -22.11
C ILE C 314 -13.71 35.96 -21.94
N VAL C 315 -13.88 36.51 -20.74
CA VAL C 315 -13.53 37.90 -20.49
C VAL C 315 -12.01 38.08 -20.51
N GLU C 316 -11.27 37.15 -19.90
CA GLU C 316 -9.82 37.30 -19.83
C GLU C 316 -9.18 37.29 -21.21
N ALA C 317 -9.60 36.38 -22.09
CA ALA C 317 -9.00 36.33 -23.42
C ALA C 317 -9.35 37.57 -24.24
N ALA C 318 -10.59 38.05 -24.14
CA ALA C 318 -11.01 39.20 -24.92
C ALA C 318 -10.25 40.46 -24.51
N LEU C 319 -9.99 40.63 -23.21
CA LEU C 319 -9.31 41.80 -22.69
C LEU C 319 -7.83 41.58 -22.43
N LEU C 320 -7.28 40.43 -22.83
CA LEU C 320 -5.86 40.16 -22.62
C LEU C 320 -5.01 41.15 -23.39
N ASP C 321 -5.33 41.35 -24.67
CA ASP C 321 -4.54 42.25 -25.51
C ASP C 321 -4.65 43.70 -25.05
N THR C 322 -5.86 44.16 -24.70
CA THR C 322 -6.04 45.55 -24.31
C THR C 322 -5.28 45.87 -23.02
N MET C 323 -5.32 44.96 -22.04
CA MET C 323 -4.64 45.20 -20.78
C MET C 323 -3.13 45.27 -20.94
N TYR C 324 -2.59 44.56 -21.94
CA TYR C 324 -1.14 44.54 -22.15
C TYR C 324 -0.58 45.93 -22.42
N ASP C 325 -1.26 46.73 -23.24
CA ASP C 325 -0.77 48.05 -23.62
C ASP C 325 -1.57 49.21 -23.02
N LEU C 326 -2.55 48.93 -22.17
CA LEU C 326 -3.32 50.03 -21.57
C LEU C 326 -2.47 50.90 -20.65
N PRO C 327 -1.61 50.35 -19.78
CA PRO C 327 -0.82 51.25 -18.91
C PRO C 327 0.12 52.15 -19.68
N SER C 328 0.76 51.63 -20.74
CA SER C 328 1.67 52.44 -21.54
C SER C 328 0.95 53.60 -22.19
N MET C 329 -0.28 53.37 -22.67
CA MET C 329 -1.04 54.43 -23.31
C MET C 329 -1.50 55.44 -22.28
N GLU C 330 -1.62 56.70 -22.72
CA GLU C 330 -2.03 57.81 -21.88
C GLU C 330 -3.20 58.54 -22.52
N ASP C 331 -3.80 59.43 -21.72
CA ASP C 331 -4.93 60.24 -22.15
C ASP C 331 -6.14 59.38 -22.52
N VAL C 332 -6.38 58.34 -21.73
CA VAL C 332 -7.50 57.42 -21.90
C VAL C 332 -8.26 57.37 -20.59
N GLU C 333 -9.54 57.77 -20.63
CA GLU C 333 -10.38 57.81 -19.44
C GLU C 333 -11.52 56.80 -19.44
N LYS C 334 -11.90 56.25 -20.60
CA LYS C 334 -12.98 55.27 -20.65
C LYS C 334 -12.72 54.27 -21.77
N VAL C 335 -13.27 53.07 -21.59
CA VAL C 335 -13.14 51.97 -22.55
C VAL C 335 -14.53 51.47 -22.88
N VAL C 336 -14.78 51.23 -24.16
CA VAL C 336 -16.06 50.73 -24.66
C VAL C 336 -15.81 49.40 -25.35
N ILE C 337 -16.67 48.42 -25.05
CA ILE C 337 -16.58 47.08 -25.61
C ILE C 337 -17.85 46.80 -26.38
N ASP C 338 -17.70 46.27 -27.60
CA ASP C 338 -18.81 45.94 -28.48
C ASP C 338 -18.96 44.43 -28.58
N GLU C 339 -20.06 44.02 -29.23
CA GLU C 339 -20.32 42.59 -29.40
C GLU C 339 -19.23 41.91 -30.21
N SER C 340 -18.69 42.60 -31.22
CA SER C 340 -17.63 42.03 -32.05
C SER C 340 -16.40 41.67 -31.23
N VAL C 341 -16.12 42.42 -30.16
CA VAL C 341 -14.96 42.15 -29.33
C VAL C 341 -14.98 40.72 -28.80
N ILE C 342 -16.16 40.24 -28.39
CA ILE C 342 -16.27 38.88 -27.89
C ILE C 342 -15.92 37.89 -28.99
N ASP C 343 -16.39 38.16 -30.22
CA ASP C 343 -16.06 37.30 -31.34
C ASP C 343 -14.58 37.36 -31.65
N GLY C 344 -13.98 38.54 -31.49
CA GLY C 344 -12.58 38.75 -31.77
C GLY C 344 -12.28 39.30 -33.15
N GLN C 345 -13.31 39.56 -33.96
CA GLN C 345 -13.08 40.10 -35.29
C GLN C 345 -12.47 41.50 -35.23
N SER C 346 -12.95 42.32 -34.30
CA SER C 346 -12.48 43.69 -34.13
C SER C 346 -12.07 43.93 -32.69
N GLU C 347 -11.12 44.84 -32.51
CA GLU C 347 -10.61 45.18 -31.20
C GLU C 347 -11.52 46.21 -30.53
N PRO C 348 -11.52 46.29 -29.19
CA PRO C 348 -12.38 47.26 -28.53
C PRO C 348 -11.86 48.67 -28.73
N LEU C 349 -12.80 49.61 -28.85
CA LEU C 349 -12.44 51.02 -29.05
C LEU C 349 -12.09 51.66 -27.72
N LEU C 350 -11.12 52.58 -27.77
CA LEU C 350 -10.65 53.30 -26.59
C LEU C 350 -11.11 54.76 -26.67
N ILE C 351 -11.66 55.26 -25.58
CA ILE C 351 -12.13 56.63 -25.49
C ILE C 351 -11.02 57.47 -24.87
N TYR C 352 -10.51 58.42 -25.64
CA TYR C 352 -9.42 59.26 -25.15
C TYR C 352 -9.97 60.42 -24.31
N GLY C 353 -9.08 61.03 -23.55
CA GLY C 353 -9.44 62.14 -22.70
C GLY C 353 -9.40 63.48 -23.41
N SER D 1 5.95 54.75 -5.20
CA SER D 1 6.10 53.32 -5.56
C SER D 1 5.51 53.05 -6.95
N ALA D 2 6.35 53.14 -7.97
CA ALA D 2 5.95 52.91 -9.35
C ALA D 2 6.30 51.49 -9.74
N LEU D 3 5.28 50.68 -10.00
CA LEU D 3 5.47 49.29 -10.37
C LEU D 3 5.79 49.17 -11.86
N PRO D 4 6.40 48.06 -12.27
CA PRO D 4 6.71 47.89 -13.70
C PRO D 4 5.44 47.74 -14.53
N THR D 5 5.62 47.82 -15.83
CA THR D 5 4.55 47.71 -16.81
C THR D 5 4.73 46.46 -17.67
N PRO D 6 3.71 46.03 -18.40
CA PRO D 6 3.88 44.84 -19.25
C PRO D 6 4.95 45.02 -20.31
N HIS D 7 5.05 46.21 -20.89
CA HIS D 7 6.08 46.46 -21.89
C HIS D 7 7.47 46.35 -21.30
N GLU D 8 7.62 46.72 -20.02
CA GLU D 8 8.92 46.65 -19.37
C GLU D 8 9.27 45.23 -18.98
N ILE D 9 8.33 44.51 -18.36
CA ILE D 9 8.61 43.14 -17.95
C ILE D 9 8.74 42.24 -19.19
N ARG D 10 8.02 42.56 -20.27
CA ARG D 10 8.13 41.76 -21.48
C ARG D 10 9.51 41.89 -22.09
N ASN D 11 10.11 43.08 -21.96
CA ASN D 11 11.46 43.29 -22.49
C ASN D 11 12.47 42.38 -21.80
N HIS D 12 12.25 42.12 -20.51
CA HIS D 12 13.15 41.24 -19.76
C HIS D 12 12.99 39.80 -20.22
N LEU D 13 11.74 39.32 -20.26
CA LEU D 13 11.49 37.94 -20.68
C LEU D 13 11.82 37.75 -22.14
N ASP D 14 11.71 38.80 -22.96
CA ASP D 14 12.04 38.69 -24.38
C ASP D 14 13.53 38.40 -24.55
N ASP D 15 14.36 38.87 -23.60
CA ASP D 15 15.78 38.61 -23.68
C ASP D 15 16.11 37.14 -23.50
N TYR D 16 15.25 36.40 -22.78
CA TYR D 16 15.46 34.99 -22.53
C TYR D 16 14.57 34.07 -23.36
N VAL D 17 13.52 34.59 -23.99
CA VAL D 17 12.60 33.79 -24.79
C VAL D 17 12.35 34.50 -26.11
N ILE D 18 12.15 33.71 -27.17
CA ILE D 18 11.91 34.22 -28.51
C ILE D 18 10.77 33.46 -29.15
N GLY D 19 9.95 34.18 -29.91
CA GLY D 19 8.82 33.58 -30.62
C GLY D 19 7.72 33.05 -29.75
N GLN D 20 7.45 33.69 -28.61
CA GLN D 20 6.39 33.31 -27.70
C GLN D 20 5.59 34.53 -27.26
N GLU D 21 5.26 35.39 -28.23
CA GLU D 21 4.53 36.61 -27.91
C GLU D 21 3.15 36.32 -27.35
N GLN D 22 2.51 35.23 -27.80
CA GLN D 22 1.18 34.90 -27.31
C GLN D 22 1.21 34.54 -25.83
N ALA D 23 2.18 33.73 -25.41
CA ALA D 23 2.26 33.30 -24.02
C ALA D 23 2.88 34.34 -23.11
N LYS D 24 3.85 35.11 -23.60
CA LYS D 24 4.50 36.11 -22.75
C LYS D 24 3.53 37.23 -22.37
N LYS D 25 2.55 37.51 -23.22
CA LYS D 25 1.57 38.54 -22.90
C LYS D 25 0.72 38.16 -21.69
N VAL D 26 0.42 36.87 -21.54
CA VAL D 26 -0.41 36.41 -20.44
C VAL D 26 0.30 36.61 -19.11
N LEU D 27 1.56 36.20 -19.04
CA LEU D 27 2.32 36.33 -17.79
C LEU D 27 2.48 37.78 -17.38
N ALA D 28 2.59 38.69 -18.35
CA ALA D 28 2.75 40.11 -18.02
C ALA D 28 1.49 40.68 -17.39
N VAL D 29 0.33 40.36 -17.96
CA VAL D 29 -0.93 40.89 -17.43
C VAL D 29 -1.20 40.33 -16.05
N ALA D 30 -0.90 39.05 -15.83
CA ALA D 30 -1.15 38.45 -14.52
C ALA D 30 -0.24 39.07 -13.46
N VAL D 31 1.06 39.13 -13.75
CA VAL D 31 1.99 39.72 -12.80
C VAL D 31 1.64 41.18 -12.56
N TYR D 32 1.24 41.89 -13.61
CA TYR D 32 0.84 43.28 -13.47
C TYR D 32 -0.39 43.41 -12.59
N ASN D 33 -1.43 42.63 -12.90
CA ASN D 33 -2.66 42.67 -12.12
C ASN D 33 -2.49 42.04 -10.75
N HIS D 34 -1.51 41.16 -10.56
CA HIS D 34 -1.33 40.56 -9.24
C HIS D 34 -0.91 41.60 -8.22
N TYR D 35 -0.19 42.63 -8.65
CA TYR D 35 0.21 43.68 -7.72
C TYR D 35 -0.97 44.58 -7.38
N LYS D 36 -1.89 44.75 -8.33
CA LYS D 36 -3.06 45.59 -8.07
C LYS D 36 -3.94 44.95 -7.01
N ARG D 37 -4.21 43.64 -7.15
CA ARG D 37 -5.00 42.94 -6.16
C ARG D 37 -4.28 42.90 -4.81
N LEU D 38 -2.95 42.94 -4.83
CA LEU D 38 -2.19 42.94 -3.58
C LEU D 38 -2.24 44.29 -2.90
N ARG D 39 -2.09 45.37 -3.68
CA ARG D 39 -2.15 46.71 -3.12
C ARG D 39 -3.48 46.94 -2.42
N ASN D 40 -4.58 46.51 -3.04
CA ASN D 40 -5.92 46.67 -2.47
C ASN D 40 -6.19 45.51 -1.52
N GLY D 41 -5.54 45.58 -0.36
CA GLY D 41 -5.70 44.57 0.67
C GLY D 41 -6.95 44.84 1.48
N ASP D 42 -8.11 44.58 0.86
CA ASP D 42 -9.40 44.82 1.50
C ASP D 42 -9.57 46.31 1.81
N THR D 43 -9.06 47.14 0.90
CA THR D 43 -9.13 48.61 1.01
C THR D 43 -9.84 49.23 -0.19
N SER D 44 -10.59 48.44 -0.95
CA SER D 44 -11.30 48.88 -2.14
C SER D 44 -12.78 48.57 -2.03
N ASN D 45 -13.58 49.35 -2.76
CA ASN D 45 -15.02 49.18 -2.74
C ASN D 45 -15.44 47.78 -3.21
N GLY D 46 -14.73 47.23 -4.18
CA GLY D 46 -15.08 45.91 -4.69
C GLY D 46 -14.47 44.81 -3.86
N VAL D 47 -15.30 44.17 -3.05
CA VAL D 47 -14.87 43.08 -2.19
C VAL D 47 -14.76 41.80 -3.01
N GLU D 48 -13.90 40.89 -2.57
CA GLU D 48 -13.68 39.60 -3.23
C GLU D 48 -13.30 39.79 -4.70
N LEU D 49 -12.22 40.53 -4.91
CA LEU D 49 -11.73 40.76 -6.27
C LEU D 49 -11.38 39.42 -6.91
N GLY D 50 -11.91 39.21 -8.12
CA GLY D 50 -11.70 37.96 -8.81
C GLY D 50 -10.24 37.62 -9.02
N LYS D 51 -10.02 36.33 -9.27
CA LYS D 51 -8.71 35.76 -9.52
C LYS D 51 -8.71 35.09 -10.90
N SER D 52 -7.52 35.01 -11.52
CA SER D 52 -7.41 34.41 -12.84
C SER D 52 -6.07 33.68 -12.94
N ASN D 53 -6.08 32.37 -12.72
CA ASN D 53 -4.87 31.58 -12.85
C ASN D 53 -4.47 31.47 -14.32
N ILE D 54 -3.35 30.79 -14.59
CA ILE D 54 -2.84 30.62 -15.94
C ILE D 54 -2.49 29.16 -16.17
N LEU D 55 -2.71 28.68 -17.40
CA LEU D 55 -2.41 27.31 -17.82
C LEU D 55 -1.51 27.40 -19.05
N LEU D 56 -0.22 27.17 -18.87
CA LEU D 56 0.75 27.22 -19.96
C LEU D 56 0.83 25.86 -20.65
N ILE D 57 0.34 25.78 -21.88
CA ILE D 57 0.38 24.56 -22.68
C ILE D 57 1.37 24.76 -23.80
N GLY D 58 2.18 23.74 -24.07
CA GLY D 58 3.15 23.81 -25.12
C GLY D 58 3.83 22.48 -25.40
N PRO D 59 4.55 22.38 -26.54
CA PRO D 59 5.24 21.12 -26.84
C PRO D 59 6.42 20.88 -25.93
N THR D 60 7.13 19.77 -26.16
CA THR D 60 8.28 19.43 -25.36
C THR D 60 9.46 20.35 -25.69
N GLY D 61 10.17 20.78 -24.65
CA GLY D 61 11.32 21.63 -24.83
C GLY D 61 11.02 22.98 -25.44
N SER D 62 9.78 23.45 -25.38
CA SER D 62 9.43 24.73 -25.96
C SER D 62 9.82 25.90 -25.07
N GLY D 63 10.13 25.66 -23.80
CA GLY D 63 10.53 26.70 -22.88
C GLY D 63 9.54 27.02 -21.78
N LYS D 64 8.61 26.12 -21.46
CA LYS D 64 7.65 26.39 -20.41
C LYS D 64 8.34 26.51 -19.06
N THR D 65 9.14 25.50 -18.70
CA THR D 65 9.87 25.54 -17.44
C THR D 65 10.88 26.67 -17.40
N LEU D 66 11.37 27.09 -18.57
CA LEU D 66 12.35 28.17 -18.61
C LEU D 66 11.72 29.51 -18.30
N LEU D 67 10.45 29.70 -18.68
CA LEU D 67 9.79 30.98 -18.41
C LEU D 67 9.64 31.22 -16.92
N ALA D 68 9.24 30.19 -16.17
CA ALA D 68 9.06 30.35 -14.73
C ALA D 68 10.38 30.58 -14.02
N GLU D 69 11.47 29.99 -14.52
CA GLU D 69 12.77 30.16 -13.87
C GLU D 69 13.29 31.58 -14.05
N THR D 70 13.29 32.08 -15.29
CA THR D 70 13.77 33.43 -15.53
C THR D 70 12.86 34.47 -14.89
N LEU D 71 11.56 34.16 -14.78
CA LEU D 71 10.62 35.10 -14.18
C LEU D 71 10.97 35.38 -12.72
N ALA D 72 11.39 34.35 -11.99
CA ALA D 72 11.69 34.50 -10.57
C ALA D 72 12.87 35.43 -10.31
N ARG D 73 13.77 35.59 -11.28
CA ARG D 73 14.94 36.46 -11.07
C ARG D 73 14.51 37.91 -10.89
N LEU D 74 13.83 38.46 -11.89
CA LEU D 74 13.38 39.85 -11.82
C LEU D 74 12.21 40.03 -10.86
N LEU D 75 11.62 38.96 -10.36
CA LEU D 75 10.47 39.07 -9.47
C LEU D 75 10.92 39.36 -8.04
N ASP D 76 10.30 40.37 -7.42
CA ASP D 76 10.61 40.72 -6.04
C ASP D 76 9.88 39.81 -5.07
N VAL D 77 8.58 39.61 -5.28
CA VAL D 77 7.74 38.76 -4.44
C VAL D 77 8.26 37.33 -4.54
N PRO D 78 7.95 36.45 -3.57
CA PRO D 78 8.47 35.08 -3.64
C PRO D 78 7.95 34.31 -4.85
N PHE D 79 8.55 33.14 -5.03
CA PHE D 79 8.22 32.25 -6.14
C PHE D 79 8.63 30.84 -5.74
N THR D 80 8.10 29.86 -6.47
CA THR D 80 8.40 28.47 -6.22
C THR D 80 8.35 27.69 -7.52
N MET D 81 8.95 26.50 -7.51
CA MET D 81 8.98 25.62 -8.66
C MET D 81 8.81 24.20 -8.12
N ALA D 82 7.56 23.74 -8.11
CA ALA D 82 7.19 22.42 -7.62
C ALA D 82 6.88 21.50 -8.80
N ASP D 83 6.45 20.28 -8.47
CA ASP D 83 6.10 19.27 -9.44
C ASP D 83 4.81 18.62 -8.98
N ALA D 84 4.28 17.69 -9.79
CA ALA D 84 3.05 16.99 -9.48
C ALA D 84 3.16 15.48 -9.55
N THR D 85 4.26 14.93 -10.04
CA THR D 85 4.40 13.49 -10.09
C THR D 85 4.49 12.88 -8.71
N THR D 86 5.13 13.58 -7.78
CA THR D 86 5.28 13.11 -6.41
C THR D 86 4.06 13.33 -5.53
N LEU D 87 2.98 13.90 -6.06
CA LEU D 87 1.78 14.17 -5.27
C LEU D 87 0.88 12.94 -5.23
N THR D 88 0.39 12.64 -4.03
CA THR D 88 -0.51 11.52 -3.79
C THR D 88 -1.78 12.02 -3.11
N GLU D 89 -2.85 11.26 -3.27
CA GLU D 89 -4.17 11.64 -2.79
C GLU D 89 -4.43 11.29 -1.32
N ALA D 90 -4.49 12.33 -0.48
CA ALA D 90 -4.92 12.25 0.92
C ALA D 90 -4.13 11.29 1.82
N GLY D 91 -2.84 11.56 1.98
CA GLY D 91 -2.05 10.82 2.95
C GLY D 91 -1.33 9.57 2.51
N TYR D 92 -1.12 9.37 1.22
CA TYR D 92 -0.41 8.17 0.81
C TYR D 92 1.10 8.36 1.03
N VAL D 93 1.82 7.24 0.93
CA VAL D 93 3.26 7.20 1.21
C VAL D 93 4.04 8.24 0.41
N GLY D 94 3.64 8.51 -0.83
CA GLY D 94 4.40 9.44 -1.66
C GLY D 94 4.58 10.86 -1.15
N GLU D 95 3.50 11.63 -0.99
CA GLU D 95 3.61 13.00 -0.53
C GLU D 95 2.19 13.55 -0.33
N ASP D 96 2.12 14.70 0.35
CA ASP D 96 0.88 15.40 0.61
C ASP D 96 0.91 16.75 -0.12
N VAL D 97 -0.27 17.31 -0.34
CA VAL D 97 -0.38 18.59 -1.03
C VAL D 97 0.20 19.73 -0.21
N GLU D 98 0.29 19.59 1.11
CA GLU D 98 0.82 20.65 1.94
C GLU D 98 2.31 20.88 1.74
N ASN D 99 3.02 19.93 1.11
CA ASN D 99 4.46 20.10 0.90
C ASN D 99 4.75 21.31 0.00
N ILE D 100 3.83 21.64 -0.90
CA ILE D 100 4.03 22.79 -1.78
C ILE D 100 4.11 24.07 -0.98
N ILE D 101 3.26 24.20 0.05
CA ILE D 101 3.26 25.41 0.86
C ILE D 101 4.52 25.48 1.72
N GLN D 102 5.06 24.33 2.13
CA GLN D 102 6.26 24.35 2.95
C GLN D 102 7.45 24.92 2.18
N LYS D 103 7.54 24.62 0.88
CA LYS D 103 8.62 25.15 0.07
C LYS D 103 8.54 26.66 -0.03
N LEU D 104 7.33 27.19 -0.22
CA LEU D 104 7.13 28.63 -0.34
C LEU D 104 7.63 29.37 0.90
N LEU D 105 7.46 28.79 2.08
CA LEU D 105 7.90 29.47 3.29
C LEU D 105 9.43 29.46 3.41
N GLN D 106 10.09 28.43 2.86
CA GLN D 106 11.54 28.41 2.91
C GLN D 106 12.14 29.57 2.14
N LYS D 107 11.52 29.94 1.01
CA LYS D 107 12.01 31.06 0.22
C LYS D 107 11.67 32.40 0.86
N SER D 108 10.54 32.46 1.55
CA SER D 108 10.09 33.69 2.21
C SER D 108 10.54 33.78 3.67
N ASP D 109 11.29 32.79 4.16
CA ASP D 109 11.79 32.77 5.54
C ASP D 109 10.65 32.64 6.53
N TYR D 110 9.66 31.82 6.19
CA TYR D 110 8.51 31.55 7.06
C TYR D 110 7.71 32.83 7.33
N ASP D 111 7.62 33.69 6.31
CA ASP D 111 6.87 34.95 6.40
C ASP D 111 5.47 34.69 5.86
N VAL D 112 4.50 34.51 6.76
CA VAL D 112 3.14 34.21 6.36
C VAL D 112 2.54 35.37 5.58
N GLN D 113 2.64 36.58 6.13
CA GLN D 113 2.08 37.75 5.46
C GLN D 113 2.76 38.01 4.13
N LYS D 114 4.02 37.60 3.98
CA LYS D 114 4.75 37.79 2.73
C LYS D 114 4.61 36.62 1.77
N ALA D 115 4.27 35.43 2.28
CA ALA D 115 4.11 34.27 1.42
C ALA D 115 2.72 34.19 0.80
N GLN D 116 1.69 34.73 1.47
CA GLN D 116 0.34 34.68 0.93
C GLN D 116 0.23 35.43 -0.39
N ARG D 117 1.08 36.43 -0.62
CA ARG D 117 1.07 37.19 -1.86
C ARG D 117 2.07 36.66 -2.88
N GLY D 118 2.58 35.45 -2.68
CA GLY D 118 3.54 34.86 -3.59
C GLY D 118 2.88 34.23 -4.81
N ILE D 119 3.74 33.64 -5.64
CA ILE D 119 3.35 32.97 -6.88
C ILE D 119 3.80 31.53 -6.78
N VAL D 120 3.04 30.65 -7.43
CA VAL D 120 3.32 29.21 -7.42
C VAL D 120 3.33 28.68 -8.84
N TYR D 121 4.26 27.76 -9.11
CA TYR D 121 4.40 27.12 -10.42
C TYR D 121 4.44 25.61 -10.22
N ILE D 122 3.79 24.89 -11.13
CA ILE D 122 3.73 23.43 -11.11
C ILE D 122 4.08 22.93 -12.50
N ASP D 123 4.78 21.80 -12.57
CA ASP D 123 5.22 21.21 -13.82
C ASP D 123 4.67 19.80 -13.96
N GLN D 124 4.59 19.34 -15.21
CA GLN D 124 4.07 18.02 -15.55
C GLN D 124 2.67 17.80 -14.99
N ILE D 125 1.83 18.83 -15.09
CA ILE D 125 0.46 18.74 -14.59
C ILE D 125 -0.35 17.72 -15.38
N ASP D 126 -0.06 17.56 -16.67
CA ASP D 126 -0.83 16.63 -17.50
C ASP D 126 -0.66 15.18 -17.07
N LYS D 127 0.48 14.84 -16.48
CA LYS D 127 0.74 13.45 -16.10
C LYS D 127 -0.31 12.93 -15.12
N ILE D 128 -0.78 13.77 -14.21
CA ILE D 128 -1.79 13.33 -13.22
C ILE D 128 -3.15 13.58 -13.86
N SER D 129 -3.60 12.59 -14.62
CA SER D 129 -4.90 12.66 -15.29
C SER D 129 -5.33 11.26 -15.65
N ARG D 130 -6.56 10.89 -15.27
CA ARG D 130 -7.05 9.55 -15.58
C ARG D 130 -7.20 9.38 -17.08
N LYS D 131 -6.52 8.38 -17.64
CA LYS D 131 -6.64 8.13 -19.06
C LYS D 131 -8.01 7.55 -19.40
N SER D 132 -8.56 6.76 -18.48
CA SER D 132 -9.85 6.13 -18.69
C SER D 132 -10.97 7.15 -18.48
N ASP D 133 -12.20 6.70 -18.71
CA ASP D 133 -13.37 7.55 -18.58
C ASP D 133 -13.83 7.64 -17.12
N ASN D 134 -15.00 8.23 -16.91
CA ASN D 134 -15.54 8.43 -15.58
C ASN D 134 -15.67 7.19 -14.68
N PRO D 135 -15.94 5.94 -15.17
CA PRO D 135 -16.12 4.83 -14.22
C PRO D 135 -14.95 4.60 -13.28
N SER D 136 -13.75 4.38 -13.80
CA SER D 136 -12.53 4.19 -13.02
C SER D 136 -12.75 3.27 -11.80
N ILE D 137 -13.16 2.03 -12.09
CA ILE D 137 -13.43 1.08 -11.02
C ILE D 137 -12.22 0.95 -10.10
N THR D 138 -11.04 0.76 -10.67
CA THR D 138 -9.83 0.75 -9.86
C THR D 138 -9.58 2.18 -9.40
N ARG D 139 -9.30 2.37 -8.12
CA ARG D 139 -9.11 3.72 -7.59
C ARG D 139 -7.67 4.18 -7.74
N ASP D 140 -7.35 4.72 -8.91
CA ASP D 140 -6.03 5.29 -9.13
C ASP D 140 -5.79 6.41 -8.12
N VAL D 141 -4.60 6.42 -7.53
CA VAL D 141 -4.24 7.41 -6.51
C VAL D 141 -3.34 8.51 -7.06
N SER D 142 -2.95 8.45 -8.33
CA SER D 142 -2.12 9.47 -8.96
C SER D 142 -2.78 10.06 -10.20
N GLY D 143 -4.02 9.68 -10.50
CA GLY D 143 -4.70 10.19 -11.66
C GLY D 143 -5.47 11.46 -11.38
N GLU D 144 -6.75 11.46 -11.74
CA GLU D 144 -7.61 12.61 -11.52
C GLU D 144 -7.81 12.93 -10.04
N GLY D 145 -7.60 11.96 -9.16
CA GLY D 145 -7.81 12.20 -7.73
C GLY D 145 -6.98 13.34 -7.20
N VAL D 146 -5.75 13.51 -7.70
CA VAL D 146 -4.89 14.59 -7.23
C VAL D 146 -5.50 15.93 -7.57
N GLN D 147 -6.08 16.05 -8.77
CA GLN D 147 -6.70 17.30 -9.19
C GLN D 147 -7.81 17.72 -8.24
N GLN D 148 -8.60 16.73 -7.77
CA GLN D 148 -9.71 17.02 -6.87
C GLN D 148 -9.21 17.69 -5.59
N ALA D 149 -8.08 17.24 -5.06
CA ALA D 149 -7.54 17.82 -3.83
C ALA D 149 -7.16 19.28 -4.02
N LEU D 150 -6.60 19.62 -5.18
CA LEU D 150 -6.16 20.99 -5.44
C LEU D 150 -7.30 21.99 -5.51
N LEU D 151 -8.54 21.53 -5.73
CA LEU D 151 -9.67 22.45 -5.83
C LEU D 151 -9.77 23.36 -4.61
N LYS D 152 -9.68 22.79 -3.40
CA LYS D 152 -9.73 23.59 -2.20
C LYS D 152 -8.53 24.52 -2.11
N LEU D 153 -7.38 24.06 -2.58
CA LEU D 153 -6.17 24.86 -2.53
C LEU D 153 -6.25 26.07 -3.45
N ILE D 154 -6.69 25.85 -4.69
CA ILE D 154 -6.77 26.96 -5.64
C ILE D 154 -7.87 27.94 -5.25
N GLU D 155 -9.03 27.45 -4.83
CA GLU D 155 -10.12 28.32 -4.42
C GLU D 155 -9.69 29.21 -3.25
N GLY D 156 -8.95 28.63 -2.31
CA GLY D 156 -8.47 29.32 -1.13
C GLY D 156 -8.88 28.62 0.14
N THR D 157 -7.90 28.29 0.98
CA THR D 157 -8.14 27.61 2.24
C THR D 157 -6.90 27.80 3.11
N VAL D 158 -6.85 27.09 4.23
CA VAL D 158 -5.75 27.16 5.18
C VAL D 158 -5.29 25.74 5.48
N ALA D 159 -3.97 25.53 5.49
CA ALA D 159 -3.34 24.24 5.76
C ALA D 159 -2.50 24.34 7.03
N ALA D 160 -1.94 23.20 7.43
CA ALA D 160 -1.11 23.08 8.63
C ALA D 160 0.33 22.77 8.25
N VAL D 161 1.26 23.59 8.73
CA VAL D 161 2.68 23.40 8.47
C VAL D 161 3.45 23.62 9.78
N PRO D 162 4.35 22.71 10.20
CA PRO D 162 5.09 22.96 11.44
C PRO D 162 6.14 24.03 11.21
N PRO D 163 6.44 24.86 12.23
CA PRO D 163 7.46 25.90 12.03
C PRO D 163 8.90 25.42 12.24
N GLN D 164 9.71 25.50 11.18
CA GLN D 164 11.13 25.15 11.24
C GLN D 164 11.38 23.74 11.78
N GLY D 165 10.46 22.82 11.48
CA GLY D 165 10.60 21.45 11.94
C GLY D 165 10.15 21.20 13.35
N GLY D 166 9.50 22.17 13.99
CA GLY D 166 9.02 22.00 15.36
C GLY D 166 9.99 22.59 16.37
N GLN D 171 6.24 21.68 21.10
CA GLN D 171 5.59 22.81 20.44
C GLN D 171 4.10 22.50 20.21
N GLN D 172 3.84 21.43 19.46
CA GLN D 172 2.49 20.96 19.16
C GLN D 172 1.60 22.09 18.62
N GLU D 173 2.14 22.87 17.69
CA GLU D 173 1.44 23.99 17.07
C GLU D 173 1.60 23.92 15.56
N PHE D 174 0.64 24.55 14.86
CA PHE D 174 0.64 24.62 13.41
C PHE D 174 0.36 26.06 12.98
N LEU D 175 0.73 26.36 11.74
CA LEU D 175 0.55 27.68 11.15
C LEU D 175 -0.52 27.62 10.07
N GLN D 176 -1.46 28.55 10.15
CA GLN D 176 -2.56 28.66 9.19
C GLN D 176 -2.20 29.74 8.17
N VAL D 177 -2.19 29.37 6.89
CA VAL D 177 -1.83 30.28 5.81
C VAL D 177 -2.91 30.24 4.74
N ASP D 178 -3.56 31.37 4.53
CA ASP D 178 -4.61 31.45 3.53
C ASP D 178 -4.02 31.35 2.12
N THR D 179 -4.86 30.93 1.19
CA THR D 179 -4.49 30.77 -0.22
C THR D 179 -5.49 31.46 -1.14
N SER D 180 -6.35 32.34 -0.59
CA SER D 180 -7.34 33.02 -1.40
C SER D 180 -6.72 33.84 -2.52
N LYS D 181 -5.63 34.54 -2.23
CA LYS D 181 -4.97 35.43 -3.19
C LYS D 181 -3.66 34.88 -3.74
N ILE D 182 -3.40 33.59 -3.58
CA ILE D 182 -2.17 32.98 -4.10
C ILE D 182 -2.44 32.47 -5.50
N LEU D 183 -1.54 32.81 -6.43
CA LEU D 183 -1.67 32.44 -7.83
C LEU D 183 -0.96 31.12 -8.13
N PHE D 184 -1.50 30.40 -9.11
CA PHE D 184 -0.96 29.13 -9.55
C PHE D 184 -0.79 29.12 -11.06
N ILE D 185 0.34 28.60 -11.52
CA ILE D 185 0.66 28.49 -12.95
C ILE D 185 1.02 27.03 -13.19
N CYS D 186 0.04 26.23 -13.60
CA CYS D 186 0.25 24.82 -13.88
C CYS D 186 0.55 24.64 -15.37
N GLY D 187 1.81 24.32 -15.68
CA GLY D 187 2.23 24.11 -17.04
C GLY D 187 2.69 22.68 -17.30
N GLY D 188 2.16 22.05 -18.35
CA GLY D 188 2.56 20.70 -18.68
C GLY D 188 2.52 20.46 -20.18
N ALA D 189 3.17 19.38 -20.59
CA ALA D 189 3.23 18.96 -21.99
C ALA D 189 2.21 17.87 -22.23
N PHE D 190 1.23 18.14 -23.08
CA PHE D 190 0.16 17.21 -23.39
C PHE D 190 0.50 16.44 -24.66
N ALA D 191 0.42 15.12 -24.58
CA ALA D 191 0.71 14.23 -25.69
C ALA D 191 -0.58 13.58 -26.18
N GLY D 192 -0.79 13.63 -27.49
CA GLY D 192 -1.99 13.07 -28.09
C GLY D 192 -3.18 13.98 -28.09
N LEU D 193 -3.02 15.24 -27.67
CA LEU D 193 -4.15 16.17 -27.64
C LEU D 193 -4.61 16.51 -29.05
N ASP D 194 -3.72 16.44 -30.03
CA ASP D 194 -4.09 16.78 -31.40
C ASP D 194 -5.09 15.76 -31.98
N LYS D 195 -4.92 14.48 -31.63
CA LYS D 195 -5.82 13.47 -32.17
C LYS D 195 -7.23 13.62 -31.60
N VAL D 196 -7.32 13.93 -30.31
CA VAL D 196 -8.63 14.08 -29.67
C VAL D 196 -9.39 15.25 -30.26
N ILE D 197 -8.71 16.38 -30.47
CA ILE D 197 -9.36 17.57 -30.98
C ILE D 197 -9.79 17.40 -32.44
N SER D 198 -9.06 16.57 -33.20
CA SER D 198 -9.42 16.39 -34.61
C SER D 198 -10.78 15.72 -34.76
N HIS D 199 -11.08 14.76 -33.89
CA HIS D 199 -12.36 14.07 -33.97
C HIS D 199 -13.53 15.02 -33.78
N ARG D 200 -13.38 15.97 -32.84
CA ARG D 200 -14.47 16.90 -32.55
C ARG D 200 -14.63 17.96 -33.62
N VAL D 201 -13.52 18.58 -34.05
CA VAL D 201 -13.57 19.68 -35.01
C VAL D 201 -13.59 19.21 -36.46
N GLU D 202 -12.60 18.42 -36.86
CA GLU D 202 -12.54 18.01 -38.26
C GLU D 202 -13.70 17.09 -38.64
N THR D 203 -14.06 16.16 -37.74
CA THR D 203 -15.13 15.18 -38.00
C THR D 203 -14.97 14.53 -39.36
N GLY D 204 -13.74 14.19 -39.72
CA GLY D 204 -13.47 13.64 -41.02
C GLY D 204 -13.96 12.22 -41.20
N SER D 205 -14.43 11.94 -42.42
CA SER D 205 -14.89 10.62 -42.84
C SER D 205 -14.56 10.51 -44.31
N GLY D 206 -14.08 9.34 -44.74
CA GLY D 206 -13.69 9.16 -46.13
C GLY D 206 -14.03 7.81 -46.73
N ILE D 207 -14.89 7.05 -46.07
CA ILE D 207 -15.27 5.72 -46.55
C ILE D 207 -16.41 5.83 -47.53
N GLY D 208 -17.50 6.48 -47.11
CA GLY D 208 -18.65 6.62 -47.97
C GLY D 208 -18.37 7.48 -49.19
N PHE D 209 -19.37 7.54 -50.07
CA PHE D 209 -19.25 8.32 -51.30
C PHE D 209 -19.43 9.82 -51.03
N GLY D 210 -20.47 10.18 -50.27
CA GLY D 210 -20.73 11.58 -50.00
C GLY D 210 -19.68 12.26 -49.16
N ALA D 211 -19.08 11.54 -48.22
CA ALA D 211 -18.09 12.14 -47.33
C ALA D 211 -16.83 12.53 -48.10
N THR D 212 -16.25 13.67 -47.72
CA THR D 212 -15.05 14.20 -48.33
C THR D 212 -13.81 13.70 -47.61
N VAL D 213 -12.72 13.55 -48.37
CA VAL D 213 -11.45 13.07 -47.86
C VAL D 213 -10.49 14.24 -47.77
N LYS D 214 -9.84 14.41 -46.61
CA LYS D 214 -8.93 15.51 -46.40
C LYS D 214 -7.59 15.28 -47.10
N ALA D 215 -7.16 14.02 -47.23
CA ALA D 215 -5.92 13.67 -47.91
C ALA D 215 -4.69 14.28 -47.25
N LYS D 216 -4.65 14.23 -45.91
CA LYS D 216 -3.50 14.74 -45.16
C LYS D 216 -3.21 16.21 -45.45
N SER D 217 -4.28 16.99 -45.65
CA SER D 217 -4.18 18.42 -45.92
C SER D 217 -4.67 19.25 -44.74
N ASP D 218 -4.85 18.64 -43.57
CA ASP D 218 -5.33 19.35 -42.40
C ASP D 218 -4.21 20.16 -41.77
N LYS D 219 -4.60 21.05 -40.87
CA LYS D 219 -3.63 21.90 -40.20
C LYS D 219 -2.74 21.09 -39.27
N ALA D 220 -1.56 21.63 -39.01
CA ALA D 220 -0.59 20.96 -38.16
C ALA D 220 -1.03 20.98 -36.71
N SER D 221 -0.43 20.09 -35.91
CA SER D 221 -0.77 19.98 -34.50
C SER D 221 -0.59 21.30 -33.78
N GLU D 222 0.49 22.02 -34.06
CA GLU D 222 0.76 23.29 -33.42
C GLU D 222 0.15 24.48 -34.15
N GLY D 223 -0.07 24.36 -35.46
CA GLY D 223 -0.59 25.49 -36.22
C GLY D 223 -2.00 25.89 -35.85
N GLU D 224 -2.93 24.91 -35.83
CA GLU D 224 -4.32 25.24 -35.54
C GLU D 224 -5.03 24.25 -34.63
N LEU D 225 -4.35 23.25 -34.06
CA LEU D 225 -4.99 22.27 -33.20
C LEU D 225 -4.76 22.54 -31.70
N LEU D 226 -4.17 23.68 -31.36
CA LEU D 226 -3.91 24.08 -29.98
C LEU D 226 -4.58 25.40 -29.62
N ALA D 227 -4.59 26.35 -30.55
CA ALA D 227 -5.19 27.66 -30.27
C ALA D 227 -6.68 27.52 -29.97
N GLN D 228 -7.40 26.72 -30.76
CA GLN D 228 -8.84 26.53 -30.55
C GLN D 228 -9.12 25.37 -29.62
N VAL D 229 -8.52 25.40 -28.43
CA VAL D 229 -8.71 24.38 -27.41
C VAL D 229 -9.79 24.88 -26.47
N GLU D 230 -10.74 24.01 -26.15
CA GLU D 230 -11.86 24.32 -25.28
C GLU D 230 -11.97 23.30 -24.17
N PRO D 231 -12.48 23.71 -22.96
CA PRO D 231 -12.65 22.78 -21.83
C PRO D 231 -13.20 21.41 -22.18
N GLU D 232 -14.20 21.38 -23.07
CA GLU D 232 -14.81 20.11 -23.43
C GLU D 232 -13.81 19.17 -24.09
N ASP D 233 -12.81 19.71 -24.78
CA ASP D 233 -11.80 18.86 -25.40
C ASP D 233 -10.95 18.16 -24.35
N LEU D 234 -10.67 18.85 -23.24
CA LEU D 234 -9.85 18.27 -22.18
C LEU D 234 -10.57 17.17 -21.40
N ILE D 235 -11.90 17.14 -21.45
CA ILE D 235 -12.63 16.10 -20.70
C ILE D 235 -12.31 14.74 -21.29
N LYS D 236 -12.24 14.65 -22.62
CA LYS D 236 -11.90 13.39 -23.25
C LYS D 236 -10.48 12.98 -22.90
N PHE D 237 -9.57 13.96 -22.76
CA PHE D 237 -8.20 13.67 -22.40
C PHE D 237 -8.08 13.13 -20.98
N GLY D 238 -9.09 13.34 -20.14
CA GLY D 238 -9.09 12.85 -18.77
C GLY D 238 -9.15 13.90 -17.68
N LEU D 239 -9.21 15.19 -17.99
CA LEU D 239 -9.30 16.19 -16.93
C LEU D 239 -10.74 16.31 -16.46
N ILE D 240 -10.89 16.89 -15.27
CA ILE D 240 -12.19 17.06 -14.63
C ILE D 240 -12.64 18.50 -14.85
N PRO D 241 -13.92 18.76 -15.26
CA PRO D 241 -14.41 20.13 -15.41
C PRO D 241 -14.08 21.05 -14.24
N GLU D 242 -14.19 20.50 -13.02
CA GLU D 242 -13.93 21.28 -11.83
C GLU D 242 -12.50 21.78 -11.78
N PHE D 243 -11.55 21.01 -12.30
CA PHE D 243 -10.16 21.45 -12.28
C PHE D 243 -9.91 22.53 -13.33
N ILE D 244 -10.53 22.39 -14.50
CA ILE D 244 -10.33 23.36 -15.57
C ILE D 244 -11.04 24.67 -15.27
N GLY D 245 -12.19 24.62 -14.58
CA GLY D 245 -12.89 25.84 -14.24
C GLY D 245 -12.07 26.76 -13.37
N ARG D 246 -11.20 26.18 -12.54
CA ARG D 246 -10.33 26.96 -11.68
C ARG D 246 -9.21 27.65 -12.45
N LEU D 247 -8.94 27.21 -13.70
CA LEU D 247 -7.88 27.76 -14.54
C LEU D 247 -8.53 28.28 -15.82
N PRO D 248 -9.12 29.48 -15.78
CA PRO D 248 -9.78 30.00 -16.98
C PRO D 248 -8.83 30.36 -18.11
N VAL D 249 -7.75 31.05 -17.78
CA VAL D 249 -6.81 31.48 -18.81
C VAL D 249 -6.04 30.29 -19.35
N VAL D 250 -5.74 30.34 -20.65
CA VAL D 250 -5.00 29.29 -21.34
C VAL D 250 -3.99 29.97 -22.25
N ALA D 251 -2.77 29.41 -22.30
CA ALA D 251 -1.69 29.93 -23.14
C ALA D 251 -1.20 28.81 -24.03
N THR D 252 -1.27 29.03 -25.34
CA THR D 252 -0.85 28.07 -26.34
C THR D 252 0.48 28.50 -26.93
N LEU D 253 1.48 27.61 -26.85
CA LEU D 253 2.81 27.85 -27.37
C LEU D 253 3.03 27.03 -28.63
N ASN D 254 3.53 27.69 -29.68
CA ASN D 254 3.79 27.01 -30.94
C ASN D 254 5.15 26.33 -30.91
N GLU D 255 5.30 25.31 -31.76
CA GLU D 255 6.55 24.58 -31.84
C GLU D 255 7.63 25.46 -32.47
N LEU D 256 8.85 25.32 -31.98
CA LEU D 256 9.97 26.10 -32.49
C LEU D 256 10.15 25.92 -33.98
N SER D 257 10.27 27.05 -34.68
CA SER D 257 10.46 27.07 -36.12
C SER D 257 11.95 27.12 -36.45
N GLU D 258 12.26 26.87 -37.73
CA GLU D 258 13.65 26.89 -38.19
C GLU D 258 14.30 28.25 -37.90
N GLU D 259 13.59 29.34 -38.20
CA GLU D 259 14.13 30.67 -37.96
C GLU D 259 14.28 30.95 -36.47
N ALA D 260 13.36 30.42 -35.66
CA ALA D 260 13.41 30.66 -34.22
C ALA D 260 14.68 30.10 -33.59
N LEU D 261 15.13 28.94 -34.05
CA LEU D 261 16.33 28.33 -33.47
C LEU D 261 17.56 29.19 -33.70
N ILE D 262 17.63 29.84 -34.86
CA ILE D 262 18.78 30.69 -35.17
C ILE D 262 18.90 31.82 -34.16
N GLN D 263 17.77 32.45 -33.82
CA GLN D 263 17.79 33.54 -32.85
C GLN D 263 18.15 33.04 -31.46
N ILE D 264 17.66 31.85 -31.08
CA ILE D 264 17.91 31.29 -29.76
C ILE D 264 19.39 31.05 -29.52
N LEU D 265 20.14 30.75 -30.58
CA LEU D 265 21.57 30.50 -30.41
C LEU D 265 22.37 31.77 -30.12
N LYS D 266 21.92 32.92 -30.62
CA LYS D 266 22.65 34.18 -30.48
C LYS D 266 22.02 35.20 -29.53
N GLU D 267 20.74 35.50 -29.69
CA GLU D 267 20.11 36.56 -28.89
C GLU D 267 20.10 36.32 -27.39
N PRO D 268 19.74 35.15 -26.87
CA PRO D 268 19.71 34.98 -25.41
C PRO D 268 21.10 35.09 -24.79
N LYS D 269 21.12 35.62 -23.57
CA LYS D 269 22.37 35.74 -22.83
C LYS D 269 22.86 34.40 -22.32
N ASN D 270 21.97 33.41 -22.21
CA ASN D 270 22.30 32.07 -21.75
C ASN D 270 22.28 31.05 -22.89
N ALA D 271 22.45 31.51 -24.12
CA ALA D 271 22.43 30.61 -25.27
C ALA D 271 23.59 29.62 -25.19
N LEU D 272 23.39 28.45 -25.80
CA LEU D 272 24.40 27.40 -25.76
C LEU D 272 25.70 27.85 -26.40
N THR D 273 25.63 28.56 -27.54
CA THR D 273 26.85 29.03 -28.19
C THR D 273 27.64 29.95 -27.26
N LYS D 274 26.93 30.84 -26.54
CA LYS D 274 27.61 31.72 -25.60
C LYS D 274 28.25 30.91 -24.49
N GLN D 275 27.59 29.85 -24.03
CA GLN D 275 28.15 29.02 -22.97
C GLN D 275 29.45 28.37 -23.41
N TYR D 276 29.49 27.86 -24.64
CA TYR D 276 30.71 27.24 -25.14
C TYR D 276 31.82 28.28 -25.27
N GLN D 277 31.46 29.50 -25.68
CA GLN D 277 32.46 30.56 -25.81
C GLN D 277 33.15 30.81 -24.47
N ALA D 278 32.36 30.89 -23.40
CA ALA D 278 32.95 31.09 -22.08
C ALA D 278 33.75 29.87 -21.65
N LEU D 279 33.22 28.67 -21.90
CA LEU D 279 33.93 27.45 -21.52
C LEU D 279 35.23 27.32 -22.29
N PHE D 280 35.20 27.59 -23.60
CA PHE D 280 36.41 27.52 -24.39
C PHE D 280 37.38 28.61 -23.99
N ASN D 281 36.86 29.78 -23.61
CA ASN D 281 37.72 30.89 -23.18
C ASN D 281 38.57 30.48 -21.98
N LEU D 282 38.02 29.67 -21.07
CA LEU D 282 38.78 29.22 -19.91
C LEU D 282 40.00 28.43 -20.36
N GLU D 283 39.83 27.58 -21.38
CA GLU D 283 40.95 26.81 -21.90
C GLU D 283 41.98 27.73 -22.54
N GLY D 284 41.54 28.87 -23.07
CA GLY D 284 42.41 29.83 -23.73
C GLY D 284 42.24 29.91 -25.23
N VAL D 285 41.30 29.16 -25.80
CA VAL D 285 41.05 29.13 -27.24
C VAL D 285 39.72 29.83 -27.52
N ASP D 286 39.75 30.77 -28.45
CA ASP D 286 38.53 31.47 -28.83
C ASP D 286 37.65 30.57 -29.68
N LEU D 287 36.34 30.79 -29.61
CA LEU D 287 35.36 30.00 -30.33
C LEU D 287 34.55 30.91 -31.26
N GLU D 288 34.47 30.51 -32.53
CA GLU D 288 33.72 31.24 -33.55
C GLU D 288 32.85 30.24 -34.30
N PHE D 289 31.58 30.59 -34.48
CA PHE D 289 30.61 29.77 -35.19
C PHE D 289 30.28 30.41 -36.53
N ARG D 290 30.40 29.65 -37.60
CA ARG D 290 30.08 30.15 -38.93
C ARG D 290 28.57 30.18 -39.12
N ASP D 291 28.12 31.12 -39.95
CA ASP D 291 26.69 31.27 -40.19
C ASP D 291 26.10 30.04 -40.86
N GLU D 292 26.86 29.42 -41.78
CA GLU D 292 26.37 28.23 -42.46
C GLU D 292 26.09 27.10 -41.47
N ALA D 293 26.93 26.97 -40.46
CA ALA D 293 26.74 25.91 -39.47
C ALA D 293 25.47 26.10 -38.65
N LEU D 294 25.14 27.34 -38.29
CA LEU D 294 23.98 27.60 -37.44
C LEU D 294 22.68 27.16 -38.09
N ASP D 295 22.46 27.53 -39.36
CA ASP D 295 21.22 27.13 -40.02
C ASP D 295 21.17 25.62 -40.22
N ALA D 296 22.32 25.01 -40.52
CA ALA D 296 22.34 23.56 -40.71
C ALA D 296 21.92 22.84 -39.43
N ILE D 297 22.34 23.35 -38.27
CA ILE D 297 21.96 22.75 -37.00
C ILE D 297 20.44 22.79 -36.83
N ALA D 298 19.82 23.90 -37.27
CA ALA D 298 18.37 24.03 -37.16
C ALA D 298 17.65 22.97 -37.97
N LYS D 299 18.15 22.67 -39.18
CA LYS D 299 17.51 21.65 -40.00
C LYS D 299 17.59 20.29 -39.33
N LYS D 300 18.74 19.96 -38.75
CA LYS D 300 18.91 18.68 -38.08
C LYS D 300 18.05 18.60 -36.82
N ALA D 301 17.96 19.72 -36.08
CA ALA D 301 17.20 19.73 -34.84
C ALA D 301 15.73 19.43 -35.07
N MET D 302 15.13 20.02 -36.11
CA MET D 302 13.71 19.78 -36.39
C MET D 302 13.44 18.32 -36.70
N ALA D 303 14.37 17.64 -37.37
CA ALA D 303 14.17 16.23 -37.68
C ALA D 303 14.05 15.40 -36.41
N ARG D 304 14.80 15.76 -35.38
CA ARG D 304 14.74 15.04 -34.11
C ARG D 304 13.39 15.19 -33.44
N LYS D 305 12.71 16.32 -33.66
CA LYS D 305 11.41 16.60 -33.06
C LYS D 305 11.48 16.52 -31.54
N THR D 306 12.58 17.01 -30.98
CA THR D 306 12.81 17.04 -29.54
C THR D 306 12.81 18.45 -28.97
N GLY D 307 12.59 19.47 -29.80
CA GLY D 307 12.58 20.84 -29.32
C GLY D 307 13.96 21.43 -29.19
N ALA D 308 14.03 22.51 -28.40
CA ALA D 308 15.31 23.19 -28.17
C ALA D 308 16.31 22.30 -27.47
N ARG D 309 15.83 21.42 -26.58
CA ARG D 309 16.71 20.55 -25.81
C ARG D 309 17.51 19.62 -26.71
N GLY D 310 16.95 19.24 -27.86
CA GLY D 310 17.67 18.36 -28.78
C GLY D 310 18.88 18.98 -29.42
N LEU D 311 18.97 20.32 -29.43
CA LEU D 311 20.09 21.01 -30.05
C LEU D 311 21.41 20.61 -29.41
N ARG D 312 21.42 20.39 -28.09
CA ARG D 312 22.67 20.04 -27.40
C ARG D 312 23.28 18.76 -27.97
N SER D 313 22.45 17.79 -28.35
CA SER D 313 22.95 16.55 -28.91
C SER D 313 23.72 16.80 -30.21
N ILE D 314 23.18 17.67 -31.07
CA ILE D 314 23.81 17.94 -32.35
C ILE D 314 25.15 18.66 -32.17
N VAL D 315 25.16 19.69 -31.33
CA VAL D 315 26.38 20.47 -31.14
C VAL D 315 27.43 19.67 -30.39
N GLU D 316 27.05 19.01 -29.30
CA GLU D 316 28.01 18.27 -28.49
C GLU D 316 28.63 17.11 -29.25
N ALA D 317 27.81 16.34 -29.96
CA ALA D 317 28.34 15.20 -30.71
C ALA D 317 29.25 15.65 -31.83
N ALA D 318 28.91 16.77 -32.47
CA ALA D 318 29.74 17.29 -33.56
C ALA D 318 31.12 17.72 -33.08
N LEU D 319 31.18 18.39 -31.93
CA LEU D 319 32.44 18.91 -31.39
C LEU D 319 33.06 18.01 -30.33
N LEU D 320 32.51 16.82 -30.11
CA LEU D 320 33.07 15.93 -29.09
C LEU D 320 34.52 15.58 -29.40
N ASP D 321 34.82 15.29 -30.66
CA ASP D 321 36.19 14.94 -31.05
C ASP D 321 37.13 16.12 -30.85
N THR D 322 36.64 17.34 -31.03
CA THR D 322 37.49 18.52 -30.89
C THR D 322 37.83 18.79 -29.42
N MET D 323 36.83 18.74 -28.54
CA MET D 323 37.06 19.00 -27.14
C MET D 323 37.96 17.94 -26.51
N TYR D 324 37.91 16.71 -27.03
CA TYR D 324 38.73 15.62 -26.48
C TYR D 324 40.22 15.93 -26.56
N ASP D 325 40.68 16.47 -27.70
CA ASP D 325 42.09 16.74 -27.91
C ASP D 325 42.50 18.20 -27.79
N LEU D 326 41.55 19.11 -27.62
CA LEU D 326 41.90 20.53 -27.51
C LEU D 326 42.75 20.85 -26.28
N PRO D 327 42.49 20.29 -25.09
CA PRO D 327 43.34 20.65 -23.94
C PRO D 327 44.80 20.29 -24.12
N SER D 328 45.09 19.14 -24.73
CA SER D 328 46.48 18.74 -24.97
C SER D 328 47.17 19.72 -25.90
N MET D 329 46.45 20.19 -26.94
CA MET D 329 47.03 21.14 -27.88
C MET D 329 47.33 22.45 -27.16
N GLU D 330 48.41 23.09 -27.58
CA GLU D 330 48.88 24.33 -26.97
C GLU D 330 49.05 25.43 -28.00
N ASP D 331 48.90 26.67 -27.55
CA ASP D 331 49.03 27.86 -28.39
C ASP D 331 48.03 27.86 -29.55
N VAL D 332 46.79 27.48 -29.26
CA VAL D 332 45.71 27.46 -30.24
C VAL D 332 44.90 28.72 -29.97
N GLU D 333 45.10 29.74 -30.81
CA GLU D 333 44.43 31.02 -30.61
C GLU D 333 42.93 30.97 -30.90
N LYS D 334 42.53 30.31 -31.99
CA LYS D 334 41.13 30.28 -32.38
C LYS D 334 40.70 28.92 -32.91
N VAL D 335 39.39 28.69 -32.83
CA VAL D 335 38.74 27.49 -33.32
C VAL D 335 37.47 27.92 -34.06
N VAL D 336 37.31 27.45 -35.29
CA VAL D 336 36.17 27.78 -36.13
C VAL D 336 35.56 26.49 -36.65
N ILE D 337 34.23 26.47 -36.76
CA ILE D 337 33.49 25.29 -37.19
C ILE D 337 32.88 25.60 -38.57
N ASP D 338 33.18 24.75 -39.54
CA ASP D 338 32.68 24.89 -40.89
C ASP D 338 31.34 24.17 -41.05
N GLU D 339 30.66 24.46 -42.17
CA GLU D 339 29.38 23.82 -42.46
C GLU D 339 29.54 22.31 -42.56
N SER D 340 30.61 21.85 -43.21
CA SER D 340 30.85 20.42 -43.36
C SER D 340 31.05 19.74 -42.01
N VAL D 341 31.60 20.47 -41.04
CA VAL D 341 31.85 19.90 -39.72
C VAL D 341 30.55 19.45 -39.08
N ILE D 342 29.47 20.19 -39.29
CA ILE D 342 28.18 19.80 -38.73
C ILE D 342 27.74 18.47 -39.31
N ASP D 343 27.91 18.28 -40.61
CA ASP D 343 27.59 17.02 -41.25
C ASP D 343 28.54 15.92 -40.79
N GLY D 344 29.79 16.28 -40.54
CA GLY D 344 30.82 15.33 -40.12
C GLY D 344 31.77 14.91 -41.23
N GLN D 345 31.59 15.44 -42.44
CA GLN D 345 32.45 15.07 -43.55
C GLN D 345 33.89 15.55 -43.32
N SER D 346 34.05 16.75 -42.79
CA SER D 346 35.36 17.35 -42.54
C SER D 346 35.51 17.75 -41.09
N GLU D 347 36.76 17.82 -40.64
CA GLU D 347 37.11 18.19 -39.28
C GLU D 347 37.22 19.71 -39.16
N PRO D 348 37.11 20.27 -37.96
CA PRO D 348 37.21 21.72 -37.82
C PRO D 348 38.63 22.22 -38.04
N LEU D 349 38.71 23.49 -38.40
CA LEU D 349 39.97 24.17 -38.66
C LEU D 349 40.45 24.85 -37.39
N LEU D 350 41.75 24.70 -37.10
CA LEU D 350 42.37 25.29 -35.93
C LEU D 350 43.57 26.13 -36.36
N ILE D 351 43.82 27.19 -35.59
CA ILE D 351 44.91 28.12 -35.84
C ILE D 351 45.92 27.98 -34.72
N TYR D 352 47.20 27.89 -35.08
CA TYR D 352 48.30 27.75 -34.14
C TYR D 352 49.11 29.03 -34.08
N GLY D 353 49.85 29.20 -32.98
CA GLY D 353 50.68 30.37 -32.75
C GLY D 353 52.14 30.00 -32.58
N ALA E 2 45.77 19.41 -8.98
CA ALA E 2 45.69 19.57 -10.43
C ALA E 2 44.43 18.89 -10.98
N LEU E 3 44.18 19.11 -12.27
CA LEU E 3 43.01 18.55 -12.96
C LEU E 3 43.48 17.60 -14.06
N PRO E 4 42.97 16.38 -14.13
CA PRO E 4 43.42 15.47 -15.19
C PRO E 4 42.90 15.88 -16.56
N THR E 5 43.74 15.70 -17.57
CA THR E 5 43.39 16.02 -18.94
C THR E 5 42.63 14.85 -19.56
N PRO E 6 41.87 15.09 -20.64
CA PRO E 6 41.14 13.97 -21.27
C PRO E 6 42.06 12.85 -21.74
N HIS E 7 43.21 13.18 -22.32
CA HIS E 7 44.16 12.16 -22.69
C HIS E 7 44.68 11.42 -21.46
N GLU E 8 44.93 12.17 -20.38
CA GLU E 8 45.44 11.57 -19.15
C GLU E 8 44.47 10.59 -18.54
N ILE E 9 43.16 10.88 -18.58
CA ILE E 9 42.19 9.98 -17.99
C ILE E 9 41.89 8.82 -18.92
N ARG E 10 42.07 9.00 -20.23
CA ARG E 10 41.82 7.91 -21.15
C ARG E 10 42.81 6.77 -20.95
N ASN E 11 44.09 7.11 -20.77
CA ASN E 11 45.10 6.07 -20.56
C ASN E 11 44.85 5.31 -19.26
N HIS E 12 44.25 5.96 -18.28
CA HIS E 12 43.93 5.29 -17.02
C HIS E 12 42.84 4.26 -17.25
N LEU E 13 41.78 4.65 -17.95
CA LEU E 13 40.69 3.74 -18.26
C LEU E 13 41.13 2.66 -19.25
N ASP E 14 42.12 2.98 -20.09
CA ASP E 14 42.60 2.03 -21.09
C ASP E 14 43.07 0.73 -20.45
N ASP E 15 43.68 0.81 -19.28
CA ASP E 15 44.15 -0.41 -18.60
C ASP E 15 42.98 -1.28 -18.17
N TYR E 16 41.92 -0.67 -17.66
CA TYR E 16 40.75 -1.39 -17.20
C TYR E 16 39.68 -1.61 -18.27
N VAL E 17 39.78 -0.92 -19.41
CA VAL E 17 38.79 -1.03 -20.48
C VAL E 17 39.50 -1.46 -21.75
N ILE E 18 39.00 -2.53 -22.36
CA ILE E 18 39.56 -3.09 -23.59
C ILE E 18 38.49 -3.12 -24.67
N GLY E 19 38.81 -2.58 -25.84
CA GLY E 19 37.91 -2.62 -26.98
C GLY E 19 36.88 -1.52 -27.09
N GLN E 20 36.93 -0.50 -26.23
CA GLN E 20 35.97 0.60 -26.25
C GLN E 20 36.72 1.91 -26.46
N GLU E 21 36.74 2.39 -27.69
CA GLU E 21 37.41 3.64 -28.04
C GLU E 21 36.46 4.82 -27.99
N GLN E 22 35.30 4.69 -28.63
CA GLN E 22 34.33 5.78 -28.67
C GLN E 22 33.75 6.08 -27.29
N ALA E 23 33.56 5.07 -26.44
CA ALA E 23 32.97 5.31 -25.14
C ALA E 23 33.90 6.07 -24.21
N LYS E 24 35.22 5.83 -24.31
CA LYS E 24 36.16 6.53 -23.45
C LYS E 24 36.18 8.02 -23.76
N LYS E 25 36.05 8.38 -25.04
CA LYS E 25 36.07 9.78 -25.43
C LYS E 25 34.88 10.54 -24.84
N VAL E 26 33.73 9.89 -24.75
CA VAL E 26 32.54 10.56 -24.25
C VAL E 26 32.65 10.81 -22.75
N LEU E 27 33.02 9.79 -21.98
CA LEU E 27 33.13 9.96 -20.54
C LEU E 27 34.27 10.91 -20.19
N ALA E 28 35.35 10.89 -20.98
CA ALA E 28 36.47 11.79 -20.70
C ALA E 28 36.07 13.24 -20.94
N VAL E 29 35.42 13.51 -22.07
CA VAL E 29 35.01 14.87 -22.37
C VAL E 29 33.91 15.33 -21.42
N ALA E 30 33.02 14.40 -21.04
CA ALA E 30 31.94 14.75 -20.12
C ALA E 30 32.48 15.09 -18.74
N VAL E 31 33.30 14.19 -18.18
CA VAL E 31 33.86 14.43 -16.85
C VAL E 31 34.76 15.65 -16.86
N TYR E 32 35.55 15.83 -17.92
CA TYR E 32 36.43 16.99 -18.00
C TYR E 32 35.61 18.26 -18.02
N ASN E 33 34.50 18.26 -18.76
CA ASN E 33 33.64 19.43 -18.81
C ASN E 33 32.96 19.66 -17.46
N HIS E 34 32.60 18.56 -16.77
CA HIS E 34 31.96 18.66 -15.47
C HIS E 34 32.80 19.45 -14.49
N TYR E 35 34.12 19.26 -14.52
CA TYR E 35 35.01 20.00 -13.63
C TYR E 35 34.98 21.48 -13.94
N LYS E 36 35.07 21.84 -15.22
CA LYS E 36 35.06 23.25 -15.61
C LYS E 36 33.77 23.94 -15.17
N ARG E 37 32.63 23.26 -15.30
CA ARG E 37 31.36 23.86 -14.90
C ARG E 37 31.35 24.17 -13.42
N LEU E 38 32.09 23.41 -12.61
CA LEU E 38 32.17 23.68 -11.18
C LEU E 38 33.05 24.88 -10.91
N ARG E 39 34.23 24.92 -11.54
CA ARG E 39 35.17 26.00 -11.33
C ARG E 39 34.76 27.26 -12.09
N ASN E 40 34.60 27.14 -13.42
CA ASN E 40 34.23 28.28 -14.25
C ASN E 40 32.88 28.86 -13.83
N GLY E 41 31.99 28.03 -13.31
CA GLY E 41 30.67 28.49 -12.91
C GLY E 41 30.69 29.52 -11.80
N ASP E 42 30.02 30.65 -12.04
CA ASP E 42 29.85 31.80 -11.16
C ASP E 42 31.08 32.71 -11.11
N THR E 43 32.17 32.36 -11.81
CA THR E 43 33.38 33.19 -11.85
C THR E 43 33.76 33.55 -13.28
N SER E 44 32.85 33.40 -14.23
CA SER E 44 33.08 33.69 -15.63
C SER E 44 31.99 34.62 -16.15
N ASN E 45 32.30 35.30 -17.27
CA ASN E 45 31.31 36.19 -17.87
C ASN E 45 30.06 35.42 -18.25
N GLY E 46 30.22 34.23 -18.80
CA GLY E 46 29.07 33.40 -19.13
C GLY E 46 28.38 32.95 -17.85
N VAL E 47 27.05 32.92 -17.90
CA VAL E 47 26.23 32.55 -16.75
C VAL E 47 25.22 31.50 -17.18
N GLU E 48 24.62 30.87 -16.16
CA GLU E 48 23.66 29.79 -16.32
C GLU E 48 24.18 28.74 -17.31
N LEU E 49 25.35 28.20 -16.94
CA LEU E 49 25.97 27.14 -17.73
C LEU E 49 25.05 25.93 -17.77
N GLY E 50 24.77 25.44 -18.96
CA GLY E 50 23.89 24.30 -19.12
C GLY E 50 24.54 23.03 -18.58
N LYS E 51 23.88 21.92 -18.90
CA LYS E 51 24.32 20.59 -18.48
C LYS E 51 24.09 19.61 -19.61
N SER E 52 24.92 18.57 -19.66
CA SER E 52 24.83 17.54 -20.68
C SER E 52 25.11 16.20 -20.02
N ASN E 53 24.15 15.28 -20.11
CA ASN E 53 24.26 13.96 -19.54
C ASN E 53 24.70 12.97 -20.63
N ILE E 54 24.87 11.71 -20.24
CA ILE E 54 25.34 10.66 -21.14
C ILE E 54 24.37 9.49 -21.13
N LEU E 55 24.22 8.85 -22.29
CA LEU E 55 23.35 7.70 -22.49
C LEU E 55 24.16 6.59 -23.14
N LEU E 56 24.48 5.55 -22.35
CA LEU E 56 25.26 4.42 -22.85
C LEU E 56 24.33 3.34 -23.41
N ILE E 57 24.64 2.87 -24.62
CA ILE E 57 23.88 1.82 -25.27
C ILE E 57 24.86 0.78 -25.78
N GLY E 58 24.57 -0.49 -25.53
CA GLY E 58 25.41 -1.57 -25.98
C GLY E 58 24.86 -2.93 -25.57
N PRO E 59 25.41 -4.01 -26.15
CA PRO E 59 24.94 -5.34 -25.76
C PRO E 59 25.28 -5.65 -24.31
N THR E 60 24.83 -6.80 -23.82
CA THR E 60 25.12 -7.17 -22.44
C THR E 60 26.57 -7.62 -22.31
N GLY E 61 27.14 -7.39 -21.13
CA GLY E 61 28.52 -7.76 -20.88
C GLY E 61 29.52 -7.02 -21.74
N SER E 62 29.19 -5.79 -22.14
CA SER E 62 30.08 -4.99 -22.97
C SER E 62 31.06 -4.16 -22.15
N GLY E 63 30.77 -3.93 -20.87
CA GLY E 63 31.63 -3.16 -20.00
C GLY E 63 31.02 -1.87 -19.51
N LYS E 64 29.70 -1.75 -19.59
CA LYS E 64 29.05 -0.54 -19.13
C LYS E 64 29.21 -0.36 -17.63
N THR E 65 28.91 -1.42 -16.85
CA THR E 65 29.05 -1.34 -15.41
C THR E 65 30.51 -1.17 -15.01
N LEU E 66 31.44 -1.65 -15.83
CA LEU E 66 32.86 -1.53 -15.52
C LEU E 66 33.32 -0.08 -15.59
N LEU E 67 32.81 0.67 -16.57
CA LEU E 67 33.21 2.07 -16.73
C LEU E 67 32.80 2.92 -15.54
N ALA E 68 31.64 2.62 -14.95
CA ALA E 68 31.15 3.41 -13.83
C ALA E 68 32.00 3.22 -12.58
N GLU E 69 32.53 2.02 -12.37
CA GLU E 69 33.34 1.75 -11.17
C GLU E 69 34.77 2.23 -11.35
N THR E 70 35.40 1.89 -12.48
CA THR E 70 36.79 2.28 -12.71
C THR E 70 36.95 3.78 -12.74
N LEU E 71 35.95 4.50 -13.25
CA LEU E 71 36.06 5.95 -13.32
C LEU E 71 36.10 6.58 -11.94
N ALA E 72 35.38 6.00 -10.98
CA ALA E 72 35.34 6.55 -9.62
C ALA E 72 36.67 6.43 -8.90
N ARG E 73 37.53 5.50 -9.30
CA ARG E 73 38.80 5.30 -8.62
C ARG E 73 39.71 6.52 -8.74
N LEU E 74 39.91 7.01 -9.96
CA LEU E 74 40.78 8.16 -10.20
C LEU E 74 40.07 9.50 -10.10
N LEU E 75 38.73 9.51 -10.08
CA LEU E 75 38.01 10.79 -10.03
C LEU E 75 38.12 11.42 -8.64
N ASP E 76 37.89 10.64 -7.59
CA ASP E 76 37.95 11.02 -6.18
C ASP E 76 36.73 11.85 -5.73
N VAL E 77 35.82 12.20 -6.63
CA VAL E 77 34.62 12.96 -6.27
C VAL E 77 33.58 11.93 -5.85
N PRO E 78 32.48 12.30 -5.19
CA PRO E 78 31.50 11.28 -4.78
C PRO E 78 30.81 10.64 -5.97
N PHE E 79 30.64 9.32 -5.89
CA PHE E 79 30.02 8.52 -6.92
C PHE E 79 29.09 7.52 -6.24
N THR E 80 28.07 7.07 -6.97
CA THR E 80 27.11 6.12 -6.46
C THR E 80 26.65 5.22 -7.60
N MET E 81 25.81 4.24 -7.26
CA MET E 81 25.29 3.28 -8.23
C MET E 81 23.94 2.78 -7.75
N ALA E 82 22.90 3.06 -8.52
CA ALA E 82 21.54 2.67 -8.19
C ALA E 82 20.90 1.96 -9.39
N ASP E 83 19.78 1.30 -9.13
CA ASP E 83 19.04 0.55 -10.15
C ASP E 83 17.69 1.20 -10.39
N ALA E 84 17.36 1.39 -11.66
CA ALA E 84 16.10 2.01 -12.05
C ALA E 84 14.90 1.09 -11.78
N THR E 85 15.06 -0.20 -12.09
CA THR E 85 14.00 -1.21 -11.96
C THR E 85 13.25 -1.13 -10.63
N THR E 86 13.97 -0.86 -9.54
CA THR E 86 13.31 -0.74 -8.24
C THR E 86 12.38 0.45 -8.21
N LEU E 87 12.77 1.56 -8.85
CA LEU E 87 11.96 2.77 -8.86
C LEU E 87 10.59 2.52 -9.48
N THR E 88 9.58 3.12 -8.86
CA THR E 88 8.19 3.05 -9.31
C THR E 88 7.56 4.42 -9.09
N GLU E 89 6.43 4.64 -9.75
CA GLU E 89 5.73 5.91 -9.63
C GLU E 89 5.36 6.17 -8.17
N ALA E 90 5.42 7.45 -7.80
CA ALA E 90 5.10 7.86 -6.43
C ALA E 90 3.71 7.38 -6.02
N GLY E 91 3.59 6.95 -4.77
CA GLY E 91 2.34 6.48 -4.24
C GLY E 91 2.11 4.99 -4.38
N TYR E 92 3.13 4.23 -4.77
CA TYR E 92 3.01 2.78 -4.96
C TYR E 92 4.02 2.05 -4.10
N VAL E 93 3.73 0.75 -3.92
CA VAL E 93 4.49 -0.13 -3.04
C VAL E 93 5.94 -0.31 -3.48
N GLY E 94 6.22 -0.29 -4.77
CA GLY E 94 7.57 -0.58 -5.23
C GLY E 94 8.71 0.26 -4.69
N GLU E 95 8.78 1.55 -5.04
CA GLU E 95 9.85 2.44 -4.57
C GLU E 95 9.55 3.83 -5.10
N ASP E 96 10.35 4.80 -4.67
CA ASP E 96 10.25 6.19 -5.10
C ASP E 96 11.57 6.63 -5.72
N VAL E 97 11.48 7.65 -6.57
CA VAL E 97 12.65 8.17 -7.28
C VAL E 97 13.64 8.83 -6.34
N GLU E 98 13.17 9.42 -5.24
CA GLU E 98 14.07 10.13 -4.34
C GLU E 98 15.14 9.23 -3.74
N ASN E 99 14.85 7.94 -3.59
CA ASN E 99 15.77 6.94 -3.06
C ASN E 99 17.18 7.05 -3.63
N ILE E 100 17.27 7.28 -4.95
CA ILE E 100 18.56 7.40 -5.63
C ILE E 100 19.45 8.45 -4.97
N ILE E 101 18.87 9.58 -4.57
CA ILE E 101 19.64 10.64 -3.94
C ILE E 101 20.21 10.18 -2.61
N GLN E 102 19.43 9.40 -1.86
CA GLN E 102 19.84 8.88 -0.55
C GLN E 102 21.22 8.23 -0.60
N LYS E 103 21.39 7.23 -1.48
CA LYS E 103 22.66 6.54 -1.61
C LYS E 103 23.83 7.48 -1.88
N LEU E 104 23.59 8.51 -2.71
CA LEU E 104 24.65 9.45 -3.04
C LEU E 104 25.18 10.16 -1.80
N LEU E 105 24.28 10.56 -0.90
CA LEU E 105 24.70 11.25 0.31
C LEU E 105 25.59 10.38 1.17
N GLN E 106 25.24 9.09 1.29
CA GLN E 106 26.05 8.17 2.09
C GLN E 106 27.48 8.11 1.59
N LYS E 107 27.67 8.17 0.28
CA LYS E 107 29.01 8.11 -0.29
C LYS E 107 29.80 9.39 -0.06
N SER E 108 29.13 10.51 0.20
CA SER E 108 29.78 11.79 0.45
C SER E 108 29.81 12.15 1.93
N ASP E 109 29.48 11.21 2.81
CA ASP E 109 29.49 11.44 4.26
C ASP E 109 28.55 12.58 4.65
N TYR E 110 27.34 12.55 4.08
CA TYR E 110 26.31 13.55 4.34
C TYR E 110 26.84 14.97 4.14
N ASP E 111 27.31 15.24 2.92
CA ASP E 111 27.87 16.53 2.52
C ASP E 111 27.06 17.03 1.34
N VAL E 112 26.10 17.91 1.61
CA VAL E 112 25.24 18.45 0.56
C VAL E 112 26.05 19.26 -0.42
N GLN E 113 26.98 20.09 0.06
CA GLN E 113 27.80 20.89 -0.84
C GLN E 113 28.69 20.02 -1.72
N LYS E 114 29.05 18.83 -1.23
CA LYS E 114 29.89 17.90 -1.98
C LYS E 114 29.09 16.90 -2.79
N ALA E 115 27.86 16.60 -2.37
CA ALA E 115 27.04 15.64 -3.10
C ALA E 115 26.53 16.21 -4.41
N GLN E 116 26.26 17.52 -4.46
CA GLN E 116 25.78 18.12 -5.70
C GLN E 116 26.83 18.03 -6.80
N ARG E 117 28.11 17.98 -6.43
CA ARG E 117 29.21 17.91 -7.37
C ARG E 117 29.59 16.48 -7.73
N GLY E 118 28.78 15.49 -7.36
CA GLY E 118 29.07 14.11 -7.65
C GLY E 118 28.51 13.65 -8.99
N ILE E 119 28.68 12.34 -9.24
CA ILE E 119 28.23 11.69 -10.46
C ILE E 119 27.37 10.49 -10.10
N VAL E 120 26.40 10.18 -10.96
CA VAL E 120 25.48 9.08 -10.76
C VAL E 120 25.39 8.24 -12.03
N TYR E 121 25.18 6.95 -11.84
CA TYR E 121 25.05 5.98 -12.94
C TYR E 121 23.80 5.15 -12.69
N ILE E 122 23.11 4.81 -13.78
CA ILE E 122 21.86 4.02 -13.72
C ILE E 122 21.98 2.86 -14.68
N ASP E 123 21.73 1.65 -14.19
CA ASP E 123 21.79 0.43 -14.98
C ASP E 123 20.39 -0.14 -15.20
N GLN E 124 20.28 -0.97 -16.24
CA GLN E 124 19.02 -1.62 -16.60
C GLN E 124 17.93 -0.59 -16.91
N ILE E 125 18.32 0.48 -17.60
CA ILE E 125 17.38 1.54 -17.95
C ILE E 125 16.33 1.06 -18.96
N ASP E 126 16.63 0.04 -19.76
CA ASP E 126 15.68 -0.43 -20.77
C ASP E 126 14.42 -1.02 -20.15
N LYS E 127 14.48 -1.46 -18.90
CA LYS E 127 13.31 -2.06 -18.26
C LYS E 127 12.17 -1.09 -18.04
N ILE E 128 12.37 0.21 -18.26
CA ILE E 128 11.33 1.21 -18.07
C ILE E 128 11.09 1.88 -19.42
N SER E 129 10.10 1.36 -20.15
CA SER E 129 9.71 1.88 -21.45
C SER E 129 8.21 1.71 -21.62
N ARG E 130 7.55 2.73 -22.15
CA ARG E 130 6.11 2.66 -22.38
C ARG E 130 5.81 1.46 -23.29
N LYS E 131 4.82 0.68 -22.90
CA LYS E 131 4.43 -0.52 -23.65
C LYS E 131 3.43 -0.11 -24.71
N SER E 132 3.93 0.12 -25.93
CA SER E 132 3.07 0.49 -27.06
C SER E 132 1.91 -0.49 -27.20
N ASP E 133 2.21 -1.79 -27.22
CA ASP E 133 1.18 -2.81 -27.32
C ASP E 133 0.79 -3.20 -25.90
N ASN E 134 -0.18 -2.48 -25.35
CA ASN E 134 -0.68 -2.71 -24.00
C ASN E 134 -2.11 -2.19 -23.95
N PRO E 135 -2.93 -2.68 -23.01
CA PRO E 135 -4.30 -2.15 -22.91
C PRO E 135 -4.27 -0.66 -22.57
N SER E 136 -5.14 0.09 -23.25
CA SER E 136 -5.20 1.54 -23.04
C SER E 136 -5.47 1.88 -21.58
N ILE E 137 -6.52 1.29 -21.00
CA ILE E 137 -6.87 1.59 -19.62
C ILE E 137 -6.00 0.73 -18.70
N THR E 138 -4.86 1.27 -18.29
CA THR E 138 -3.89 0.65 -17.39
C THR E 138 -2.85 1.74 -17.15
N ARG E 139 -2.00 1.53 -16.14
CA ARG E 139 -0.96 2.50 -15.81
C ARG E 139 0.34 1.76 -15.59
N ASP E 140 1.37 2.15 -16.35
CA ASP E 140 2.68 1.53 -16.26
C ASP E 140 3.50 2.34 -15.25
N VAL E 141 3.19 2.11 -13.98
CA VAL E 141 3.92 2.80 -12.91
C VAL E 141 5.38 2.37 -12.91
N SER E 142 5.65 1.12 -13.28
CA SER E 142 7.02 0.64 -13.31
C SER E 142 7.82 1.32 -14.41
N GLY E 143 7.28 1.33 -15.64
CA GLY E 143 7.99 1.91 -16.76
C GLY E 143 7.77 3.37 -17.09
N GLU E 144 6.52 3.79 -17.25
CA GLU E 144 6.24 5.17 -17.63
C GLU E 144 6.34 6.13 -16.45
N GLY E 145 5.80 5.73 -15.30
CA GLY E 145 5.82 6.59 -14.13
C GLY E 145 7.21 7.04 -13.72
N VAL E 146 8.17 6.11 -13.77
CA VAL E 146 9.54 6.44 -13.37
C VAL E 146 10.14 7.49 -14.29
N GLN E 147 9.91 7.36 -15.59
CA GLN E 147 10.44 8.32 -16.55
C GLN E 147 9.86 9.71 -16.29
N GLN E 148 8.54 9.78 -16.11
CA GLN E 148 7.87 11.05 -15.85
C GLN E 148 8.45 11.73 -14.61
N ALA E 149 8.65 10.96 -13.54
CA ALA E 149 9.18 11.51 -12.30
C ALA E 149 10.63 11.93 -12.44
N LEU E 150 11.39 11.30 -13.32
CA LEU E 150 12.80 11.63 -13.49
C LEU E 150 13.03 12.89 -14.32
N LEU E 151 12.05 13.29 -15.13
CA LEU E 151 12.19 14.48 -15.97
C LEU E 151 12.64 15.70 -15.16
N LYS E 152 11.87 16.03 -14.12
CA LYS E 152 12.22 17.18 -13.29
C LYS E 152 13.54 16.99 -12.56
N LEU E 153 13.87 15.74 -12.23
CA LEU E 153 15.11 15.47 -11.52
C LEU E 153 16.35 15.76 -12.36
N ILE E 154 16.33 15.40 -13.64
CA ILE E 154 17.49 15.63 -14.49
C ILE E 154 17.65 17.11 -14.81
N GLU E 155 16.54 17.82 -15.00
CA GLU E 155 16.60 19.23 -15.33
C GLU E 155 17.23 20.03 -14.19
N GLY E 156 16.91 19.66 -12.95
CA GLY E 156 17.41 20.32 -11.75
C GLY E 156 16.22 20.81 -10.95
N THR E 157 16.20 20.45 -9.68
CA THR E 157 15.12 20.82 -8.77
C THR E 157 15.58 20.46 -7.36
N VAL E 158 14.68 20.67 -6.40
CA VAL E 158 14.93 20.38 -4.99
C VAL E 158 13.90 19.36 -4.54
N ALA E 159 14.37 18.28 -3.93
CA ALA E 159 13.54 17.18 -3.45
C ALA E 159 13.77 16.97 -1.96
N ALA E 160 12.70 16.68 -1.23
CA ALA E 160 12.81 16.43 0.20
C ALA E 160 13.56 15.13 0.43
N VAL E 161 14.54 15.16 1.33
CA VAL E 161 15.37 14.00 1.64
C VAL E 161 15.56 13.89 3.15
N PRO E 162 15.11 12.83 3.83
CA PRO E 162 15.34 12.73 5.28
C PRO E 162 16.83 12.70 5.59
N PRO E 163 17.35 13.62 6.40
CA PRO E 163 18.80 13.59 6.68
C PRO E 163 19.20 12.32 7.42
N GLN E 164 20.13 11.57 6.82
CA GLN E 164 20.65 10.32 7.37
C GLN E 164 19.63 9.19 7.34
N GLY E 165 18.55 9.35 6.58
CA GLY E 165 17.52 8.33 6.48
C GLY E 165 16.43 8.49 7.51
N GLN E 172 11.34 13.91 11.92
CA GLN E 172 10.33 14.28 10.94
C GLN E 172 10.72 15.57 10.23
N GLU E 173 11.96 15.62 9.75
CA GLU E 173 12.50 16.76 9.04
C GLU E 173 13.21 16.28 7.78
N PHE E 174 13.30 17.16 6.79
CA PHE E 174 13.93 16.86 5.51
C PHE E 174 14.91 17.95 5.13
N LEU E 175 15.84 17.62 4.25
CA LEU E 175 16.86 18.53 3.75
C LEU E 175 16.69 18.74 2.26
N GLN E 176 16.76 19.99 1.82
CA GLN E 176 16.63 20.33 0.41
C GLN E 176 18.01 20.28 -0.23
N VAL E 177 18.11 19.59 -1.36
CA VAL E 177 19.37 19.44 -2.09
C VAL E 177 19.13 19.71 -3.56
N ASP E 178 19.80 20.72 -4.10
CA ASP E 178 19.68 21.03 -5.51
C ASP E 178 20.18 19.85 -6.33
N THR E 179 19.70 19.77 -7.59
CA THR E 179 20.05 18.69 -8.49
C THR E 179 20.48 19.15 -9.88
N SER E 180 20.40 20.45 -10.19
CA SER E 180 20.77 20.91 -11.52
C SER E 180 22.23 20.61 -11.83
N LYS E 181 23.11 20.76 -10.85
CA LYS E 181 24.54 20.49 -11.07
C LYS E 181 24.85 19.00 -11.10
N ILE E 182 24.01 18.16 -10.50
CA ILE E 182 24.27 16.72 -10.48
C ILE E 182 24.25 16.15 -11.89
N LEU E 183 25.10 15.17 -12.13
CA LEU E 183 25.22 14.49 -13.41
C LEU E 183 24.58 13.11 -13.32
N PHE E 184 24.07 12.64 -14.45
CA PHE E 184 23.44 11.33 -14.55
C PHE E 184 23.93 10.63 -15.81
N ILE E 185 24.25 9.35 -15.68
CA ILE E 185 24.73 8.52 -16.79
C ILE E 185 23.86 7.28 -16.84
N CYS E 186 22.83 7.31 -17.68
CA CYS E 186 21.92 6.17 -17.81
C CYS E 186 22.48 5.21 -18.86
N GLY E 187 22.41 3.92 -18.56
CA GLY E 187 22.91 2.90 -19.47
C GLY E 187 22.21 1.58 -19.28
N GLY E 188 22.17 0.80 -20.35
CA GLY E 188 21.55 -0.51 -20.30
C GLY E 188 21.42 -1.14 -21.67
N ALA E 189 21.28 -2.46 -21.71
CA ALA E 189 21.11 -3.18 -22.96
C ALA E 189 19.67 -3.02 -23.45
N PHE E 190 19.51 -2.87 -24.77
CA PHE E 190 18.20 -2.67 -25.38
C PHE E 190 17.93 -3.81 -26.36
N ALA E 191 17.21 -4.82 -25.88
CA ALA E 191 16.87 -5.97 -26.70
C ALA E 191 15.78 -5.60 -27.69
N GLY E 192 15.97 -5.98 -28.96
CA GLY E 192 15.02 -5.67 -30.01
C GLY E 192 15.16 -4.30 -30.61
N LEU E 193 16.02 -3.45 -30.05
CA LEU E 193 16.22 -2.11 -30.59
C LEU E 193 16.84 -2.18 -31.97
N ASP E 194 17.74 -3.14 -32.19
CA ASP E 194 18.38 -3.29 -33.49
C ASP E 194 17.36 -3.46 -34.61
N LYS E 195 16.28 -4.19 -34.35
CA LYS E 195 15.26 -4.38 -35.37
C LYS E 195 14.46 -3.11 -35.59
N VAL E 196 14.24 -2.35 -34.51
CA VAL E 196 13.51 -1.08 -34.62
C VAL E 196 14.26 -0.12 -35.52
N ILE E 197 15.55 0.10 -35.22
CA ILE E 197 16.36 1.04 -35.99
C ILE E 197 16.52 0.54 -37.42
N SER E 198 16.70 -0.78 -37.60
CA SER E 198 16.86 -1.34 -38.93
C SER E 198 15.63 -1.04 -39.79
N HIS E 199 14.45 -1.32 -39.25
CA HIS E 199 13.19 -1.04 -39.94
C HIS E 199 13.13 0.39 -40.47
N ARG E 200 13.26 1.36 -39.56
CA ARG E 200 13.09 2.78 -39.92
C ARG E 200 14.09 3.22 -40.98
N VAL E 201 15.36 2.85 -40.82
CA VAL E 201 16.34 3.29 -41.81
C VAL E 201 16.14 2.56 -43.14
N GLU E 202 15.54 1.38 -43.12
CA GLU E 202 15.29 0.58 -44.33
C GLU E 202 13.81 0.38 -44.67
N THR E 203 12.89 1.05 -43.95
CA THR E 203 11.45 0.90 -44.17
C THR E 203 10.99 1.40 -45.54
N GLY E 204 11.63 2.44 -46.06
CA GLY E 204 11.13 3.16 -47.22
C GLY E 204 11.17 2.57 -48.61
N SER E 205 10.39 1.51 -48.81
CA SER E 205 10.24 0.86 -50.11
C SER E 205 8.99 0.00 -50.07
N GLY E 206 8.28 -0.03 -51.21
CA GLY E 206 7.05 -0.77 -51.33
C GLY E 206 7.23 -2.21 -51.80
N ILE E 207 6.09 -2.85 -52.04
CA ILE E 207 6.04 -4.23 -52.51
C ILE E 207 5.60 -4.34 -53.98
N GLY E 208 4.93 -3.33 -54.52
CA GLY E 208 4.42 -3.40 -55.87
C GLY E 208 5.49 -3.29 -56.94
N PHE E 209 5.04 -3.46 -58.18
CA PHE E 209 5.95 -3.39 -59.33
C PHE E 209 6.53 -2.00 -59.49
N GLY E 210 5.66 -0.97 -59.50
CA GLY E 210 6.14 0.39 -59.67
C GLY E 210 7.00 0.87 -58.52
N ALA E 211 6.70 0.44 -57.31
CA ALA E 211 7.47 0.85 -56.13
C ALA E 211 8.90 0.31 -56.23
N THR E 212 9.87 1.19 -55.97
CA THR E 212 11.27 0.79 -56.00
C THR E 212 11.58 -0.06 -54.77
N VAL E 213 12.65 -0.87 -54.90
CA VAL E 213 13.08 -1.77 -53.83
C VAL E 213 14.48 -1.37 -53.38
N LYS E 214 14.63 -1.16 -52.06
CA LYS E 214 15.92 -0.84 -51.47
C LYS E 214 16.80 -2.08 -51.39
N ALA E 215 18.09 -1.86 -51.18
CA ALA E 215 19.10 -2.92 -51.10
C ALA E 215 19.51 -3.19 -49.66
N LYS E 216 18.56 -3.10 -48.73
CA LYS E 216 18.83 -3.30 -47.32
C LYS E 216 19.29 -4.73 -47.03
N SER E 217 19.74 -4.93 -45.78
CA SER E 217 20.20 -6.20 -45.25
C SER E 217 21.55 -6.63 -45.81
N ASP E 218 22.36 -5.68 -46.29
CA ASP E 218 23.67 -6.05 -46.83
C ASP E 218 24.58 -6.61 -45.75
N LYS E 219 24.61 -5.97 -44.58
CA LYS E 219 25.44 -6.40 -43.45
C LYS E 219 24.62 -6.34 -42.17
N ALA E 220 25.09 -7.07 -41.15
CA ALA E 220 24.41 -7.03 -39.86
C ALA E 220 24.55 -5.64 -39.23
N SER E 221 25.75 -5.07 -39.28
CA SER E 221 26.03 -3.72 -38.78
C SER E 221 25.60 -3.55 -37.32
N GLU E 222 25.76 -4.60 -36.52
CA GLU E 222 25.36 -4.53 -35.12
C GLU E 222 26.07 -3.41 -34.38
N GLY E 223 27.39 -3.33 -34.54
CA GLY E 223 28.14 -2.27 -33.90
C GLY E 223 27.90 -0.91 -34.53
N GLU E 224 27.61 -0.89 -35.83
CA GLU E 224 27.39 0.36 -36.56
C GLU E 224 25.92 0.78 -36.63
N LEU E 225 24.97 -0.13 -36.37
CA LEU E 225 23.56 0.25 -36.44
C LEU E 225 23.16 1.06 -35.22
N LEU E 226 23.66 0.68 -34.04
CA LEU E 226 23.35 1.45 -32.84
C LEU E 226 23.93 2.85 -32.92
N ALA E 227 25.00 3.02 -33.68
CA ALA E 227 25.62 4.34 -33.83
C ALA E 227 24.69 5.29 -34.59
N GLN E 228 23.84 4.76 -35.46
CA GLN E 228 22.91 5.56 -36.23
C GLN E 228 21.58 5.76 -35.50
N VAL E 229 21.57 5.60 -34.18
CA VAL E 229 20.35 5.78 -33.41
C VAL E 229 19.96 7.26 -33.37
N GLU E 230 18.65 7.50 -33.29
CA GLU E 230 18.09 8.84 -33.22
C GLU E 230 16.99 8.85 -32.16
N PRO E 231 16.51 10.02 -31.73
CA PRO E 231 15.47 10.02 -30.69
C PRO E 231 14.14 9.41 -31.14
N GLU E 232 13.72 9.66 -32.38
CA GLU E 232 12.45 9.11 -32.85
C GLU E 232 12.46 7.58 -32.84
N ASP E 233 13.61 6.94 -33.06
CA ASP E 233 13.63 5.49 -33.02
C ASP E 233 13.29 4.96 -31.65
N LEU E 234 13.67 5.68 -30.60
CA LEU E 234 13.40 5.26 -29.24
C LEU E 234 11.94 5.43 -28.86
N ILE E 235 11.21 6.32 -29.55
CA ILE E 235 9.80 6.51 -29.23
C ILE E 235 9.03 5.24 -29.55
N LYS E 236 9.35 4.60 -30.68
CA LYS E 236 8.69 3.35 -31.00
C LYS E 236 9.06 2.27 -30.00
N PHE E 237 10.31 2.31 -29.51
CA PHE E 237 10.76 1.34 -28.52
C PHE E 237 9.97 1.44 -27.23
N GLY E 238 9.61 2.66 -26.83
CA GLY E 238 8.87 2.88 -25.60
C GLY E 238 9.29 4.12 -24.84
N LEU E 239 10.45 4.67 -25.15
CA LEU E 239 10.89 5.86 -24.43
C LEU E 239 10.02 7.06 -24.81
N ILE E 240 9.99 8.04 -23.91
CA ILE E 240 9.20 9.25 -24.08
C ILE E 240 10.10 10.30 -24.73
N PRO E 241 9.59 11.21 -25.59
CA PRO E 241 10.50 12.21 -26.17
C PRO E 241 11.09 13.15 -25.14
N GLU E 242 10.35 13.47 -24.09
CA GLU E 242 10.87 14.37 -23.06
C GLU E 242 12.08 13.76 -22.36
N PHE E 243 12.03 12.47 -22.06
CA PHE E 243 13.14 11.82 -21.37
C PHE E 243 14.39 11.81 -22.25
N ILE E 244 14.22 11.64 -23.56
CA ILE E 244 15.37 11.62 -24.45
C ILE E 244 16.00 13.00 -24.54
N GLY E 245 15.17 14.05 -24.45
CA GLY E 245 15.71 15.40 -24.51
C GLY E 245 16.65 15.70 -23.36
N ARG E 246 16.41 15.09 -22.20
CA ARG E 246 17.26 15.28 -21.04
C ARG E 246 18.62 14.63 -21.22
N LEU E 247 18.74 13.68 -22.16
CA LEU E 247 19.98 12.95 -22.44
C LEU E 247 20.36 13.21 -23.88
N PRO E 248 20.99 14.35 -24.19
CA PRO E 248 21.35 14.61 -25.59
C PRO E 248 22.48 13.74 -26.10
N VAL E 249 23.52 13.52 -25.29
CA VAL E 249 24.64 12.72 -25.74
C VAL E 249 24.26 11.25 -25.76
N VAL E 250 24.86 10.53 -26.71
CA VAL E 250 24.62 9.10 -26.90
C VAL E 250 25.97 8.42 -27.10
N ALA E 251 26.05 7.17 -26.67
CA ALA E 251 27.27 6.38 -26.80
C ALA E 251 26.89 4.98 -27.27
N THR E 252 27.64 4.49 -28.25
CA THR E 252 27.41 3.17 -28.85
C THR E 252 28.62 2.28 -28.56
N LEU E 253 28.38 1.20 -27.83
CA LEU E 253 29.42 0.23 -27.49
C LEU E 253 29.13 -1.06 -28.24
N ASN E 254 30.08 -1.47 -29.08
CA ASN E 254 29.92 -2.69 -29.87
C ASN E 254 30.19 -3.93 -29.02
N GLU E 255 29.80 -5.08 -29.56
CA GLU E 255 30.03 -6.35 -28.90
C GLU E 255 31.52 -6.69 -28.89
N LEU E 256 31.91 -7.50 -27.91
CA LEU E 256 33.31 -7.90 -27.82
C LEU E 256 33.72 -8.70 -29.06
N SER E 257 34.94 -8.46 -29.52
CA SER E 257 35.46 -9.15 -30.70
C SER E 257 35.84 -10.59 -30.36
N GLU E 258 36.14 -11.34 -31.42
CA GLU E 258 36.55 -12.74 -31.25
C GLU E 258 37.82 -12.83 -30.42
N GLU E 259 38.76 -11.90 -30.63
CA GLU E 259 40.03 -11.86 -29.91
C GLU E 259 40.02 -10.87 -28.75
N ALA E 260 38.88 -10.23 -28.48
CA ALA E 260 38.81 -9.28 -27.37
C ALA E 260 39.02 -10.00 -26.04
N LEU E 261 38.46 -11.21 -25.91
CA LEU E 261 38.62 -11.97 -24.68
C LEU E 261 40.08 -12.27 -24.41
N ILE E 262 40.85 -12.57 -25.46
CA ILE E 262 42.27 -12.85 -25.31
C ILE E 262 42.98 -11.64 -24.74
N GLN E 263 42.67 -10.44 -25.26
CA GLN E 263 43.32 -9.24 -24.77
C GLN E 263 42.90 -8.94 -23.34
N ILE E 264 41.62 -9.13 -23.02
CA ILE E 264 41.12 -8.85 -21.68
C ILE E 264 41.73 -9.80 -20.66
N LEU E 265 42.14 -10.99 -21.09
CA LEU E 265 42.76 -11.94 -20.17
C LEU E 265 44.16 -11.50 -19.77
N LYS E 266 44.92 -10.88 -20.66
CA LYS E 266 46.31 -10.50 -20.43
C LYS E 266 46.56 -9.02 -20.17
N GLU E 267 46.06 -8.13 -21.03
CA GLU E 267 46.37 -6.72 -20.90
C GLU E 267 45.89 -6.05 -19.61
N PRO E 268 44.64 -6.22 -19.16
CA PRO E 268 44.21 -5.55 -17.93
C PRO E 268 44.95 -6.03 -16.69
N LYS E 269 45.19 -5.09 -15.78
CA LYS E 269 45.84 -5.42 -14.52
C LYS E 269 44.91 -6.22 -13.61
N ASN E 270 43.60 -6.12 -13.81
CA ASN E 270 42.60 -6.83 -13.01
C ASN E 270 42.10 -8.09 -13.68
N ALA E 271 42.78 -8.57 -14.72
CA ALA E 271 42.33 -9.77 -15.40
C ALA E 271 42.46 -10.99 -14.49
N LEU E 272 41.68 -12.02 -14.81
CA LEU E 272 41.68 -13.24 -14.01
C LEU E 272 43.05 -13.90 -14.00
N THR E 273 43.77 -13.84 -15.13
CA THR E 273 45.10 -14.45 -15.21
C THR E 273 46.02 -13.87 -14.15
N LYS E 274 46.05 -12.54 -14.04
CA LYS E 274 46.88 -11.92 -13.02
C LYS E 274 46.33 -12.20 -11.62
N GLN E 275 45.02 -12.19 -11.48
CA GLN E 275 44.40 -12.46 -10.18
C GLN E 275 44.73 -13.88 -9.72
N TYR E 276 44.62 -14.85 -10.62
CA TYR E 276 44.94 -16.22 -10.26
C TYR E 276 46.42 -16.38 -9.96
N GLN E 277 47.26 -15.64 -10.70
CA GLN E 277 48.70 -15.69 -10.45
C GLN E 277 49.02 -15.22 -9.03
N ALA E 278 48.29 -14.21 -8.55
CA ALA E 278 48.50 -13.71 -7.20
C ALA E 278 48.23 -14.81 -6.17
N LEU E 279 47.15 -15.57 -6.37
CA LEU E 279 46.85 -16.67 -5.47
C LEU E 279 47.97 -17.71 -5.51
N PHE E 280 48.44 -18.05 -6.71
CA PHE E 280 49.52 -19.00 -6.85
C PHE E 280 50.85 -18.41 -6.39
N ASN E 281 51.06 -17.11 -6.61
CA ASN E 281 52.32 -16.47 -6.27
C ASN E 281 52.58 -16.43 -4.76
N LEU E 282 51.54 -16.17 -3.95
CA LEU E 282 51.76 -16.10 -2.50
C LEU E 282 52.22 -17.43 -1.95
N GLU E 283 51.83 -18.53 -2.59
CA GLU E 283 52.27 -19.85 -2.18
C GLU E 283 53.66 -20.17 -2.67
N GLY E 284 54.24 -19.34 -3.52
CA GLY E 284 55.57 -19.55 -4.07
C GLY E 284 55.60 -20.31 -5.36
N VAL E 285 54.44 -20.55 -5.99
CA VAL E 285 54.36 -21.28 -7.25
C VAL E 285 53.98 -20.32 -8.36
N ASP E 286 54.79 -20.27 -9.41
CA ASP E 286 54.50 -19.42 -10.56
C ASP E 286 53.40 -20.03 -11.39
N LEU E 287 52.58 -19.17 -12.00
CA LEU E 287 51.47 -19.57 -12.84
C LEU E 287 51.62 -18.97 -14.22
N GLU E 288 51.56 -19.82 -15.24
CA GLU E 288 51.71 -19.41 -16.64
C GLU E 288 50.60 -20.02 -17.48
N PHE E 289 50.01 -19.19 -18.34
CA PHE E 289 48.95 -19.60 -19.26
C PHE E 289 49.48 -19.43 -20.68
N ARG E 290 49.47 -20.51 -21.45
CA ARG E 290 49.96 -20.46 -22.82
C ARG E 290 48.89 -19.95 -23.76
N ASP E 291 49.32 -19.56 -24.97
CA ASP E 291 48.41 -19.03 -25.97
C ASP E 291 47.37 -20.08 -26.38
N GLU E 292 47.79 -21.34 -26.49
CA GLU E 292 46.87 -22.40 -26.89
C GLU E 292 45.73 -22.54 -25.88
N ALA E 293 46.04 -22.46 -24.60
CA ALA E 293 45.02 -22.58 -23.57
C ALA E 293 44.05 -21.40 -23.59
N LEU E 294 44.58 -20.18 -23.73
CA LEU E 294 43.72 -18.99 -23.67
C LEU E 294 42.77 -18.91 -24.87
N ASP E 295 43.26 -19.19 -26.08
CA ASP E 295 42.38 -19.11 -27.25
C ASP E 295 41.24 -20.11 -27.16
N ALA E 296 41.52 -21.30 -26.63
CA ALA E 296 40.48 -22.31 -26.48
C ALA E 296 39.37 -21.82 -25.57
N ILE E 297 39.73 -21.12 -24.49
CA ILE E 297 38.73 -20.59 -23.57
C ILE E 297 37.86 -19.56 -24.27
N ALA E 298 38.46 -18.72 -25.10
CA ALA E 298 37.70 -17.69 -25.80
C ALA E 298 36.67 -18.31 -26.73
N LYS E 299 37.05 -19.37 -27.45
CA LYS E 299 36.10 -20.03 -28.35
C LYS E 299 34.96 -20.64 -27.57
N LYS E 300 35.25 -21.26 -26.42
CA LYS E 300 34.21 -21.87 -25.61
C LYS E 300 33.26 -20.81 -25.06
N ALA E 301 33.81 -19.67 -24.63
CA ALA E 301 32.98 -18.60 -24.07
C ALA E 301 32.00 -18.07 -25.11
N MET E 302 32.49 -17.81 -26.32
CA MET E 302 31.60 -17.30 -27.37
C MET E 302 30.63 -18.37 -27.85
N ALA E 303 31.09 -19.63 -27.93
CA ALA E 303 30.22 -20.71 -28.35
C ALA E 303 29.05 -20.87 -27.39
N ARG E 304 29.31 -20.71 -26.08
CA ARG E 304 28.26 -20.80 -25.09
C ARG E 304 27.36 -19.56 -25.11
N LYS E 305 27.86 -18.44 -25.62
CA LYS E 305 27.17 -17.15 -25.71
C LYS E 305 26.88 -16.55 -24.34
N THR E 306 27.52 -17.06 -23.29
CA THR E 306 27.34 -16.49 -21.96
C THR E 306 27.92 -15.09 -21.89
N GLY E 307 29.08 -14.89 -22.49
CA GLY E 307 29.77 -13.62 -22.53
C GLY E 307 30.97 -13.61 -21.59
N ALA E 308 31.54 -12.41 -21.44
CA ALA E 308 32.70 -12.25 -20.57
C ALA E 308 32.36 -12.58 -19.12
N ARG E 309 31.11 -12.36 -18.71
CA ARG E 309 30.71 -12.64 -17.35
C ARG E 309 30.87 -14.12 -17.02
N GLY E 310 30.54 -14.99 -17.97
CA GLY E 310 30.68 -16.43 -17.79
C GLY E 310 32.09 -16.96 -17.90
N LEU E 311 33.04 -16.11 -18.29
CA LEU E 311 34.43 -16.53 -18.46
C LEU E 311 35.01 -17.15 -17.21
N ARG E 312 34.61 -16.66 -16.02
CA ARG E 312 35.14 -17.18 -14.77
C ARG E 312 34.87 -18.67 -14.61
N SER E 313 33.68 -19.12 -15.05
CA SER E 313 33.31 -20.53 -14.91
C SER E 313 34.28 -21.46 -15.61
N ILE E 314 34.71 -21.10 -16.82
CA ILE E 314 35.62 -21.97 -17.57
C ILE E 314 36.95 -22.11 -16.83
N VAL E 315 37.49 -20.99 -16.34
CA VAL E 315 38.77 -21.03 -15.64
C VAL E 315 38.63 -21.78 -14.32
N GLU E 316 37.54 -21.56 -13.60
CA GLU E 316 37.34 -22.22 -12.31
C GLU E 316 37.25 -23.73 -12.47
N ALA E 317 36.47 -24.20 -13.46
CA ALA E 317 36.30 -25.64 -13.67
C ALA E 317 37.60 -26.30 -14.12
N ALA E 318 38.36 -25.62 -14.97
CA ALA E 318 39.61 -26.19 -15.46
C ALA E 318 40.59 -26.44 -14.31
N LEU E 319 40.65 -25.52 -13.36
CA LEU E 319 41.52 -25.63 -12.20
C LEU E 319 40.79 -26.12 -10.96
N LEU E 320 39.52 -26.51 -11.07
CA LEU E 320 38.76 -26.95 -9.92
C LEU E 320 39.39 -28.20 -9.29
N ASP E 321 39.68 -29.22 -10.10
CA ASP E 321 40.28 -30.43 -9.56
C ASP E 321 41.74 -30.22 -9.17
N THR E 322 42.49 -29.49 -9.99
CA THR E 322 43.92 -29.30 -9.71
C THR E 322 44.17 -28.50 -8.45
N MET E 323 43.40 -27.43 -8.21
CA MET E 323 43.63 -26.57 -7.05
C MET E 323 43.46 -27.27 -5.71
N TYR E 324 42.79 -28.42 -5.69
CA TYR E 324 42.54 -29.14 -4.44
C TYR E 324 43.83 -29.50 -3.69
N ASP E 325 44.88 -29.92 -4.40
CA ASP E 325 46.11 -30.40 -3.76
C ASP E 325 47.32 -29.50 -3.91
N LEU E 326 47.22 -28.32 -4.53
CA LEU E 326 48.39 -27.47 -4.64
C LEU E 326 48.97 -27.02 -3.30
N PRO E 327 48.17 -26.62 -2.29
CA PRO E 327 48.80 -26.23 -1.02
C PRO E 327 49.52 -27.38 -0.35
N SER E 328 48.93 -28.57 -0.35
CA SER E 328 49.58 -29.73 0.25
C SER E 328 50.85 -30.10 -0.51
N MET E 329 50.82 -30.01 -1.83
CA MET E 329 51.98 -30.34 -2.64
C MET E 329 53.12 -29.39 -2.37
N GLU E 330 54.35 -29.92 -2.44
CA GLU E 330 55.57 -29.17 -2.22
C GLU E 330 56.55 -29.47 -3.35
N ASP E 331 57.60 -28.65 -3.41
CA ASP E 331 58.65 -28.80 -4.42
C ASP E 331 58.10 -28.57 -5.83
N VAL E 332 57.17 -27.62 -5.96
CA VAL E 332 56.56 -27.27 -7.25
C VAL E 332 56.73 -25.76 -7.39
N GLU E 333 57.80 -25.36 -8.09
CA GLU E 333 58.08 -23.94 -8.29
C GLU E 333 57.20 -23.33 -9.37
N LYS E 334 56.93 -24.06 -10.46
CA LYS E 334 56.13 -23.56 -11.56
C LYS E 334 55.09 -24.59 -11.98
N VAL E 335 53.99 -24.08 -12.54
CA VAL E 335 52.89 -24.90 -13.07
C VAL E 335 52.57 -24.37 -14.46
N VAL E 336 52.36 -25.29 -15.40
CA VAL E 336 52.07 -24.95 -16.79
C VAL E 336 50.67 -25.40 -17.15
N ILE E 337 49.93 -24.51 -17.82
CA ILE E 337 48.58 -24.77 -18.28
C ILE E 337 48.63 -25.05 -19.77
N ASP E 338 47.94 -26.12 -20.20
CA ASP E 338 47.90 -26.52 -21.59
C ASP E 338 46.47 -26.56 -22.09
N GLU E 339 46.33 -26.58 -23.43
CA GLU E 339 45.02 -26.63 -24.04
C GLU E 339 44.25 -27.87 -23.61
N SER E 340 44.93 -29.01 -23.48
CA SER E 340 44.29 -30.23 -23.03
C SER E 340 43.68 -30.06 -21.64
N VAL E 341 44.31 -29.24 -20.80
CA VAL E 341 43.80 -29.02 -19.45
C VAL E 341 42.44 -28.34 -19.50
N ILE E 342 42.30 -27.33 -20.36
CA ILE E 342 41.02 -26.66 -20.49
C ILE E 342 39.97 -27.61 -21.03
N ASP E 343 40.34 -28.42 -22.01
CA ASP E 343 39.43 -29.40 -22.57
C ASP E 343 39.10 -30.49 -21.56
N GLY E 344 40.03 -30.77 -20.65
CA GLY E 344 39.86 -31.81 -19.66
C GLY E 344 40.42 -33.15 -20.07
N GLN E 345 41.10 -33.22 -21.21
CA GLN E 345 41.68 -34.47 -21.68
C GLN E 345 42.78 -34.96 -20.73
N SER E 346 43.64 -34.05 -20.29
CA SER E 346 44.76 -34.39 -19.42
C SER E 346 44.92 -33.33 -18.34
N GLU E 347 45.59 -33.73 -17.26
CA GLU E 347 45.85 -32.86 -16.13
C GLU E 347 47.05 -31.97 -16.42
N PRO E 348 47.18 -30.82 -15.74
CA PRO E 348 48.32 -29.95 -16.00
C PRO E 348 49.61 -30.54 -15.43
N LEU E 349 50.70 -30.31 -16.15
CA LEU E 349 52.01 -30.81 -15.73
C LEU E 349 52.57 -29.95 -14.61
N LEU E 350 53.26 -30.59 -13.68
CA LEU E 350 53.88 -29.93 -12.54
C LEU E 350 55.39 -29.84 -12.76
N ILE E 351 55.95 -28.65 -12.56
CA ILE E 351 57.38 -28.40 -12.71
C ILE E 351 58.00 -28.36 -11.33
N TYR E 352 59.06 -29.13 -11.14
CA TYR E 352 59.76 -29.20 -9.86
C TYR E 352 61.05 -28.39 -9.92
N LEU F 3 43.90 -20.84 7.73
CA LEU F 3 44.71 -21.89 8.44
C LEU F 3 44.46 -23.32 7.94
N PRO F 4 43.18 -23.74 7.77
CA PRO F 4 42.95 -25.11 7.28
C PRO F 4 43.42 -25.31 5.85
N THR F 5 43.31 -26.54 5.36
CA THR F 5 43.71 -26.91 4.01
C THR F 5 42.57 -27.63 3.32
N PRO F 6 42.63 -27.80 1.99
CA PRO F 6 41.54 -28.51 1.30
C PRO F 6 41.43 -29.97 1.74
N HIS F 7 42.54 -30.60 2.09
CA HIS F 7 42.48 -31.99 2.54
C HIS F 7 41.89 -32.09 3.94
N GLU F 8 42.22 -31.14 4.81
CA GLU F 8 41.71 -31.18 6.18
C GLU F 8 40.23 -30.82 6.22
N ILE F 9 39.82 -29.82 5.45
CA ILE F 9 38.41 -29.43 5.44
C ILE F 9 37.58 -30.56 4.85
N ARG F 10 38.10 -31.27 3.86
CA ARG F 10 37.38 -32.38 3.26
C ARG F 10 37.09 -33.45 4.29
N ASN F 11 38.08 -33.76 5.13
CA ASN F 11 37.87 -34.75 6.18
C ASN F 11 36.80 -34.28 7.16
N HIS F 12 36.87 -33.01 7.55
CA HIS F 12 35.87 -32.45 8.45
C HIS F 12 34.50 -32.45 7.80
N LEU F 13 34.45 -32.10 6.51
CA LEU F 13 33.18 -32.10 5.79
C LEU F 13 32.59 -33.51 5.71
N ASP F 14 33.46 -34.51 5.51
CA ASP F 14 33.01 -35.89 5.42
C ASP F 14 32.47 -36.40 6.75
N ASP F 15 32.96 -35.87 7.86
CA ASP F 15 32.51 -36.30 9.18
C ASP F 15 31.01 -36.11 9.36
N TYR F 16 30.47 -35.00 8.85
CA TYR F 16 29.06 -34.67 9.00
C TYR F 16 28.24 -34.77 7.72
N VAL F 17 28.89 -34.92 6.56
CA VAL F 17 28.20 -35.02 5.28
C VAL F 17 28.73 -36.24 4.53
N ILE F 18 27.85 -36.87 3.76
CA ILE F 18 28.19 -38.06 2.97
C ILE F 18 27.38 -38.06 1.68
N GLY F 19 27.79 -38.89 0.74
CA GLY F 19 27.14 -39.03 -0.54
C GLY F 19 27.34 -37.89 -1.51
N GLN F 20 28.15 -36.89 -1.17
CA GLN F 20 28.43 -35.75 -2.05
C GLN F 20 29.95 -35.54 -2.03
N GLU F 21 30.65 -36.19 -2.95
CA GLU F 21 32.10 -36.08 -3.03
C GLU F 21 32.54 -34.88 -3.88
N GLN F 22 31.93 -34.69 -5.04
CA GLN F 22 32.30 -33.58 -5.91
C GLN F 22 31.98 -32.24 -5.25
N ALA F 23 30.89 -32.17 -4.49
CA ALA F 23 30.53 -30.92 -3.83
C ALA F 23 31.56 -30.49 -2.80
N LYS F 24 32.24 -31.46 -2.17
CA LYS F 24 33.22 -31.10 -1.15
C LYS F 24 34.41 -30.37 -1.76
N LYS F 25 34.93 -30.86 -2.89
CA LYS F 25 36.08 -30.21 -3.51
C LYS F 25 35.75 -28.81 -3.99
N VAL F 26 34.51 -28.58 -4.41
CA VAL F 26 34.13 -27.25 -4.90
C VAL F 26 34.16 -26.23 -3.77
N LEU F 27 33.54 -26.56 -2.64
CA LEU F 27 33.49 -25.65 -1.50
C LEU F 27 34.86 -25.45 -0.88
N ALA F 28 35.68 -26.50 -0.82
CA ALA F 28 36.99 -26.40 -0.17
C ALA F 28 37.89 -25.37 -0.86
N VAL F 29 38.01 -25.44 -2.18
CA VAL F 29 38.86 -24.49 -2.90
C VAL F 29 38.22 -23.11 -2.90
N ALA F 30 36.90 -23.03 -3.09
CA ALA F 30 36.23 -21.75 -3.12
C ALA F 30 36.33 -21.04 -1.79
N VAL F 31 36.08 -21.76 -0.70
CA VAL F 31 36.15 -21.16 0.62
C VAL F 31 37.60 -20.82 0.97
N TYR F 32 38.53 -21.74 0.70
CA TYR F 32 39.93 -21.47 1.00
C TYR F 32 40.45 -20.30 0.19
N ASN F 33 40.13 -20.25 -1.10
CA ASN F 33 40.59 -19.13 -1.93
C ASN F 33 39.93 -17.83 -1.50
N HIS F 34 38.60 -17.84 -1.35
CA HIS F 34 37.86 -16.66 -0.93
C HIS F 34 38.41 -16.10 0.38
N TYR F 35 38.56 -16.96 1.39
CA TYR F 35 39.10 -16.51 2.67
C TYR F 35 40.54 -16.06 2.52
N LYS F 36 41.29 -16.66 1.60
CA LYS F 36 42.66 -16.25 1.37
C LYS F 36 42.72 -14.78 0.93
N ARG F 37 41.75 -14.35 0.13
CA ARG F 37 41.70 -12.96 -0.34
C ARG F 37 41.63 -11.99 0.84
N LEU F 38 40.88 -12.36 1.88
CA LEU F 38 40.75 -11.50 3.05
C LEU F 38 42.10 -11.28 3.74
N ARG F 39 42.96 -12.29 3.71
CA ARG F 39 44.26 -12.19 4.36
C ARG F 39 45.21 -11.32 3.56
N ASN F 40 45.39 -11.64 2.27
CA ASN F 40 46.31 -10.87 1.43
C ASN F 40 45.81 -9.44 1.23
N GLY F 41 44.51 -9.27 1.03
CA GLY F 41 43.98 -7.94 0.77
C GLY F 41 44.49 -7.39 -0.54
N ASP F 42 44.99 -6.16 -0.53
CA ASP F 42 45.51 -5.49 -1.72
C ASP F 42 47.03 -5.39 -1.74
N THR F 43 47.73 -6.09 -0.84
CA THR F 43 49.19 -6.03 -0.82
C THR F 43 49.77 -6.60 -2.11
N SER F 44 49.11 -7.58 -2.70
CA SER F 44 49.59 -8.20 -3.92
C SER F 44 49.35 -7.29 -5.12
N ASN F 45 50.09 -7.58 -6.20
CA ASN F 45 49.98 -6.79 -7.43
C ASN F 45 48.59 -6.89 -8.03
N GLY F 46 47.95 -8.05 -7.91
CA GLY F 46 46.64 -8.26 -8.47
C GLY F 46 45.53 -7.73 -7.59
N VAL F 47 45.39 -6.41 -7.57
CA VAL F 47 44.39 -5.76 -6.73
C VAL F 47 43.02 -5.92 -7.38
N GLU F 48 41.96 -5.76 -6.56
CA GLU F 48 40.57 -5.93 -6.99
C GLU F 48 40.27 -7.39 -7.32
N LEU F 49 40.80 -8.28 -6.50
CA LEU F 49 40.66 -9.73 -6.63
C LEU F 49 39.49 -10.24 -5.80
N GLY F 50 39.06 -11.47 -6.09
CA GLY F 50 38.01 -12.11 -5.34
C GLY F 50 36.60 -11.99 -5.89
N LYS F 51 35.62 -12.04 -4.99
CA LYS F 51 34.20 -11.94 -5.34
C LYS F 51 33.73 -13.04 -6.29
N SER F 52 34.01 -14.29 -5.92
CA SER F 52 33.58 -15.46 -6.68
C SER F 52 32.39 -16.09 -5.97
N ASN F 53 31.24 -16.09 -6.64
CA ASN F 53 30.01 -16.65 -6.08
C ASN F 53 29.94 -18.16 -6.30
N ILE F 54 29.10 -18.81 -5.47
CA ILE F 54 28.89 -20.25 -5.49
C ILE F 54 27.41 -20.53 -5.74
N LEU F 55 27.13 -21.43 -6.69
CA LEU F 55 25.76 -21.82 -7.03
C LEU F 55 25.60 -23.32 -6.78
N LEU F 56 24.50 -23.68 -6.11
CA LEU F 56 24.18 -25.08 -5.80
C LEU F 56 22.84 -25.45 -6.38
N ILE F 57 22.80 -26.53 -7.18
CA ILE F 57 21.57 -27.04 -7.78
C ILE F 57 21.49 -28.52 -7.44
N GLY F 58 20.46 -28.92 -6.69
CA GLY F 58 20.27 -30.30 -6.33
C GLY F 58 18.86 -30.60 -5.87
N PRO F 59 18.53 -31.89 -5.73
CA PRO F 59 17.19 -32.24 -5.26
C PRO F 59 17.00 -31.90 -3.79
N THR F 60 15.75 -31.70 -3.40
CA THR F 60 15.45 -31.35 -2.02
C THR F 60 15.86 -32.46 -1.07
N GLY F 61 16.36 -32.07 0.10
CA GLY F 61 16.78 -33.02 1.10
C GLY F 61 18.19 -33.55 0.92
N SER F 62 19.00 -32.90 0.09
CA SER F 62 20.37 -33.34 -0.16
C SER F 62 21.38 -32.76 0.84
N GLY F 63 20.94 -31.92 1.77
CA GLY F 63 21.86 -31.32 2.72
C GLY F 63 22.54 -30.07 2.24
N LYS F 64 21.96 -29.40 1.24
CA LYS F 64 22.56 -28.17 0.72
C LYS F 64 22.67 -27.13 1.83
N THR F 65 21.61 -26.98 2.63
CA THR F 65 21.64 -26.04 3.74
C THR F 65 22.59 -26.54 4.83
N LEU F 66 22.59 -27.86 5.06
CA LEU F 66 23.45 -28.43 6.09
C LEU F 66 24.92 -28.18 5.80
N LEU F 67 25.30 -28.17 4.52
CA LEU F 67 26.69 -27.91 4.16
C LEU F 67 27.16 -26.56 4.67
N ALA F 68 26.34 -25.53 4.48
CA ALA F 68 26.71 -24.19 4.94
C ALA F 68 26.75 -24.13 6.47
N GLU F 69 25.72 -24.67 7.13
CA GLU F 69 25.67 -24.63 8.58
C GLU F 69 26.82 -25.44 9.19
N THR F 70 27.09 -26.63 8.64
CA THR F 70 28.19 -27.44 9.16
C THR F 70 29.52 -26.74 8.93
N LEU F 71 29.68 -26.13 7.75
CA LEU F 71 30.92 -25.42 7.45
C LEU F 71 31.09 -24.22 8.37
N ALA F 72 30.00 -23.52 8.68
CA ALA F 72 30.07 -22.36 9.56
C ALA F 72 30.52 -22.76 10.96
N ARG F 73 30.12 -23.96 11.41
CA ARG F 73 30.52 -24.43 12.72
C ARG F 73 31.97 -24.88 12.72
N LEU F 74 32.39 -25.58 11.66
CA LEU F 74 33.77 -26.05 11.57
C LEU F 74 34.76 -24.89 11.58
N LEU F 75 34.46 -23.83 10.82
CA LEU F 75 35.35 -22.67 10.74
C LEU F 75 34.99 -21.56 11.73
N ASP F 76 33.89 -21.70 12.47
CA ASP F 76 33.49 -20.71 13.47
C ASP F 76 33.30 -19.31 12.86
N VAL F 77 32.66 -19.25 11.71
CA VAL F 77 32.40 -18.01 10.99
C VAL F 77 30.90 -17.76 11.01
N PRO F 78 30.44 -16.53 11.23
CA PRO F 78 28.98 -16.29 11.27
C PRO F 78 28.33 -16.57 9.94
N PHE F 79 27.18 -17.25 10.00
CA PHE F 79 26.42 -17.60 8.81
C PHE F 79 24.94 -17.36 9.05
N THR F 80 24.26 -16.88 8.02
CA THR F 80 22.83 -16.65 8.04
C THR F 80 22.20 -17.43 6.90
N MET F 81 20.91 -17.73 7.06
CA MET F 81 20.13 -18.51 6.09
C MET F 81 18.92 -17.68 5.67
N ALA F 82 19.08 -16.89 4.62
CA ALA F 82 18.01 -16.05 4.10
C ALA F 82 17.35 -16.74 2.90
N ASP F 83 16.19 -16.22 2.50
CA ASP F 83 15.42 -16.77 1.40
C ASP F 83 15.04 -15.67 0.41
N ALA F 84 14.86 -16.07 -0.85
CA ALA F 84 14.45 -15.16 -1.92
C ALA F 84 12.98 -15.31 -2.32
N THR F 85 12.30 -16.33 -1.79
CA THR F 85 10.88 -16.52 -2.11
C THR F 85 10.03 -15.40 -1.53
N THR F 86 10.40 -14.88 -0.35
CA THR F 86 9.63 -13.83 0.28
C THR F 86 9.65 -12.55 -0.54
N LEU F 87 10.81 -12.21 -1.10
CA LEU F 87 10.95 -10.99 -1.90
C LEU F 87 9.93 -10.95 -3.03
N THR F 88 9.44 -9.75 -3.31
CA THR F 88 8.45 -9.53 -4.36
C THR F 88 9.11 -9.03 -5.64
N ASP F 96 12.52 -7.44 2.00
CA ASP F 96 13.17 -6.59 1.02
C ASP F 96 14.67 -6.91 0.98
N VAL F 97 15.39 -6.27 0.07
CA VAL F 97 16.83 -6.50 -0.03
C VAL F 97 17.53 -6.11 1.25
N GLU F 98 17.10 -5.00 1.86
CA GLU F 98 17.71 -4.54 3.12
C GLU F 98 17.56 -5.58 4.22
N ASN F 99 16.47 -6.36 4.21
CA ASN F 99 16.26 -7.39 5.23
C ASN F 99 17.41 -8.40 5.23
N ILE F 100 17.90 -8.77 4.05
CA ILE F 100 18.98 -9.75 3.94
C ILE F 100 20.25 -9.25 4.63
N ILE F 101 20.61 -7.98 4.41
CA ILE F 101 21.84 -7.45 4.98
C ILE F 101 21.74 -7.36 6.51
N GLN F 102 20.65 -6.80 7.02
CA GLN F 102 20.50 -6.66 8.47
C GLN F 102 20.42 -8.01 9.15
N LYS F 103 19.79 -9.00 8.50
CA LYS F 103 19.65 -10.35 9.03
C LYS F 103 20.97 -10.89 9.56
N LEU F 104 22.01 -10.87 8.73
CA LEU F 104 23.33 -11.33 9.15
C LEU F 104 23.81 -10.59 10.39
N LEU F 105 23.60 -9.26 10.43
CA LEU F 105 24.04 -8.48 11.58
C LEU F 105 23.33 -8.89 12.86
N GLN F 106 22.10 -9.41 12.77
CA GLN F 106 21.37 -9.83 13.96
C GLN F 106 22.08 -10.93 14.75
N LYS F 107 23.08 -11.60 14.17
CA LYS F 107 23.79 -12.65 14.89
C LYS F 107 24.54 -12.07 16.08
N SER F 108 25.25 -10.97 15.87
CA SER F 108 26.01 -10.29 16.93
C SER F 108 25.58 -8.84 17.14
N ASP F 109 24.86 -8.24 16.18
CA ASP F 109 24.34 -6.88 16.23
C ASP F 109 25.42 -5.80 16.20
N TYR F 110 26.71 -6.16 16.08
CA TYR F 110 27.78 -5.17 16.03
C TYR F 110 28.92 -5.82 15.24
N ASP F 111 29.07 -5.44 13.98
CA ASP F 111 30.12 -5.99 13.14
C ASP F 111 30.53 -4.96 12.10
N VAL F 112 31.80 -4.56 12.14
CA VAL F 112 32.39 -3.63 11.17
C VAL F 112 33.29 -4.37 10.20
N GLN F 113 34.32 -5.04 10.72
CA GLN F 113 35.26 -5.83 9.94
C GLN F 113 35.13 -7.32 10.24
N LYS F 114 33.96 -7.76 10.72
CA LYS F 114 33.71 -9.15 11.08
C LYS F 114 32.55 -9.78 10.31
N ALA F 115 31.55 -9.00 9.92
CA ALA F 115 30.44 -9.55 9.13
C ALA F 115 30.77 -9.61 7.64
N GLN F 116 31.79 -8.88 7.20
CA GLN F 116 32.17 -8.91 5.79
C GLN F 116 32.65 -10.29 5.35
N ARG F 117 33.19 -11.08 6.28
CA ARG F 117 33.69 -12.41 5.99
C ARG F 117 32.64 -13.50 6.22
N GLY F 118 31.38 -13.13 6.45
CA GLY F 118 30.35 -14.12 6.67
C GLY F 118 29.86 -14.76 5.39
N ILE F 119 29.01 -15.77 5.56
CA ILE F 119 28.45 -16.55 4.46
C ILE F 119 26.93 -16.48 4.54
N VAL F 120 26.29 -16.59 3.38
CA VAL F 120 24.84 -16.53 3.27
C VAL F 120 24.36 -17.64 2.35
N TYR F 121 23.20 -18.22 2.66
CA TYR F 121 22.59 -19.28 1.89
C TYR F 121 21.19 -18.87 1.46
N ILE F 122 20.80 -19.27 0.25
CA ILE F 122 19.49 -18.96 -0.30
C ILE F 122 18.85 -20.27 -0.76
N ASP F 123 17.53 -20.39 -0.54
CA ASP F 123 16.77 -21.58 -0.90
C ASP F 123 15.68 -21.24 -1.90
N GLN F 124 15.32 -22.23 -2.71
CA GLN F 124 14.26 -22.09 -3.72
C GLN F 124 14.61 -21.00 -4.75
N ILE F 125 15.79 -21.13 -5.34
CA ILE F 125 16.25 -20.18 -6.35
C ILE F 125 15.48 -20.31 -7.65
N ASP F 126 14.86 -21.47 -7.91
CA ASP F 126 14.12 -21.65 -9.16
C ASP F 126 12.81 -20.89 -9.19
N LYS F 127 12.26 -20.53 -8.03
CA LYS F 127 10.98 -19.81 -7.97
C LYS F 127 11.03 -18.50 -8.76
N ILE F 128 12.15 -17.76 -8.66
CA ILE F 128 12.30 -16.47 -9.31
C ILE F 128 12.42 -16.56 -10.83
N SER F 129 12.41 -17.78 -11.39
CA SER F 129 12.49 -17.98 -12.83
C SER F 129 11.49 -17.09 -13.58
N ARG F 130 11.94 -16.54 -14.70
CA ARG F 130 11.14 -15.60 -15.48
C ARG F 130 10.04 -16.33 -16.25
N LYS F 131 8.80 -16.16 -15.79
CA LYS F 131 7.65 -16.73 -16.47
C LYS F 131 7.31 -15.86 -17.67
N SER F 132 6.93 -16.51 -18.77
CA SER F 132 6.59 -15.80 -20.01
C SER F 132 5.46 -16.49 -20.76
N ASP F 140 3.76 -10.79 -15.52
CA ASP F 140 4.71 -11.71 -14.91
C ASP F 140 5.63 -10.97 -13.93
N VAL F 141 5.01 -10.12 -13.10
CA VAL F 141 5.77 -9.37 -12.11
C VAL F 141 6.29 -10.28 -11.01
N SER F 142 5.64 -11.44 -10.80
CA SER F 142 6.11 -12.34 -9.76
C SER F 142 7.53 -12.78 -10.04
N GLY F 143 7.84 -13.17 -11.28
CA GLY F 143 9.20 -13.48 -11.63
C GLY F 143 9.86 -12.29 -12.31
N GLU F 144 11.19 -12.41 -12.43
CA GLU F 144 12.13 -11.50 -13.07
C GLU F 144 12.33 -10.19 -12.28
N GLY F 145 11.48 -9.92 -11.29
CA GLY F 145 11.63 -8.80 -10.38
C GLY F 145 12.89 -8.86 -9.55
N VAL F 146 13.08 -10.06 -9.02
CA VAL F 146 14.13 -10.38 -8.08
C VAL F 146 15.50 -10.44 -8.76
N GLN F 147 15.58 -11.07 -9.93
CA GLN F 147 16.88 -11.25 -10.58
C GLN F 147 17.50 -9.90 -10.94
N GLN F 148 16.72 -8.99 -11.51
CA GLN F 148 17.25 -7.66 -11.80
C GLN F 148 17.65 -6.94 -10.52
N ALA F 149 16.90 -7.16 -9.45
CA ALA F 149 17.20 -6.53 -8.17
C ALA F 149 18.43 -7.13 -7.49
N LEU F 150 18.66 -8.43 -7.67
CA LEU F 150 19.79 -9.08 -7.02
C LEU F 150 21.12 -8.79 -7.71
N LEU F 151 21.09 -8.33 -8.96
CA LEU F 151 22.32 -8.00 -9.69
C LEU F 151 23.20 -7.05 -8.89
N LYS F 152 22.65 -5.91 -8.47
CA LYS F 152 23.43 -4.95 -7.70
C LYS F 152 23.82 -5.53 -6.35
N LEU F 153 22.99 -6.39 -5.78
CA LEU F 153 23.30 -7.01 -4.49
C LEU F 153 24.52 -7.91 -4.60
N ILE F 154 24.56 -8.77 -5.64
CA ILE F 154 25.67 -9.69 -5.81
C ILE F 154 26.94 -8.94 -6.19
N GLU F 155 26.82 -7.95 -7.07
CA GLU F 155 27.98 -7.16 -7.51
C GLU F 155 28.64 -6.37 -6.38
N GLY F 156 28.00 -6.27 -5.21
CA GLY F 156 28.56 -5.55 -4.08
C GLY F 156 28.05 -4.12 -3.99
N THR F 157 27.75 -3.69 -2.77
CA THR F 157 27.24 -2.37 -2.47
C THR F 157 27.20 -2.24 -0.96
N VAL F 158 26.79 -1.07 -0.49
CA VAL F 158 26.66 -0.77 0.93
C VAL F 158 25.24 -0.31 1.18
N ALA F 159 24.62 -0.83 2.23
CA ALA F 159 23.25 -0.51 2.59
C ALA F 159 23.17 -0.05 4.04
N ALA F 160 22.34 0.95 4.28
CA ALA F 160 22.14 1.47 5.63
C ALA F 160 21.42 0.44 6.48
N VAL F 161 21.92 0.22 7.69
CA VAL F 161 21.32 -0.75 8.63
C VAL F 161 21.34 -0.17 10.03
N PRO F 162 20.19 0.12 10.67
CA PRO F 162 20.23 0.63 12.04
C PRO F 162 20.73 -0.44 13.00
N PRO F 163 21.87 -0.24 13.68
CA PRO F 163 22.35 -1.29 14.59
C PRO F 163 21.49 -1.36 15.84
N GLN F 164 20.90 -2.54 16.07
CA GLN F 164 20.03 -2.85 17.21
C GLN F 164 18.67 -2.16 17.13
N GLY F 165 18.40 -1.36 16.10
CA GLY F 165 17.13 -0.68 15.98
C GLY F 165 17.07 0.69 16.64
N GLY F 166 18.01 0.99 17.54
CA GLY F 166 18.02 2.28 18.21
C GLY F 166 17.08 2.32 19.40
N GLN F 172 21.71 6.86 17.36
CA GLN F 172 20.95 7.24 16.17
C GLN F 172 21.90 7.53 15.01
N GLU F 173 22.85 6.62 14.80
CA GLU F 173 23.84 6.72 13.73
C GLU F 173 23.74 5.48 12.87
N PHE F 174 23.67 5.66 11.55
CA PHE F 174 23.56 4.54 10.63
C PHE F 174 24.91 3.86 10.45
N LEU F 175 24.86 2.59 10.04
CA LEU F 175 26.04 1.76 9.84
C LEU F 175 26.15 1.33 8.39
N GLN F 176 27.35 1.47 7.82
CA GLN F 176 27.65 1.06 6.45
C GLN F 176 28.48 -0.22 6.50
N VAL F 177 28.07 -1.22 5.73
CA VAL F 177 28.74 -2.52 5.67
C VAL F 177 28.91 -2.93 4.21
N ASP F 178 30.15 -3.25 3.83
CA ASP F 178 30.42 -3.68 2.46
C ASP F 178 29.83 -5.08 2.21
N THR F 179 29.39 -5.30 0.97
CA THR F 179 28.81 -6.57 0.56
C THR F 179 29.69 -7.35 -0.41
N SER F 180 30.70 -6.73 -1.00
CA SER F 180 31.57 -7.44 -1.93
C SER F 180 32.28 -8.61 -1.26
N LYS F 181 32.81 -8.38 -0.06
CA LYS F 181 33.48 -9.44 0.68
C LYS F 181 32.52 -10.57 1.02
N ILE F 182 31.28 -10.22 1.36
CA ILE F 182 30.28 -11.22 1.73
C ILE F 182 30.04 -12.19 0.58
N LEU F 183 30.20 -13.48 0.87
CA LEU F 183 30.00 -14.54 -0.11
C LEU F 183 28.54 -14.97 -0.10
N PHE F 184 28.06 -15.37 -1.28
CA PHE F 184 26.68 -15.79 -1.49
C PHE F 184 26.65 -17.21 -2.04
N ILE F 185 25.71 -18.01 -1.54
CA ILE F 185 25.53 -19.40 -1.94
C ILE F 185 24.05 -19.55 -2.31
N CYS F 186 23.75 -19.53 -3.60
CA CYS F 186 22.38 -19.65 -4.08
C CYS F 186 22.01 -21.13 -4.20
N GLY F 187 21.26 -21.63 -3.21
CA GLY F 187 20.81 -23.01 -3.23
C GLY F 187 19.41 -23.12 -3.83
N GLY F 188 19.10 -24.28 -4.37
CA GLY F 188 17.79 -24.48 -4.96
C GLY F 188 17.72 -25.80 -5.70
N ALA F 189 16.49 -26.13 -6.10
CA ALA F 189 16.19 -27.34 -6.86
C ALA F 189 15.54 -26.94 -8.17
N PHE F 190 16.01 -27.53 -9.27
CA PHE F 190 15.51 -27.24 -10.61
C PHE F 190 14.80 -28.50 -11.14
N ALA F 191 13.51 -28.59 -10.86
CA ALA F 191 12.75 -29.74 -11.31
C ALA F 191 12.46 -29.63 -12.80
N GLY F 192 12.51 -30.77 -13.49
CA GLY F 192 12.28 -30.81 -14.92
C GLY F 192 13.44 -30.38 -15.77
N LEU F 193 14.50 -29.84 -15.16
CA LEU F 193 15.67 -29.39 -15.92
C LEU F 193 16.33 -30.53 -16.69
N ASP F 194 16.30 -31.75 -16.13
CA ASP F 194 16.94 -32.90 -16.77
C ASP F 194 16.43 -33.11 -18.19
N LYS F 195 15.10 -33.07 -18.36
CA LYS F 195 14.50 -33.26 -19.68
C LYS F 195 14.96 -32.18 -20.66
N VAL F 196 15.17 -30.95 -20.19
CA VAL F 196 15.56 -29.84 -21.06
C VAL F 196 16.89 -30.15 -21.74
N ILE F 197 17.89 -30.55 -20.97
CA ILE F 197 19.20 -30.84 -21.53
C ILE F 197 19.17 -32.11 -22.38
N SER F 198 18.34 -33.08 -21.98
CA SER F 198 18.24 -34.35 -22.70
C SER F 198 17.98 -34.14 -24.20
N HIS F 199 16.99 -33.31 -24.53
CA HIS F 199 16.68 -33.05 -25.93
C HIS F 199 17.79 -32.30 -26.64
N ARG F 200 18.57 -31.51 -25.90
CA ARG F 200 19.64 -30.71 -26.49
C ARG F 200 20.95 -31.47 -26.67
N VAL F 201 21.36 -32.25 -25.67
CA VAL F 201 22.68 -32.91 -25.69
C VAL F 201 22.56 -34.43 -25.85
N GLU F 202 21.84 -35.09 -24.95
CA GLU F 202 21.82 -36.56 -25.00
C GLU F 202 21.10 -37.10 -26.23
N THR F 203 19.81 -36.80 -26.38
CA THR F 203 19.05 -37.30 -27.52
C THR F 203 17.63 -36.72 -27.51
N GLY F 204 16.99 -36.62 -28.67
CA GLY F 204 15.62 -36.18 -28.76
C GLY F 204 14.77 -37.43 -28.70
N SER F 205 14.14 -37.69 -27.57
CA SER F 205 13.37 -38.92 -27.37
C SER F 205 12.38 -38.69 -26.24
N GLY F 206 11.70 -39.77 -25.83
CA GLY F 206 10.71 -39.74 -24.77
C GLY F 206 9.28 -39.94 -25.24
N ILE F 207 8.98 -39.65 -26.51
CA ILE F 207 7.62 -39.76 -27.03
C ILE F 207 7.48 -40.77 -28.16
N GLY F 208 8.58 -41.07 -28.88
CA GLY F 208 8.50 -41.99 -30.00
C GLY F 208 8.67 -43.45 -29.59
N PHE F 209 8.53 -44.32 -30.59
CA PHE F 209 8.68 -45.75 -30.36
C PHE F 209 10.13 -46.12 -30.13
N GLY F 210 10.98 -45.86 -31.13
CA GLY F 210 12.40 -46.11 -30.98
C GLY F 210 13.02 -45.20 -29.95
N ALA F 211 12.46 -44.01 -29.79
CA ALA F 211 12.95 -43.06 -28.80
C ALA F 211 12.86 -43.64 -27.40
N THR F 212 13.93 -43.48 -26.63
CA THR F 212 13.96 -44.02 -25.27
C THR F 212 13.03 -43.23 -24.35
N VAL F 213 12.14 -43.95 -23.67
CA VAL F 213 11.21 -43.35 -22.72
C VAL F 213 11.94 -43.16 -21.40
N LYS F 214 11.36 -42.35 -20.50
CA LYS F 214 11.94 -42.10 -19.18
C LYS F 214 11.58 -43.23 -18.21
N ALA F 215 11.93 -44.46 -18.62
CA ALA F 215 11.64 -45.63 -17.81
C ALA F 215 12.41 -45.62 -16.50
N LYS F 216 13.67 -45.16 -16.54
CA LYS F 216 14.52 -45.14 -15.35
C LYS F 216 14.28 -43.88 -14.51
N SER F 217 13.03 -43.75 -14.04
CA SER F 217 12.67 -42.62 -13.19
C SER F 217 13.39 -42.74 -11.85
N ASP F 218 13.40 -43.93 -11.27
CA ASP F 218 14.05 -44.22 -10.00
C ASP F 218 15.09 -45.33 -10.11
N LYS F 219 15.15 -46.03 -11.25
CA LYS F 219 16.12 -47.10 -11.42
C LYS F 219 17.53 -46.53 -11.56
N ALA F 220 17.66 -45.40 -12.25
CA ALA F 220 18.92 -44.71 -12.47
C ALA F 220 18.80 -43.30 -11.93
N SER F 221 19.95 -42.68 -11.66
CA SER F 221 20.00 -41.34 -11.09
C SER F 221 20.20 -40.30 -12.18
N GLU F 222 19.32 -39.29 -12.18
CA GLU F 222 19.40 -38.20 -13.15
C GLU F 222 20.65 -37.35 -12.99
N GLY F 223 21.27 -37.37 -11.80
CA GLY F 223 22.47 -36.61 -11.49
C GLY F 223 23.54 -36.55 -12.55
N GLU F 224 23.87 -37.69 -13.15
CA GLU F 224 24.89 -37.74 -14.19
C GLU F 224 24.60 -36.75 -15.31
N LEU F 225 23.33 -36.57 -15.66
CA LEU F 225 22.98 -35.63 -16.71
C LEU F 225 23.22 -34.20 -16.25
N LEU F 226 22.92 -33.90 -14.98
CA LEU F 226 23.13 -32.55 -14.46
C LEU F 226 24.60 -32.15 -14.49
N ALA F 227 25.52 -33.12 -14.47
CA ALA F 227 26.95 -32.82 -14.49
C ALA F 227 27.35 -32.08 -15.75
N GLN F 228 26.58 -32.19 -16.84
CA GLN F 228 26.83 -31.53 -18.10
C GLN F 228 26.00 -30.25 -18.25
N VAL F 229 25.54 -29.69 -17.14
CA VAL F 229 24.71 -28.48 -17.17
C VAL F 229 25.58 -27.26 -17.45
N GLU F 230 25.29 -26.58 -18.54
CA GLU F 230 25.97 -25.36 -18.96
C GLU F 230 25.10 -24.15 -18.63
N PRO F 231 25.67 -22.94 -18.63
CA PRO F 231 24.84 -21.78 -18.32
C PRO F 231 23.77 -21.53 -19.38
N GLU F 232 24.00 -21.96 -20.62
CA GLU F 232 23.01 -21.76 -21.67
C GLU F 232 21.75 -22.57 -21.39
N ASP F 233 21.88 -23.75 -20.78
CA ASP F 233 20.70 -24.57 -20.49
C ASP F 233 19.82 -23.91 -19.45
N LEU F 234 20.42 -23.19 -18.49
CA LEU F 234 19.65 -22.51 -17.46
C LEU F 234 18.78 -21.40 -18.04
N ILE F 235 19.14 -20.86 -19.21
CA ILE F 235 18.35 -19.80 -19.81
C ILE F 235 16.98 -20.35 -20.21
N LYS F 236 16.94 -21.55 -20.76
CA LYS F 236 15.66 -22.14 -21.15
C LYS F 236 14.81 -22.44 -19.93
N PHE F 237 15.45 -22.70 -18.78
CA PHE F 237 14.69 -22.96 -17.56
C PHE F 237 13.92 -21.73 -17.13
N GLY F 238 14.47 -20.54 -17.37
CA GLY F 238 13.82 -19.29 -17.01
C GLY F 238 14.76 -18.23 -16.48
N LEU F 239 15.95 -18.64 -16.03
CA LEU F 239 16.89 -17.70 -15.46
C LEU F 239 17.40 -16.73 -16.52
N ILE F 240 17.98 -15.63 -16.03
CA ILE F 240 18.54 -14.56 -16.85
C ILE F 240 20.03 -14.84 -17.03
N PRO F 241 20.61 -14.67 -18.22
CA PRO F 241 22.05 -14.93 -18.34
C PRO F 241 22.90 -13.98 -17.53
N GLU F 242 22.47 -12.72 -17.38
CA GLU F 242 23.22 -11.76 -16.58
C GLU F 242 23.30 -12.20 -15.13
N PHE F 243 22.25 -12.85 -14.63
CA PHE F 243 22.23 -13.31 -13.25
C PHE F 243 23.14 -14.52 -13.07
N ILE F 244 23.19 -15.39 -14.07
CA ILE F 244 24.02 -16.59 -13.98
C ILE F 244 25.50 -16.26 -14.19
N GLY F 245 25.79 -15.19 -14.93
CA GLY F 245 27.18 -14.82 -15.14
C GLY F 245 27.90 -14.45 -13.86
N ARG F 246 27.17 -13.89 -12.90
CA ARG F 246 27.77 -13.52 -11.62
C ARG F 246 28.07 -14.73 -10.74
N LEU F 247 27.53 -15.90 -11.07
CA LEU F 247 27.73 -17.14 -10.32
C LEU F 247 28.39 -18.15 -11.25
N PRO F 248 29.69 -17.99 -11.52
CA PRO F 248 30.37 -18.93 -12.42
C PRO F 248 30.52 -20.32 -11.86
N VAL F 249 30.71 -20.46 -10.54
CA VAL F 249 30.85 -21.78 -9.95
C VAL F 249 29.51 -22.50 -10.00
N VAL F 250 29.57 -23.81 -10.27
CA VAL F 250 28.38 -24.64 -10.37
C VAL F 250 28.63 -25.94 -9.62
N ALA F 251 27.63 -26.38 -8.87
CA ALA F 251 27.69 -27.62 -8.09
C ALA F 251 26.49 -28.48 -8.47
N THR F 252 26.75 -29.75 -8.73
CA THR F 252 25.72 -30.72 -9.14
C THR F 252 25.65 -31.83 -8.10
N LEU F 253 24.81 -31.65 -7.08
CA LEU F 253 24.64 -32.70 -6.08
C LEU F 253 23.96 -33.89 -6.73
N ASN F 254 24.32 -35.08 -6.25
CA ASN F 254 23.75 -36.30 -6.81
C ASN F 254 22.42 -36.63 -6.13
N GLU F 255 21.71 -37.59 -6.73
CA GLU F 255 20.43 -38.03 -6.16
C GLU F 255 20.70 -38.82 -4.89
N LEU F 256 19.98 -38.48 -3.82
CA LEU F 256 20.17 -39.16 -2.55
C LEU F 256 19.80 -40.63 -2.68
N SER F 257 20.70 -41.50 -2.22
CA SER F 257 20.52 -42.94 -2.29
C SER F 257 19.75 -43.47 -1.09
N GLU F 258 19.21 -44.69 -1.25
CA GLU F 258 18.47 -45.32 -0.16
C GLU F 258 19.40 -45.70 0.97
N GLU F 259 20.58 -46.24 0.65
CA GLU F 259 21.55 -46.59 1.68
C GLU F 259 22.05 -45.35 2.41
N ALA F 260 22.13 -44.22 1.71
CA ALA F 260 22.60 -42.98 2.33
C ALA F 260 21.73 -42.62 3.53
N LEU F 261 20.42 -42.83 3.44
CA LEU F 261 19.54 -42.56 4.56
C LEU F 261 19.93 -43.42 5.76
N ILE F 262 20.22 -44.70 5.50
CA ILE F 262 20.61 -45.59 6.57
C ILE F 262 21.95 -45.14 7.15
N GLN F 263 22.87 -44.74 6.27
CA GLN F 263 24.16 -44.24 6.73
C GLN F 263 23.99 -42.99 7.57
N ILE F 264 23.10 -42.08 7.15
CA ILE F 264 22.86 -40.83 7.86
C ILE F 264 22.44 -41.10 9.30
N LEU F 265 21.67 -42.17 9.52
CA LEU F 265 21.25 -42.50 10.86
C LEU F 265 22.42 -42.95 11.75
N LYS F 266 23.45 -43.57 11.17
CA LYS F 266 24.59 -44.08 11.92
C LYS F 266 25.93 -43.42 11.62
N GLU F 267 26.31 -43.33 10.34
CA GLU F 267 27.64 -42.83 9.98
C GLU F 267 27.98 -41.40 10.43
N PRO F 268 27.09 -40.41 10.38
CA PRO F 268 27.49 -39.05 10.76
C PRO F 268 27.90 -38.93 12.22
N LYS F 269 28.53 -37.78 12.50
CA LYS F 269 28.96 -37.46 13.86
C LYS F 269 27.77 -37.39 14.80
N ASN F 270 26.70 -36.72 14.36
CA ASN F 270 25.48 -36.56 15.13
C ASN F 270 24.31 -37.02 14.27
N ALA F 271 23.56 -38.00 14.75
CA ALA F 271 22.42 -38.54 14.05
C ALA F 271 21.26 -38.70 15.02
N LEU F 272 20.06 -38.87 14.44
CA LEU F 272 18.86 -39.04 15.26
C LEU F 272 18.98 -40.24 16.19
N THR F 273 19.51 -41.35 15.68
CA THR F 273 19.68 -42.54 16.51
C THR F 273 20.60 -42.26 17.69
N LYS F 274 21.71 -41.55 17.44
CA LYS F 274 22.64 -41.20 18.51
C LYS F 274 21.94 -40.33 19.55
N GLN F 275 21.21 -39.30 19.10
CA GLN F 275 20.52 -38.42 20.01
C GLN F 275 19.50 -39.18 20.85
N TYR F 276 18.72 -40.05 20.21
CA TYR F 276 17.75 -40.85 20.93
C TYR F 276 18.43 -41.79 21.91
N GLN F 277 19.55 -42.40 21.48
CA GLN F 277 20.30 -43.27 22.37
C GLN F 277 20.79 -42.51 23.59
N ALA F 278 21.23 -41.27 23.39
CA ALA F 278 21.72 -40.45 24.50
C ALA F 278 20.60 -40.15 25.49
N LEU F 279 19.41 -39.81 24.98
CA LEU F 279 18.29 -39.50 25.87
C LEU F 279 17.94 -40.71 26.74
N PHE F 280 17.82 -41.88 26.13
CA PHE F 280 17.52 -43.08 26.91
C PHE F 280 18.72 -43.46 27.77
N ASN F 281 19.94 -43.18 27.30
CA ASN F 281 21.13 -43.46 28.09
C ASN F 281 21.07 -42.72 29.42
N LEU F 282 20.57 -41.48 29.40
CA LEU F 282 20.44 -40.72 30.64
C LEU F 282 19.40 -41.37 31.55
N GLU F 283 18.30 -41.86 30.97
CA GLU F 283 17.29 -42.56 31.74
C GLU F 283 17.84 -43.86 32.32
N GLY F 284 18.81 -44.45 31.64
CA GLY F 284 19.43 -45.71 32.07
C GLY F 284 19.06 -46.92 31.25
N VAL F 285 18.34 -46.75 30.14
CA VAL F 285 17.94 -47.85 29.27
C VAL F 285 18.72 -47.75 27.97
N ASP F 286 19.17 -48.92 27.47
CA ASP F 286 19.92 -48.97 26.23
C ASP F 286 18.96 -48.98 25.04
N LEU F 287 19.42 -48.40 23.93
CA LEU F 287 18.64 -48.29 22.70
C LEU F 287 19.37 -48.97 21.55
N GLU F 288 18.65 -49.83 20.83
CA GLU F 288 19.20 -50.54 19.68
C GLU F 288 18.20 -50.49 18.53
N PHE F 289 18.70 -50.19 17.34
CA PHE F 289 17.91 -50.13 16.12
C PHE F 289 18.45 -51.20 15.17
N ARG F 290 17.56 -52.08 14.70
CA ARG F 290 17.97 -53.15 13.81
C ARG F 290 18.04 -52.63 12.37
N ASP F 291 18.88 -53.30 11.58
CA ASP F 291 19.06 -52.92 10.18
C ASP F 291 17.75 -53.01 9.41
N GLU F 292 16.95 -54.05 9.69
CA GLU F 292 15.69 -54.23 8.99
C GLU F 292 14.76 -53.04 9.22
N ALA F 293 14.73 -52.52 10.43
CA ALA F 293 13.89 -51.37 10.74
C ALA F 293 14.29 -50.14 9.94
N LEU F 294 15.60 -49.89 9.83
CA LEU F 294 16.09 -48.70 9.15
C LEU F 294 15.70 -48.66 7.67
N ASP F 295 15.78 -49.80 6.98
CA ASP F 295 15.43 -49.79 5.55
C ASP F 295 13.97 -49.45 5.33
N ALA F 296 13.09 -49.92 6.22
CA ALA F 296 11.67 -49.61 6.10
C ALA F 296 11.43 -48.12 6.18
N ILE F 297 12.17 -47.43 7.05
CA ILE F 297 12.03 -45.98 7.21
C ILE F 297 12.36 -45.29 5.90
N ALA F 298 13.41 -45.76 5.22
CA ALA F 298 13.83 -45.16 3.95
C ALA F 298 12.70 -45.21 2.93
N LYS F 299 12.01 -46.34 2.84
CA LYS F 299 10.91 -46.45 1.88
C LYS F 299 9.79 -45.46 2.20
N LYS F 300 9.46 -45.32 3.49
CA LYS F 300 8.42 -44.37 3.88
C LYS F 300 8.82 -42.94 3.54
N ALA F 301 10.08 -42.59 3.80
CA ALA F 301 10.56 -41.24 3.51
C ALA F 301 10.48 -40.94 2.00
N MET F 302 10.76 -41.94 1.17
CA MET F 302 10.71 -41.75 -0.28
C MET F 302 9.32 -41.30 -0.72
N ALA F 303 8.27 -41.92 -0.18
CA ALA F 303 6.91 -41.54 -0.55
C ALA F 303 6.62 -40.09 -0.16
N ARG F 304 7.11 -39.66 1.01
CA ARG F 304 6.92 -38.29 1.44
C ARG F 304 7.60 -37.30 0.51
N LYS F 305 8.70 -37.71 -0.13
CA LYS F 305 9.48 -36.86 -1.04
C LYS F 305 10.07 -35.67 -0.30
N THR F 306 10.41 -35.86 0.97
CA THR F 306 11.03 -34.84 1.81
C THR F 306 12.47 -35.16 2.16
N GLY F 307 13.00 -36.28 1.68
CA GLY F 307 14.36 -36.69 1.96
C GLY F 307 14.68 -36.74 3.44
N ALA F 308 15.89 -36.28 3.78
CA ALA F 308 16.33 -36.27 5.17
C ALA F 308 15.58 -35.25 6.02
N ARG F 309 15.17 -34.14 5.41
CA ARG F 309 14.50 -33.07 6.17
C ARG F 309 13.25 -33.57 6.89
N GLY F 310 12.46 -34.42 6.24
CA GLY F 310 11.25 -34.96 6.83
C GLY F 310 11.38 -36.32 7.47
N LEU F 311 12.58 -36.90 7.48
CA LEU F 311 12.77 -38.23 8.07
C LEU F 311 12.54 -38.22 9.58
N ARG F 312 12.88 -37.11 10.25
CA ARG F 312 12.71 -37.04 11.71
C ARG F 312 11.26 -37.25 12.12
N SER F 313 10.32 -36.74 11.33
CA SER F 313 8.90 -36.85 11.67
C SER F 313 8.46 -38.29 11.85
N ILE F 314 8.90 -39.19 10.98
CA ILE F 314 8.49 -40.59 11.06
C ILE F 314 8.94 -41.21 12.38
N VAL F 315 10.19 -40.96 12.77
CA VAL F 315 10.71 -41.54 14.01
C VAL F 315 9.97 -41.00 15.23
N GLU F 316 9.65 -39.71 15.23
CA GLU F 316 8.96 -39.11 16.38
C GLU F 316 7.61 -39.77 16.63
N ALA F 317 6.80 -39.92 15.57
CA ALA F 317 5.49 -40.53 15.72
C ALA F 317 5.60 -42.01 16.06
N ALA F 318 6.55 -42.71 15.43
CA ALA F 318 6.70 -44.15 15.66
C ALA F 318 7.08 -44.45 17.11
N LEU F 319 7.93 -43.61 17.72
CA LEU F 319 8.39 -43.81 19.08
C LEU F 319 7.64 -42.98 20.10
N LEU F 320 6.61 -42.23 19.69
CA LEU F 320 5.85 -41.42 20.64
C LEU F 320 5.17 -42.30 21.68
N ASP F 321 4.51 -43.37 21.22
CA ASP F 321 3.82 -44.27 22.16
C ASP F 321 4.81 -44.93 23.11
N THR F 322 5.96 -45.38 22.60
CA THR F 322 6.96 -46.00 23.46
C THR F 322 7.52 -45.00 24.45
N MET F 323 7.85 -43.80 23.98
CA MET F 323 8.40 -42.76 24.86
C MET F 323 7.41 -42.41 25.97
N TYR F 324 6.12 -42.41 25.66
CA TYR F 324 5.11 -42.08 26.65
C TYR F 324 5.07 -43.11 27.77
N ASP F 325 5.19 -44.39 27.43
CA ASP F 325 5.12 -45.47 28.41
C ASP F 325 6.50 -45.93 28.90
N LEU F 326 7.59 -45.46 28.31
CA LEU F 326 8.90 -45.90 28.75
C LEU F 326 9.22 -45.46 30.18
N PRO F 327 9.00 -44.20 30.59
CA PRO F 327 9.27 -43.86 32.00
C PRO F 327 8.39 -44.61 32.97
N SER F 328 7.11 -44.80 32.62
CA SER F 328 6.20 -45.54 33.49
C SER F 328 6.66 -46.98 33.62
N MET F 329 7.17 -47.56 32.55
CA MET F 329 7.66 -48.94 32.58
C MET F 329 8.85 -49.03 33.54
N GLU F 330 8.95 -50.17 34.22
CA GLU F 330 9.99 -50.42 35.21
C GLU F 330 10.84 -51.62 34.83
N ASP F 331 12.10 -51.59 35.29
CA ASP F 331 13.10 -52.62 35.07
C ASP F 331 13.18 -53.06 33.61
N VAL F 332 13.33 -52.07 32.72
CA VAL F 332 13.49 -52.30 31.28
C VAL F 332 14.96 -51.98 30.99
N GLU F 333 15.78 -53.02 30.85
CA GLU F 333 17.21 -52.80 30.63
C GLU F 333 17.52 -52.29 29.23
N LYS F 334 16.92 -52.90 28.21
CA LYS F 334 17.17 -52.52 26.83
C LYS F 334 15.89 -52.53 26.02
N VAL F 335 15.87 -51.72 24.95
CA VAL F 335 14.74 -51.60 24.05
C VAL F 335 15.13 -52.11 22.68
N VAL F 336 14.34 -53.04 22.14
CA VAL F 336 14.55 -53.60 20.81
C VAL F 336 13.40 -53.10 19.92
N ILE F 337 13.76 -52.49 18.80
CA ILE F 337 12.78 -51.93 17.86
C ILE F 337 12.70 -52.86 16.65
N ASP F 338 11.55 -53.51 16.49
CA ASP F 338 11.31 -54.38 15.35
C ASP F 338 10.92 -53.57 14.12
N GLU F 339 11.09 -54.17 12.95
CA GLU F 339 10.72 -53.47 11.72
C GLU F 339 9.22 -53.26 11.63
N SER F 340 8.43 -54.14 12.27
CA SER F 340 6.98 -54.00 12.27
C SER F 340 6.54 -52.68 12.91
N VAL F 341 7.33 -52.16 13.86
CA VAL F 341 7.00 -50.91 14.53
C VAL F 341 6.90 -49.77 13.53
N ILE F 342 7.83 -49.74 12.56
CA ILE F 342 7.79 -48.68 11.55
C ILE F 342 6.52 -48.80 10.72
N ASP F 343 6.12 -50.04 10.40
CA ASP F 343 4.88 -50.25 9.66
C ASP F 343 3.68 -49.73 10.45
N GLY F 344 3.73 -49.86 11.79
CA GLY F 344 2.67 -49.41 12.65
C GLY F 344 1.72 -50.49 13.13
N GLN F 345 2.00 -51.75 12.83
CA GLN F 345 1.16 -52.87 13.23
C GLN F 345 1.67 -53.60 14.47
N SER F 346 2.72 -53.10 15.11
CA SER F 346 3.26 -53.77 16.29
C SER F 346 3.99 -52.75 17.16
N GLU F 347 4.34 -53.19 18.37
CA GLU F 347 5.05 -52.41 19.38
C GLU F 347 6.46 -52.96 19.57
N PRO F 348 7.45 -52.12 19.89
CA PRO F 348 8.81 -52.63 20.04
C PRO F 348 8.95 -53.50 21.28
N LEU F 349 9.85 -54.48 21.19
CA LEU F 349 10.10 -55.39 22.29
C LEU F 349 10.92 -54.70 23.37
N LEU F 350 10.55 -54.97 24.63
CA LEU F 350 11.23 -54.40 25.79
C LEU F 350 11.98 -55.51 26.51
N ILE F 351 13.29 -55.30 26.71
CA ILE F 351 14.15 -56.25 27.39
C ILE F 351 14.28 -55.83 28.84
N TYR F 352 13.97 -56.75 29.75
CA TYR F 352 14.05 -56.49 31.18
C TYR F 352 15.38 -56.94 31.75
N UNK G 1 3.27 8.47 10.57
CA UNK G 1 2.36 7.85 11.58
C UNK G 1 2.00 6.43 11.17
N UNK G 2 1.00 6.29 10.31
CA UNK G 2 0.54 5.00 9.83
C UNK G 2 1.30 4.65 8.55
N HIS G 3 0.85 3.59 7.87
CA HIS G 3 1.45 3.12 6.63
C HIS G 3 0.37 2.96 5.58
N UNK G 4 0.72 3.33 4.34
CA UNK G 4 -0.19 3.23 3.20
C UNK G 4 0.54 2.54 2.07
N UNK G 5 -0.11 1.54 1.48
CA UNK G 5 0.49 0.78 0.39
C UNK G 5 -0.62 0.09 -0.38
N UNK G 6 -0.77 0.46 -1.66
CA UNK G 6 -1.81 -0.14 -2.50
C UNK G 6 -1.49 0.18 -3.95
N UNK G 7 -2.27 -0.42 -4.85
CA UNK G 7 -2.09 -0.21 -6.28
C UNK G 7 -3.32 -0.68 -7.05
#